data_5JFU
# 
_entry.id   5JFU 
# 
_audit_conform.dict_name       mmcif_pdbx.dic 
_audit_conform.dict_version    5.379 
_audit_conform.dict_location   http://mmcif.pdb.org/dictionaries/ascii/mmcif_pdbx.dic 
# 
loop_
_database_2.database_id 
_database_2.database_code 
_database_2.pdbx_database_accession 
_database_2.pdbx_DOI 
PDB   5JFU         pdb_00005jfu 10.2210/pdb5jfu/pdb 
WWPDB D_1000220516 ?            ?                   
# 
loop_
_pdbx_database_related.db_name 
_pdbx_database_related.details 
_pdbx_database_related.db_id 
_pdbx_database_related.content_type 
PDB 'HIV-1 wild Type protease with Darunavir'                                                                        2IEN 
unspecified 
PDB 
;HIV-1 wild Type protease with GRL-097-13A (a Adamantane P1-Ligand with bis-THF in P2 and isobutylamine in P1')
;
5JFP unspecified 
PDB .                                                                                                                5JG1 
unspecified 
# 
_pdbx_database_status.status_code                     REL 
_pdbx_database_status.status_code_sf                  REL 
_pdbx_database_status.status_code_mr                  ? 
_pdbx_database_status.entry_id                        5JFU 
_pdbx_database_status.recvd_initial_deposition_date   2016-04-19 
_pdbx_database_status.SG_entry                        N 
_pdbx_database_status.deposit_site                    RCSB 
_pdbx_database_status.process_site                    RCSB 
_pdbx_database_status.status_code_cs                  ? 
_pdbx_database_status.methods_development_category    ? 
_pdbx_database_status.pdb_format_compatible           Y 
_pdbx_database_status.status_code_nmr_data            ? 
# 
loop_
_audit_author.name 
_audit_author.pdbx_ordinal 
'Wang, Y.-F.'   1 
'Agniswamy, J.' 2 
'Weber, I.T.'   3 
# 
_citation.abstract                  ? 
_citation.abstract_id_CAS           ? 
_citation.book_id_ISBN              ? 
_citation.book_publisher            ? 
_citation.book_publisher_city       ? 
_citation.book_title                ? 
_citation.coordinate_linkage        ? 
_citation.country                   US 
_citation.database_id_Medline       ? 
_citation.details                   ? 
_citation.id                        primary 
_citation.journal_abbrev            J.Med.Chem. 
_citation.journal_id_ASTM           JMCMAR 
_citation.journal_id_CSD            0151 
_citation.journal_id_ISSN           0022-2623 
_citation.journal_full              ? 
_citation.journal_issue             ? 
_citation.journal_volume            59 
_citation.language                  ? 
_citation.page_first                6826 
_citation.page_last                 6837 
_citation.title                     
;Probing Lipophilic Adamantyl Group as the P1-Ligand for HIV-1 Protease Inhibitors: Design, Synthesis, Protein X-ray Structural Studies, and Biological Evaluation.
;
_citation.year                      2016 
_citation.database_id_CSD           ? 
_citation.pdbx_database_id_DOI      10.1021/acs.jmedchem.6b00639 
_citation.pdbx_database_id_PubMed   27389367 
_citation.unpublished_flag          ? 
# 
loop_
_citation_author.citation_id 
_citation_author.name 
_citation_author.ordinal 
_citation_author.identifier_ORCID 
primary 'Ghosh, A.K.'    1 ? 
primary 'Osswald, H.L.'  2 ? 
primary 'Glauninger, K.' 3 ? 
primary 'Agniswamy, J.'  4 ? 
primary 'Wang, Y.F.'     5 ? 
primary 'Hayashi, H.'    6 ? 
primary 'Aoki, M.'       7 ? 
primary 'Weber, I.T.'    8 ? 
primary 'Mitsuya, H.'    9 ? 
# 
_cell.angle_alpha                  90.00 
_cell.angle_alpha_esd              ? 
_cell.angle_beta                   90.00 
_cell.angle_beta_esd               ? 
_cell.angle_gamma                  90.00 
_cell.angle_gamma_esd              ? 
_cell.entry_id                     5JFU 
_cell.details                      ? 
_cell.formula_units_Z              ? 
_cell.length_a                     58.958 
_cell.length_a_esd                 ? 
_cell.length_b                     86.378 
_cell.length_b_esd                 ? 
_cell.length_c                     45.918 
_cell.length_c_esd                 ? 
_cell.volume                       ? 
_cell.volume_esd                   ? 
_cell.Z_PDB                        8 
_cell.reciprocal_angle_alpha       ? 
_cell.reciprocal_angle_beta        ? 
_cell.reciprocal_angle_gamma       ? 
_cell.reciprocal_angle_alpha_esd   ? 
_cell.reciprocal_angle_beta_esd    ? 
_cell.reciprocal_angle_gamma_esd   ? 
_cell.reciprocal_length_a          ? 
_cell.reciprocal_length_b          ? 
_cell.reciprocal_length_c          ? 
_cell.reciprocal_length_a_esd      ? 
_cell.reciprocal_length_b_esd      ? 
_cell.reciprocal_length_c_esd      ? 
_cell.pdbx_unique_axis             ? 
# 
_symmetry.entry_id                         5JFU 
_symmetry.cell_setting                     ? 
_symmetry.Int_Tables_number                18 
_symmetry.space_group_name_Hall            ? 
_symmetry.space_group_name_H-M             'P 21 21 2' 
_symmetry.pdbx_full_space_group_name_H-M   ? 
# 
loop_
_entity.id 
_entity.type 
_entity.src_method 
_entity.pdbx_description 
_entity.formula_weight 
_entity.pdbx_number_of_molecules 
_entity.pdbx_ec 
_entity.pdbx_mutation 
_entity.pdbx_fragment 
_entity.details 
1 polymer     man Protease 10740.677 2  ? 'Q7K, L33I, L63I, C67A, C95A' ? ? 
2 non-polymer syn 'CHLORIDE ION' 35.453    2  ? ?                             ? ? 
3 non-polymer syn 
;(3R,3aS,6aR)-hexahydrofuro[2,3-b]furan-3-yl {(2S,3R)-4-{benzyl[(4-methoxyphenyl)sulfonyl]amino}-3-hydroxy-1-[(3R,5R,7R)-tricyclo[3.3.1.1~3,7~]decan-1-yl]butan-2-yl}carbamate
;
654.813   1  ? ?                             ? ? 
4 water       nat water 18.015    94 ? ?                             ? ? 
# 
_entity_poly.entity_id                      1 
_entity_poly.type                           'polypeptide(L)' 
_entity_poly.nstd_linkage                   no 
_entity_poly.nstd_monomer                   no 
_entity_poly.pdbx_seq_one_letter_code       
;PQITLWKRPLVTIKIGGQLKEALLDTGADDTVIEEMSLPGRWKPKMIGGIGGFIKVRQYDQIIIEIAGHKAIGTVLVGPT
PVNIIGRNLLTQIGATLNF
;
_entity_poly.pdbx_seq_one_letter_code_can   
;PQITLWKRPLVTIKIGGQLKEALLDTGADDTVIEEMSLPGRWKPKMIGGIGGFIKVRQYDQIIIEIAGHKAIGTVLVGPT
PVNIIGRNLLTQIGATLNF
;
_entity_poly.pdbx_strand_id                 A,B 
_entity_poly.pdbx_target_identifier         ? 
# 
loop_
_entity_poly_seq.entity_id 
_entity_poly_seq.num 
_entity_poly_seq.mon_id 
_entity_poly_seq.hetero 
1 1  PRO n 
1 2  GLN n 
1 3  ILE n 
1 4  THR n 
1 5  LEU n 
1 6  TRP n 
1 7  LYS n 
1 8  ARG n 
1 9  PRO n 
1 10 LEU n 
1 11 VAL n 
1 12 THR n 
1 13 ILE n 
1 14 LYS n 
1 15 ILE n 
1 16 GLY n 
1 17 GLY n 
1 18 GLN n 
1 19 LEU n 
1 20 LYS n 
1 21 GLU n 
1 22 ALA n 
1 23 LEU n 
1 24 LEU n 
1 25 ASP n 
1 26 THR n 
1 27 GLY n 
1 28 ALA n 
1 29 ASP n 
1 30 ASP n 
1 31 THR n 
1 32 VAL n 
1 33 ILE n 
1 34 GLU n 
1 35 GLU n 
1 36 MET n 
1 37 SER n 
1 38 LEU n 
1 39 PRO n 
1 40 GLY n 
1 41 ARG n 
1 42 TRP n 
1 43 LYS n 
1 44 PRO n 
1 45 LYS n 
1 46 MET n 
1 47 ILE n 
1 48 GLY n 
1 49 GLY n 
1 50 ILE n 
1 51 GLY n 
1 52 GLY n 
1 53 PHE n 
1 54 ILE n 
1 55 LYS n 
1 56 VAL n 
1 57 ARG n 
1 58 GLN n 
1 59 TYR n 
1 60 ASP n 
1 61 GLN n 
1 62 ILE n 
1 63 ILE n 
1 64 ILE n 
1 65 GLU n 
1 66 ILE n 
1 67 ALA n 
1 68 GLY n 
1 69 HIS n 
1 70 LYS n 
1 71 ALA n 
1 72 ILE n 
1 73 GLY n 
1 74 THR n 
1 75 VAL n 
1 76 LEU n 
1 77 VAL n 
1 78 GLY n 
1 79 PRO n 
1 80 THR n 
1 81 PRO n 
1 82 VAL n 
1 83 ASN n 
1 84 ILE n 
1 85 ILE n 
1 86 GLY n 
1 87 ARG n 
1 88 ASN n 
1 89 LEU n 
1 90 LEU n 
1 91 THR n 
1 92 GLN n 
1 93 ILE n 
1 94 GLY n 
1 95 ALA n 
1 96 THR n 
1 97 LEU n 
1 98 ASN n 
1 99 PHE n 
# 
_entity_src_gen.entity_id                          1 
_entity_src_gen.pdbx_src_id                        1 
_entity_src_gen.pdbx_alt_source_flag               sample 
_entity_src_gen.pdbx_seq_type                      'Biological sequence' 
_entity_src_gen.pdbx_beg_seq_num                   1 
_entity_src_gen.pdbx_end_seq_num                   99 
_entity_src_gen.gene_src_common_name               ? 
_entity_src_gen.gene_src_genus                     ? 
_entity_src_gen.pdbx_gene_src_gene                 pol 
_entity_src_gen.gene_src_species                   ? 
_entity_src_gen.gene_src_strain                    ? 
_entity_src_gen.gene_src_tissue                    ? 
_entity_src_gen.gene_src_tissue_fraction           ? 
_entity_src_gen.gene_src_details                   ? 
_entity_src_gen.pdbx_gene_src_fragment             ? 
_entity_src_gen.pdbx_gene_src_scientific_name      'Human immunodeficiency virus 1' 
_entity_src_gen.pdbx_gene_src_ncbi_taxonomy_id     11676 
_entity_src_gen.pdbx_gene_src_variant              ? 
_entity_src_gen.pdbx_gene_src_cell_line            ? 
_entity_src_gen.pdbx_gene_src_atcc                 ? 
_entity_src_gen.pdbx_gene_src_organ                ? 
_entity_src_gen.pdbx_gene_src_organelle            ? 
_entity_src_gen.pdbx_gene_src_cell                 ? 
_entity_src_gen.pdbx_gene_src_cellular_location    ? 
_entity_src_gen.host_org_common_name               ? 
_entity_src_gen.pdbx_host_org_scientific_name      'Escherichia coli' 
_entity_src_gen.pdbx_host_org_ncbi_taxonomy_id     469008 
_entity_src_gen.host_org_genus                     ? 
_entity_src_gen.pdbx_host_org_gene                 ? 
_entity_src_gen.pdbx_host_org_organ                ? 
_entity_src_gen.host_org_species                   ? 
_entity_src_gen.pdbx_host_org_tissue               ? 
_entity_src_gen.pdbx_host_org_tissue_fraction      ? 
_entity_src_gen.pdbx_host_org_strain               'BL21(DE3)' 
_entity_src_gen.pdbx_host_org_variant              ? 
_entity_src_gen.pdbx_host_org_cell_line            ? 
_entity_src_gen.pdbx_host_org_atcc                 ? 
_entity_src_gen.pdbx_host_org_culture_collection   ? 
_entity_src_gen.pdbx_host_org_cell                 ? 
_entity_src_gen.pdbx_host_org_organelle            ? 
_entity_src_gen.pdbx_host_org_cellular_location    ? 
_entity_src_gen.pdbx_host_org_vector_type          Plasmid 
_entity_src_gen.pdbx_host_org_vector               ? 
_entity_src_gen.host_org_details                   ? 
_entity_src_gen.expression_system_id               ? 
_entity_src_gen.plasmid_name                       pET11a 
_entity_src_gen.plasmid_details                    ? 
_entity_src_gen.pdbx_description                   ? 
# 
_struct_ref.id                         1 
_struct_ref.db_name                    UNP 
_struct_ref.db_code                    C8B467_9HIV1 
_struct_ref.pdbx_db_accession          C8B467 
_struct_ref.pdbx_db_isoform            ? 
_struct_ref.entity_id                  1 
_struct_ref.pdbx_seq_one_letter_code   
;PQITLWQRPLVTIKIGGQLKEALLDTGADDTVLEEMSLPGRWKPKMIGGIGGFIKVRQYDQILIEICGHKAIGTVLVGPT
PVNIIGRNLLTQIGCTLNF
;
_struct_ref.pdbx_align_begin           1 
# 
loop_
_struct_ref_seq.align_id 
_struct_ref_seq.ref_id 
_struct_ref_seq.pdbx_PDB_id_code 
_struct_ref_seq.pdbx_strand_id 
_struct_ref_seq.seq_align_beg 
_struct_ref_seq.pdbx_seq_align_beg_ins_code 
_struct_ref_seq.seq_align_end 
_struct_ref_seq.pdbx_seq_align_end_ins_code 
_struct_ref_seq.pdbx_db_accession 
_struct_ref_seq.db_align_beg 
_struct_ref_seq.pdbx_db_align_beg_ins_code 
_struct_ref_seq.db_align_end 
_struct_ref_seq.pdbx_db_align_end_ins_code 
_struct_ref_seq.pdbx_auth_seq_align_beg 
_struct_ref_seq.pdbx_auth_seq_align_end 
1 1 5JFU A 1 ? 99 ? C8B467 1 ? 99 ? 1 99 
2 1 5JFU B 1 ? 99 ? C8B467 1 ? 99 ? 1 99 
# 
loop_
_struct_ref_seq_dif.align_id 
_struct_ref_seq_dif.pdbx_pdb_id_code 
_struct_ref_seq_dif.mon_id 
_struct_ref_seq_dif.pdbx_pdb_strand_id 
_struct_ref_seq_dif.seq_num 
_struct_ref_seq_dif.pdbx_pdb_ins_code 
_struct_ref_seq_dif.pdbx_seq_db_name 
_struct_ref_seq_dif.pdbx_seq_db_accession_code 
_struct_ref_seq_dif.db_mon_id 
_struct_ref_seq_dif.pdbx_seq_db_seq_num 
_struct_ref_seq_dif.details 
_struct_ref_seq_dif.pdbx_auth_seq_num 
_struct_ref_seq_dif.pdbx_ordinal 
1 5JFU LYS A 7  ? UNP C8B467 GLN 7  'engineered mutation' 7  1  
1 5JFU ILE A 33 ? UNP C8B467 LEU 33 'engineered mutation' 33 2  
1 5JFU ILE A 63 ? UNP C8B467 LEU 63 'engineered mutation' 63 3  
1 5JFU ALA A 67 ? UNP C8B467 CYS 67 'engineered mutation' 67 4  
1 5JFU ALA A 95 ? UNP C8B467 CYS 95 'engineered mutation' 95 5  
2 5JFU LYS B 7  ? UNP C8B467 GLN 7  'engineered mutation' 7  6  
2 5JFU ILE B 33 ? UNP C8B467 LEU 33 'engineered mutation' 33 7  
2 5JFU ILE B 63 ? UNP C8B467 LEU 63 'engineered mutation' 63 8  
2 5JFU ALA B 67 ? UNP C8B467 CYS 67 'engineered mutation' 67 9  
2 5JFU ALA B 95 ? UNP C8B467 CYS 95 'engineered mutation' 95 10 
# 
loop_
_chem_comp.id 
_chem_comp.type 
_chem_comp.mon_nstd_flag 
_chem_comp.name 
_chem_comp.pdbx_synonyms 
_chem_comp.formula 
_chem_comp.formula_weight 
6KQ non-polymer         . 
;(3R,3aS,6aR)-hexahydrofuro[2,3-b]furan-3-yl {(2S,3R)-4-{benzyl[(4-methoxyphenyl)sulfonyl]amino}-3-hydroxy-1-[(3R,5R,7R)-tricyclo[3.3.1.1~3,7~]decan-1-yl]butan-2-yl}carbamate
;
? 'C35 H46 N2 O8 S' 654.813 
ALA 'L-peptide linking' y ALANINE ? 'C3 H7 N O2'      89.093  
ARG 'L-peptide linking' y ARGININE ? 'C6 H15 N4 O2 1'  175.209 
ASN 'L-peptide linking' y ASPARAGINE ? 'C4 H8 N2 O3'     132.118 
ASP 'L-peptide linking' y 'ASPARTIC ACID' ? 'C4 H7 N O4'      133.103 
CL  non-polymer         . 'CHLORIDE ION' ? 'Cl -1'           35.453  
CYS 'L-peptide linking' y CYSTEINE ? 'C3 H7 N O2 S'    121.158 
GLN 'L-peptide linking' y GLUTAMINE ? 'C5 H10 N2 O3'    146.144 
GLU 'L-peptide linking' y 'GLUTAMIC ACID' ? 'C5 H9 N O4'      147.129 
GLY 'peptide linking'   y GLYCINE ? 'C2 H5 N O2'      75.067  
HIS 'L-peptide linking' y HISTIDINE ? 'C6 H10 N3 O2 1'  156.162 
HOH non-polymer         . WATER ? 'H2 O'            18.015  
ILE 'L-peptide linking' y ISOLEUCINE ? 'C6 H13 N O2'     131.173 
LEU 'L-peptide linking' y LEUCINE ? 'C6 H13 N O2'     131.173 
LYS 'L-peptide linking' y LYSINE ? 'C6 H15 N2 O2 1'  147.195 
MET 'L-peptide linking' y METHIONINE ? 'C5 H11 N O2 S'   149.211 
PHE 'L-peptide linking' y PHENYLALANINE ? 'C9 H11 N O2'     165.189 
PRO 'L-peptide linking' y PROLINE ? 'C5 H9 N O2'      115.130 
SER 'L-peptide linking' y SERINE ? 'C3 H7 N O3'      105.093 
THR 'L-peptide linking' y THREONINE ? 'C4 H9 N O3'      119.119 
TRP 'L-peptide linking' y TRYPTOPHAN ? 'C11 H12 N2 O2'   204.225 
TYR 'L-peptide linking' y TYROSINE ? 'C9 H11 N O3'     181.189 
VAL 'L-peptide linking' y VALINE ? 'C5 H11 N O2'     117.146 
# 
_exptl.absorpt_coefficient_mu     ? 
_exptl.absorpt_correction_T_max   ? 
_exptl.absorpt_correction_T_min   ? 
_exptl.absorpt_correction_type    ? 
_exptl.absorpt_process_details    ? 
_exptl.entry_id                   5JFU 
_exptl.crystals_number            1 
_exptl.details                    ? 
_exptl.method                     'X-RAY DIFFRACTION' 
_exptl.method_details             ? 
# 
_exptl_crystal.colour                      ? 
_exptl_crystal.density_diffrn              ? 
_exptl_crystal.density_Matthews            2.72 
_exptl_crystal.density_method              ? 
_exptl_crystal.density_percent_sol         54.78 
_exptl_crystal.description                 ? 
_exptl_crystal.F_000                       ? 
_exptl_crystal.id                          1 
_exptl_crystal.preparation                 ? 
_exptl_crystal.size_max                    ? 
_exptl_crystal.size_mid                    ? 
_exptl_crystal.size_min                    ? 
_exptl_crystal.size_rad                    ? 
_exptl_crystal.colour_lustre               ? 
_exptl_crystal.colour_modifier             ? 
_exptl_crystal.colour_primary              ? 
_exptl_crystal.density_meas                ? 
_exptl_crystal.density_meas_esd            ? 
_exptl_crystal.density_meas_gt             ? 
_exptl_crystal.density_meas_lt             ? 
_exptl_crystal.density_meas_temp           ? 
_exptl_crystal.density_meas_temp_esd       ? 
_exptl_crystal.density_meas_temp_gt        ? 
_exptl_crystal.density_meas_temp_lt        ? 
_exptl_crystal.pdbx_crystal_image_url      ? 
_exptl_crystal.pdbx_crystal_image_format   ? 
_exptl_crystal.pdbx_mosaicity              ? 
_exptl_crystal.pdbx_mosaicity_esd          ? 
# 
_exptl_crystal_grow.apparatus       ? 
_exptl_crystal_grow.atmosphere      ? 
_exptl_crystal_grow.crystal_id      1 
_exptl_crystal_grow.details         ? 
_exptl_crystal_grow.method          'VAPOR DIFFUSION, HANGING DROP' 
_exptl_crystal_grow.method_ref      ? 
_exptl_crystal_grow.pH              5.5 
_exptl_crystal_grow.pressure        ? 
_exptl_crystal_grow.pressure_esd    ? 
_exptl_crystal_grow.seeding         ? 
_exptl_crystal_grow.seeding_ref     ? 
_exptl_crystal_grow.temp            298 
_exptl_crystal_grow.temp_details    ? 
_exptl_crystal_grow.temp_esd        ? 
_exptl_crystal_grow.time            ? 
_exptl_crystal_grow.pdbx_details    '1.15 M LiCl, 0.1 M Acetate, pH 5.5' 
_exptl_crystal_grow.pdbx_pH_range   ? 
# 
_diffrn.ambient_environment    ? 
_diffrn.ambient_temp           100 
_diffrn.ambient_temp_details   ? 
_diffrn.ambient_temp_esd       ? 
_diffrn.crystal_id             1 
_diffrn.crystal_support        ? 
_diffrn.crystal_treatment      ? 
_diffrn.details                ? 
_diffrn.id                     1 
_diffrn.ambient_pressure       ? 
_diffrn.ambient_pressure_esd   ? 
_diffrn.ambient_pressure_gt    ? 
_diffrn.ambient_pressure_lt    ? 
_diffrn.ambient_temp_gt        ? 
_diffrn.ambient_temp_lt        ? 
# 
_diffrn_detector.details                      ? 
_diffrn_detector.detector                     CCD 
_diffrn_detector.diffrn_id                    1 
_diffrn_detector.type                         'MARMOSAIC 225 mm CCD' 
_diffrn_detector.area_resol_mean              ? 
_diffrn_detector.dtime                        ? 
_diffrn_detector.pdbx_frames_total            ? 
_diffrn_detector.pdbx_collection_time_total   ? 
_diffrn_detector.pdbx_collection_date         2015-04-18 
# 
_diffrn_radiation.collimation                      ? 
_diffrn_radiation.diffrn_id                        1 
_diffrn_radiation.filter_edge                      ? 
_diffrn_radiation.inhomogeneity                    ? 
_diffrn_radiation.monochromator                    ? 
_diffrn_radiation.polarisn_norm                    ? 
_diffrn_radiation.polarisn_ratio                   ? 
_diffrn_radiation.probe                            ? 
_diffrn_radiation.type                             ? 
_diffrn_radiation.xray_symbol                      ? 
_diffrn_radiation.wavelength_id                    1 
_diffrn_radiation.pdbx_monochromatic_or_laue_m_l   M 
_diffrn_radiation.pdbx_wavelength_list             ? 
_diffrn_radiation.pdbx_wavelength                  ? 
_diffrn_radiation.pdbx_diffrn_protocol             'SINGLE WAVELENGTH' 
_diffrn_radiation.pdbx_analyzer                    ? 
_diffrn_radiation.pdbx_scattering_type             x-ray 
# 
_diffrn_radiation_wavelength.id           1 
_diffrn_radiation_wavelength.wavelength   1 
_diffrn_radiation_wavelength.wt           1.0 
# 
_diffrn_source.current                     ? 
_diffrn_source.details                     ? 
_diffrn_source.diffrn_id                   1 
_diffrn_source.power                       ? 
_diffrn_source.size                        ? 
_diffrn_source.source                      SYNCHROTRON 
_diffrn_source.target                      ? 
_diffrn_source.type                        'APS BEAMLINE 22-BM' 
_diffrn_source.voltage                     ? 
_diffrn_source.take-off_angle              ? 
_diffrn_source.pdbx_wavelength_list        1 
_diffrn_source.pdbx_wavelength             ? 
_diffrn_source.pdbx_synchrotron_beamline   22-BM 
_diffrn_source.pdbx_synchrotron_site       APS 
# 
_reflns.B_iso_Wilson_estimate            19.2 
_reflns.entry_id                         5JFU 
_reflns.data_reduction_details           ? 
_reflns.data_reduction_method            ? 
_reflns.d_resolution_high                1.70 
_reflns.d_resolution_low                 50 
_reflns.details                          ? 
_reflns.limit_h_max                      ? 
_reflns.limit_h_min                      ? 
_reflns.limit_k_max                      ? 
_reflns.limit_k_min                      ? 
_reflns.limit_l_max                      ? 
_reflns.limit_l_min                      ? 
_reflns.number_all                       ? 
_reflns.number_obs                       26464 
_reflns.observed_criterion               ? 
_reflns.observed_criterion_F_max         ? 
_reflns.observed_criterion_F_min         ? 
_reflns.observed_criterion_I_max         ? 
_reflns.observed_criterion_I_min         ? 
_reflns.observed_criterion_sigma_F       ? 
_reflns.observed_criterion_sigma_I       ? 
_reflns.percent_possible_obs             99.9 
_reflns.R_free_details                   ? 
_reflns.Rmerge_F_all                     ? 
_reflns.Rmerge_F_obs                     ? 
_reflns.Friedel_coverage                 ? 
_reflns.number_gt                        ? 
_reflns.threshold_expression             ? 
_reflns.pdbx_redundancy                  5.9 
_reflns.pdbx_Rmerge_I_obs                0.076 
_reflns.pdbx_Rmerge_I_all                ? 
_reflns.pdbx_Rsym_value                  ? 
_reflns.pdbx_netI_over_av_sigmaI         ? 
_reflns.pdbx_netI_over_sigmaI            19.0 
_reflns.pdbx_res_netI_over_av_sigmaI_2   ? 
_reflns.pdbx_res_netI_over_sigmaI_2      ? 
_reflns.pdbx_chi_squared                 ? 
_reflns.pdbx_scaling_rejects             ? 
_reflns.pdbx_d_res_high_opt              ? 
_reflns.pdbx_d_res_low_opt               ? 
_reflns.pdbx_d_res_opt_method            ? 
_reflns.phase_calculation_details        ? 
_reflns.pdbx_Rrim_I_all                  ? 
_reflns.pdbx_Rpim_I_all                  ? 
_reflns.pdbx_d_opt                       ? 
_reflns.pdbx_number_measured_all         ? 
_reflns.pdbx_diffrn_id                   1 
_reflns.pdbx_ordinal                     1 
_reflns.pdbx_CC_half                     ? 
_reflns.pdbx_R_split                     ? 
# 
_reflns_shell.d_res_high                  1.70 
_reflns_shell.d_res_low                   1.76 
_reflns_shell.meanI_over_sigI_all         ? 
_reflns_shell.meanI_over_sigI_obs         2.96 
_reflns_shell.number_measured_all         ? 
_reflns_shell.number_measured_obs         ? 
_reflns_shell.number_possible             ? 
_reflns_shell.number_unique_all           ? 
_reflns_shell.number_unique_obs           ? 
_reflns_shell.percent_possible_all        99.7 
_reflns_shell.percent_possible_obs        ? 
_reflns_shell.Rmerge_F_all                ? 
_reflns_shell.Rmerge_F_obs                ? 
_reflns_shell.Rmerge_I_all                ? 
_reflns_shell.Rmerge_I_obs                0.487 
_reflns_shell.meanI_over_sigI_gt          ? 
_reflns_shell.meanI_over_uI_all           ? 
_reflns_shell.meanI_over_uI_gt            ? 
_reflns_shell.number_measured_gt          ? 
_reflns_shell.number_unique_gt            ? 
_reflns_shell.percent_possible_gt         ? 
_reflns_shell.Rmerge_F_gt                 ? 
_reflns_shell.Rmerge_I_gt                 ? 
_reflns_shell.pdbx_redundancy             4.8 
_reflns_shell.pdbx_Rsym_value             ? 
_reflns_shell.pdbx_chi_squared            ? 
_reflns_shell.pdbx_netI_over_sigmaI_all   ? 
_reflns_shell.pdbx_netI_over_sigmaI_obs   ? 
_reflns_shell.pdbx_Rrim_I_all             ? 
_reflns_shell.pdbx_Rpim_I_all             ? 
_reflns_shell.pdbx_rejects                ? 
_reflns_shell.pdbx_ordinal                1 
_reflns_shell.pdbx_diffrn_id              1 
_reflns_shell.pdbx_CC_half                ? 
_reflns_shell.pdbx_R_split                ? 
# 
_refine.aniso_B[1][1]                            ? 
_refine.aniso_B[1][2]                            ? 
_refine.aniso_B[1][3]                            ? 
_refine.aniso_B[2][2]                            ? 
_refine.aniso_B[2][3]                            ? 
_refine.aniso_B[3][3]                            ? 
_refine.B_iso_max                                ? 
_refine.B_iso_mean                               ? 
_refine.B_iso_min                                ? 
_refine.correlation_coeff_Fo_to_Fc               ? 
_refine.correlation_coeff_Fo_to_Fc_free          ? 
_refine.details                                  ? 
_refine.diff_density_max                         ? 
_refine.diff_density_max_esd                     ? 
_refine.diff_density_min                         ? 
_refine.diff_density_min_esd                     ? 
_refine.diff_density_rms                         ? 
_refine.diff_density_rms_esd                     ? 
_refine.entry_id                                 5JFU 
_refine.pdbx_refine_id                           'X-RAY DIFFRACTION' 
_refine.ls_abs_structure_details                 ? 
_refine.ls_abs_structure_Flack                   ? 
_refine.ls_abs_structure_Flack_esd               ? 
_refine.ls_abs_structure_Rogers                  ? 
_refine.ls_abs_structure_Rogers_esd              ? 
_refine.ls_d_res_high                            1.70 
_refine.ls_d_res_low                             50.00 
_refine.ls_extinction_coef                       ? 
_refine.ls_extinction_coef_esd                   ? 
_refine.ls_extinction_expression                 ? 
_refine.ls_extinction_method                     ? 
_refine.ls_goodness_of_fit_all                   ? 
_refine.ls_goodness_of_fit_all_esd               ? 
_refine.ls_goodness_of_fit_obs                   ? 
_refine.ls_goodness_of_fit_obs_esd               ? 
_refine.ls_hydrogen_treatment                    ? 
_refine.ls_matrix_type                           ? 
_refine.ls_number_constraints                    ? 
_refine.ls_number_parameters                     ? 
_refine.ls_number_reflns_all                     ? 
_refine.ls_number_reflns_obs                     26427 
_refine.ls_number_reflns_R_free                  1316 
_refine.ls_number_reflns_R_work                  ? 
_refine.ls_number_restraints                     ? 
_refine.ls_percent_reflns_obs                    99.9 
_refine.ls_percent_reflns_R_free                 5.0 
_refine.ls_R_factor_all                          0.2278 
_refine.ls_R_factor_obs                          0.2278 
_refine.ls_R_factor_R_free                       0.2782 
_refine.ls_R_factor_R_free_error                 ? 
_refine.ls_R_factor_R_free_error_details         ? 
_refine.ls_R_factor_R_work                       0.2248 
_refine.ls_R_Fsqd_factor_obs                     ? 
_refine.ls_R_I_factor_obs                        ? 
_refine.ls_redundancy_reflns_all                 ? 
_refine.ls_redundancy_reflns_obs                 ? 
_refine.ls_restrained_S_all                      ? 
_refine.ls_restrained_S_obs                      ? 
_refine.ls_shift_over_esd_max                    ? 
_refine.ls_shift_over_esd_mean                   ? 
_refine.ls_structure_factor_coef                 ? 
_refine.ls_weighting_details                     ? 
_refine.ls_weighting_scheme                      ? 
_refine.ls_wR_factor_all                         ? 
_refine.ls_wR_factor_obs                         ? 
_refine.ls_wR_factor_R_free                      ? 
_refine.ls_wR_factor_R_work                      ? 
_refine.occupancy_max                            ? 
_refine.occupancy_min                            ? 
_refine.solvent_model_details                    ? 
_refine.solvent_model_param_bsol                 ? 
_refine.solvent_model_param_ksol                 ? 
_refine.ls_R_factor_gt                           ? 
_refine.ls_goodness_of_fit_gt                    ? 
_refine.ls_goodness_of_fit_ref                   ? 
_refine.ls_shift_over_su_max                     ? 
_refine.ls_shift_over_su_max_lt                  ? 
_refine.ls_shift_over_su_mean                    ? 
_refine.ls_shift_over_su_mean_lt                 ? 
_refine.pdbx_ls_sigma_I                          ? 
_refine.pdbx_ls_sigma_F                          0.0 
_refine.pdbx_ls_sigma_Fsqd                       ? 
_refine.pdbx_data_cutoff_high_absF               ? 
_refine.pdbx_data_cutoff_high_rms_absF           ? 
_refine.pdbx_data_cutoff_low_absF                ? 
_refine.pdbx_isotropic_thermal_model             ? 
_refine.pdbx_ls_cross_valid_method               'FREE R-VALUE' 
_refine.pdbx_method_to_determine_struct          'MOLECULAR REPLACEMENT' 
_refine.pdbx_starting_model                      3NU3 
_refine.pdbx_stereochemistry_target_values       ? 
_refine.pdbx_R_Free_selection_details            RANDOM 
_refine.pdbx_stereochem_target_val_spec_case     ? 
_refine.pdbx_overall_ESU_R                       ? 
_refine.pdbx_overall_ESU_R_Free                  ? 
_refine.pdbx_solvent_vdw_probe_radii             ? 
_refine.pdbx_solvent_ion_probe_radii             ? 
_refine.pdbx_solvent_shrinkage_radii             ? 
_refine.pdbx_real_space_R                        ? 
_refine.pdbx_density_correlation                 ? 
_refine.pdbx_pd_number_of_powder_patterns        ? 
_refine.pdbx_pd_number_of_points                 ? 
_refine.pdbx_pd_meas_number_of_points            ? 
_refine.pdbx_pd_proc_ls_prof_R_factor            ? 
_refine.pdbx_pd_proc_ls_prof_wR_factor           ? 
_refine.pdbx_pd_Marquardt_correlation_coeff      ? 
_refine.pdbx_pd_Fsqrd_R_factor                   ? 
_refine.pdbx_pd_ls_matrix_band_width             ? 
_refine.pdbx_overall_phase_error                 ? 
_refine.pdbx_overall_SU_R_free_Cruickshank_DPI   ? 
_refine.pdbx_overall_SU_R_free_Blow_DPI          ? 
_refine.pdbx_overall_SU_R_Blow_DPI               ? 
_refine.pdbx_TLS_residual_ADP_flag               ? 
_refine.pdbx_diffrn_id                           1 
_refine.overall_SU_B                             ? 
_refine.overall_SU_ML                            ? 
_refine.overall_SU_R_Cruickshank_DPI             ? 
_refine.overall_SU_R_free                        ? 
_refine.overall_FOM_free_R_set                   ? 
_refine.overall_FOM_work_R_set                   ? 
_refine.pdbx_average_fsc_overall                 ? 
_refine.pdbx_average_fsc_work                    ? 
_refine.pdbx_average_fsc_free                    ? 
# 
_refine_analyze.entry_id                        5JFU 
_refine_analyze.pdbx_refine_id                  'X-RAY DIFFRACTION' 
_refine_analyze.Luzzati_coordinate_error_free   ? 
_refine_analyze.Luzzati_coordinate_error_obs    ? 
_refine_analyze.Luzzati_d_res_low_free          ? 
_refine_analyze.Luzzati_d_res_low_obs           ? 
_refine_analyze.Luzzati_sigma_a_free            ? 
_refine_analyze.Luzzati_sigma_a_free_details    ? 
_refine_analyze.Luzzati_sigma_a_obs             ? 
_refine_analyze.Luzzati_sigma_a_obs_details     ? 
_refine_analyze.number_disordered_residues      3 
_refine_analyze.occupancy_sum_hydrogen          0. 
_refine_analyze.occupancy_sum_non_hydrogen      1649.0 
_refine_analyze.RG_d_res_high                   ? 
_refine_analyze.RG_d_res_low                    ? 
_refine_analyze.RG_free                         ? 
_refine_analyze.RG_work                         ? 
_refine_analyze.RG_free_work_ratio              ? 
_refine_analyze.pdbx_Luzzati_d_res_high_obs     ? 
# 
_refine_hist.pdbx_refine_id                   'X-RAY DIFFRACTION' 
_refine_hist.cycle_id                         LAST 
_refine_hist.pdbx_number_atoms_protein        1512 
_refine_hist.pdbx_number_atoms_nucleic_acid   0 
_refine_hist.pdbx_number_atoms_ligand         46 
_refine_hist.number_atoms_solvent             96 
_refine_hist.number_atoms_total               1654 
_refine_hist.d_res_high                       1.70 
_refine_hist.d_res_low                        50.00 
# 
loop_
_refine_ls_restr.pdbx_refine_id 
_refine_ls_restr.criterion 
_refine_ls_restr.dev_ideal 
_refine_ls_restr.dev_ideal_target 
_refine_ls_restr.number 
_refine_ls_restr.rejects 
_refine_ls_restr.type 
_refine_ls_restr.weight 
_refine_ls_restr.pdbx_restraint_function 
'X-RAY DIFFRACTION' ? 0.0064 ? ? ? s_bond_d               ? ? 
'X-RAY DIFFRACTION' ? 0.0225 ? ? ? s_angle_d              ? ? 
'X-RAY DIFFRACTION' ? 0.0000 ? ? ? s_similar_dist         ? ? 
'X-RAY DIFFRACTION' ? 0.3480 ? ? ? s_from_restr_planes    ? ? 
'X-RAY DIFFRACTION' ? 0.0327 ? ? ? s_zero_chiral_vol      ? ? 
'X-RAY DIFFRACTION' ? 0.0469 ? ? ? s_non_zero_chiral_vol  ? ? 
'X-RAY DIFFRACTION' ? 0.0097 ? ? ? s_anti_bump_dis_restr  ? ? 
'X-RAY DIFFRACTION' ? 0.0000 ? ? ? s_rigid_bond_adp_cmpnt ? ? 
'X-RAY DIFFRACTION' ? 0.0646 ? ? ? s_similar_adp_cmpnt    ? ? 
'X-RAY DIFFRACTION' ? 0.0000 ? ? ? s_approx_iso_adps      ? ? 
# 
_pdbx_refine.pdbx_refine_id                              'X-RAY DIFFRACTION' 
_pdbx_refine.entry_id                                    5JFU 
_pdbx_refine.R_factor_all_no_cutoff                      0.2278 
_pdbx_refine.R_factor_obs_no_cutoff                      0.2248 
_pdbx_refine.free_R_factor_no_cutoff                     0.2782 
_pdbx_refine.free_R_error_no_cutoff                      ? 
_pdbx_refine.free_R_val_test_set_size_perc_no_cutoff     5.0 
_pdbx_refine.free_R_val_test_set_ct_no_cutoff            1316 
_pdbx_refine.R_factor_all_4sig_cutoff                    0.2104 
_pdbx_refine.R_factor_obs_4sig_cutoff                    0.2075 
_pdbx_refine.free_R_factor_4sig_cutoff                   0.2593 
_pdbx_refine.free_R_val_test_set_size_perc_4sig_cutoff   5.0 
_pdbx_refine.free_R_val_test_set_ct_4sig_cutoff          1127 
_pdbx_refine.number_reflns_obs_4sig_cutoff               22395 
# 
_struct.entry_id                     5JFU 
_struct.title                        
;HIV-1 wild Type protease with GRL-007-14A (a Adamantane P1-Ligand with bis-THF in P2 and benzylamine in P1')
;
_struct.pdbx_model_details           ? 
_struct.pdbx_formula_weight          ? 
_struct.pdbx_formula_weight_method   ? 
_struct.pdbx_model_type_details      ? 
_struct.pdbx_CASP_flag               N 
# 
_struct_keywords.entry_id        5JFU 
_struct_keywords.text            
'Adamantane, HIV-1 protease inhibitor GRL-007-14A, darunavir, multidrug-resistant, hydrolase-hydrolase inhibitor complex' 
_struct_keywords.pdbx_keywords   'hydrolase/hydrolase inhibitor' 
# 
loop_
_struct_asym.id 
_struct_asym.pdbx_blank_PDB_chainid_flag 
_struct_asym.pdbx_modified 
_struct_asym.entity_id 
_struct_asym.details 
A N N 1 ? 
B N N 1 ? 
C N N 2 ? 
D N N 3 ? 
E N N 2 ? 
F N N 4 ? 
G N N 4 ? 
# 
loop_
_struct_conf.conf_type_id 
_struct_conf.id 
_struct_conf.pdbx_PDB_helix_id 
_struct_conf.beg_label_comp_id 
_struct_conf.beg_label_asym_id 
_struct_conf.beg_label_seq_id 
_struct_conf.pdbx_beg_PDB_ins_code 
_struct_conf.end_label_comp_id 
_struct_conf.end_label_asym_id 
_struct_conf.end_label_seq_id 
_struct_conf.pdbx_end_PDB_ins_code 
_struct_conf.beg_auth_comp_id 
_struct_conf.beg_auth_asym_id 
_struct_conf.beg_auth_seq_id 
_struct_conf.end_auth_comp_id 
_struct_conf.end_auth_asym_id 
_struct_conf.end_auth_seq_id 
_struct_conf.pdbx_PDB_helix_class 
_struct_conf.details 
_struct_conf.pdbx_PDB_helix_length 
HELX_P HELX_P1 AA1 GLY A 86 ? THR A 91 ? GLY A 86 THR A 91 1 ? 6 
HELX_P HELX_P2 AA2 GLN A 92 ? GLY A 94 ? GLN A 92 GLY A 94 5 ? 3 
HELX_P HELX_P3 AA3 GLY B 86 ? THR B 91 ? GLY B 86 THR B 91 1 ? 6 
# 
_struct_conf_type.id          HELX_P 
_struct_conf_type.criteria    ? 
_struct_conf_type.reference   ? 
# 
loop_
_struct_sheet.id 
_struct_sheet.type 
_struct_sheet.number_strands 
_struct_sheet.details 
AA1 ? 4 ? 
AA2 ? 8 ? 
AA3 ? 8 ? 
# 
loop_
_struct_sheet_order.sheet_id 
_struct_sheet_order.range_id_1 
_struct_sheet_order.range_id_2 
_struct_sheet_order.offset 
_struct_sheet_order.sense 
AA1 1 2 ? anti-parallel 
AA1 2 3 ? anti-parallel 
AA1 3 4 ? anti-parallel 
AA2 1 2 ? anti-parallel 
AA2 2 3 ? anti-parallel 
AA2 3 4 ? parallel      
AA2 4 5 ? anti-parallel 
AA2 5 6 ? parallel      
AA2 6 7 ? anti-parallel 
AA2 7 8 ? anti-parallel 
AA3 1 2 ? anti-parallel 
AA3 2 3 ? anti-parallel 
AA3 3 4 ? parallel      
AA3 4 5 ? anti-parallel 
AA3 5 6 ? parallel      
AA3 6 7 ? anti-parallel 
AA3 7 8 ? anti-parallel 
# 
loop_
_struct_sheet_range.sheet_id 
_struct_sheet_range.id 
_struct_sheet_range.beg_label_comp_id 
_struct_sheet_range.beg_label_asym_id 
_struct_sheet_range.beg_label_seq_id 
_struct_sheet_range.pdbx_beg_PDB_ins_code 
_struct_sheet_range.end_label_comp_id 
_struct_sheet_range.end_label_asym_id 
_struct_sheet_range.end_label_seq_id 
_struct_sheet_range.pdbx_end_PDB_ins_code 
_struct_sheet_range.beg_auth_comp_id 
_struct_sheet_range.beg_auth_asym_id 
_struct_sheet_range.beg_auth_seq_id 
_struct_sheet_range.end_auth_comp_id 
_struct_sheet_range.end_auth_asym_id 
_struct_sheet_range.end_auth_seq_id 
AA1 1 GLN A 2  ? ILE A 3  ? GLN A 2  ILE A 3  
AA1 2 THR B 96 ? ASN B 98 ? THR B 96 ASN B 98 
AA1 3 THR A 96 ? ASN A 98 ? THR A 96 ASN A 98 
AA1 4 GLN B 2  ? ILE B 3  ? GLN B 2  ILE B 3  
AA2 1 TRP A 42 ? GLY A 49 ? TRP A 42 GLY A 49 
AA2 2 GLY A 52 ? ILE A 66 ? GLY A 52 ILE A 66 
AA2 3 HIS A 69 ? VAL A 77 ? HIS A 69 VAL A 77 
AA2 4 THR A 31 ? ILE A 33 ? THR A 31 ILE A 33 
AA2 5 ASN A 83 ? ILE A 85 ? ASN A 83 ILE A 85 
AA2 6 GLN A 18 ? LEU A 24 ? GLN A 18 LEU A 24 
AA2 7 LEU A 10 ? ILE A 15 ? LEU A 10 ILE A 15 
AA2 8 GLY A 52 ? ILE A 66 ? GLY A 52 ILE A 66 
AA3 1 LYS B 43 ? GLY B 49 ? LYS B 43 GLY B 49 
AA3 2 GLY B 52 ? ILE B 66 ? GLY B 52 ILE B 66 
AA3 3 HIS B 69 ? VAL B 77 ? HIS B 69 VAL B 77 
AA3 4 VAL B 32 ? ILE B 33 ? VAL B 32 ILE B 33 
AA3 5 ILE B 84 ? ILE B 85 ? ILE B 84 ILE B 85 
AA3 6 GLN B 18 ? LEU B 24 ? GLN B 18 LEU B 24 
AA3 7 LEU B 10 ? ILE B 15 ? LEU B 10 ILE B 15 
AA3 8 GLY B 52 ? ILE B 66 ? GLY B 52 ILE B 66 
# 
loop_
_pdbx_struct_sheet_hbond.sheet_id 
_pdbx_struct_sheet_hbond.range_id_1 
_pdbx_struct_sheet_hbond.range_id_2 
_pdbx_struct_sheet_hbond.range_1_label_atom_id 
_pdbx_struct_sheet_hbond.range_1_label_comp_id 
_pdbx_struct_sheet_hbond.range_1_label_asym_id 
_pdbx_struct_sheet_hbond.range_1_label_seq_id 
_pdbx_struct_sheet_hbond.range_1_PDB_ins_code 
_pdbx_struct_sheet_hbond.range_1_auth_atom_id 
_pdbx_struct_sheet_hbond.range_1_auth_comp_id 
_pdbx_struct_sheet_hbond.range_1_auth_asym_id 
_pdbx_struct_sheet_hbond.range_1_auth_seq_id 
_pdbx_struct_sheet_hbond.range_2_label_atom_id 
_pdbx_struct_sheet_hbond.range_2_label_comp_id 
_pdbx_struct_sheet_hbond.range_2_label_asym_id 
_pdbx_struct_sheet_hbond.range_2_label_seq_id 
_pdbx_struct_sheet_hbond.range_2_PDB_ins_code 
_pdbx_struct_sheet_hbond.range_2_auth_atom_id 
_pdbx_struct_sheet_hbond.range_2_auth_comp_id 
_pdbx_struct_sheet_hbond.range_2_auth_asym_id 
_pdbx_struct_sheet_hbond.range_2_auth_seq_id 
AA1 1 2 N ILE A 3  ? N ILE A 3  O LEU B 97 ? O LEU B 97 
AA1 2 3 O THR B 96 ? O THR B 96 N ASN A 98 ? N ASN A 98 
AA1 3 4 N LEU A 97 ? N LEU A 97 O ILE B 3  ? O ILE B 3  
AA2 1 2 N LYS A 43 ? N LYS A 43 O GLN A 58 ? O GLN A 58 
AA2 2 3 N ILE A 66 ? N ILE A 66 O HIS A 69 ? O HIS A 69 
AA2 3 4 O LEU A 76 ? O LEU A 76 N ILE A 33 ? N ILE A 33 
AA2 4 5 N VAL A 32 ? N VAL A 32 O ILE A 84 ? O ILE A 84 
AA2 5 6 O ILE A 85 ? O ILE A 85 N LEU A 23 ? N LEU A 23 
AA2 6 7 O LYS A 20 ? O LYS A 20 N ILE A 13 ? N ILE A 13 
AA2 7 8 N LYS A 14 ? N LYS A 14 O GLU A 65 ? O GLU A 65 
AA3 1 2 N GLY B 49 ? N GLY B 49 O GLY B 52 ? O GLY B 52 
AA3 2 3 N ILE B 66 ? N ILE B 66 O HIS B 69 ? O HIS B 69 
AA3 3 4 O LEU B 76 ? O LEU B 76 N ILE B 33 ? N ILE B 33 
AA3 4 5 N VAL B 32 ? N VAL B 32 O ILE B 84 ? O ILE B 84 
AA3 5 6 O ILE B 85 ? O ILE B 85 N LEU B 23 ? N LEU B 23 
AA3 6 7 O LYS B 20 ? O LYS B 20 N ILE B 13 ? N ILE B 13 
AA3 7 8 N LYS B 14 ? N LYS B 14 O GLU B 65 ? O GLU B 65 
# 
loop_
_struct_site.id 
_struct_site.pdbx_evidence_code 
_struct_site.pdbx_auth_asym_id 
_struct_site.pdbx_auth_comp_id 
_struct_site.pdbx_auth_seq_id 
_struct_site.pdbx_auth_ins_code 
_struct_site.pdbx_num_residues 
_struct_site.details 
AC1 Software A CL  101 ? 3  'binding site for residue CL A 101'  
AC2 Software B 6KQ 201 ? 18 'binding site for residue 6KQ B 201' 
AC3 Software B CL  202 ? 1  'binding site for residue CL B 202'  
# 
loop_
_struct_site_gen.id 
_struct_site_gen.site_id 
_struct_site_gen.pdbx_num_res 
_struct_site_gen.label_comp_id 
_struct_site_gen.label_asym_id 
_struct_site_gen.label_seq_id 
_struct_site_gen.pdbx_auth_ins_code 
_struct_site_gen.auth_comp_id 
_struct_site_gen.auth_asym_id 
_struct_site_gen.auth_seq_id 
_struct_site_gen.label_atom_id 
_struct_site_gen.label_alt_id 
_struct_site_gen.symmetry 
_struct_site_gen.details 
1  AC1 3  THR A 74 ? THR A 74  . ? 1_555 ? 
2  AC1 3  ASN A 88 ? ASN A 88  . ? 1_555 ? 
3  AC1 3  ARG B 41 ? ARG B 41  . ? 3_556 ? 
4  AC2 18 ASP A 25 ? ASP A 25  . ? 1_555 ? 
5  AC2 18 GLY A 27 ? GLY A 27  . ? 1_555 ? 
6  AC2 18 ALA A 28 ? ALA A 28  . ? 1_555 ? 
7  AC2 18 ASP A 30 ? ASP A 30  . ? 1_555 ? 
8  AC2 18 GLY A 48 ? GLY A 48  . ? 1_555 ? 
9  AC2 18 GLY A 49 ? GLY A 49  . ? 1_555 ? 
10 AC2 18 THR A 80 ? THR A 80  . ? 1_555 ? 
11 AC2 18 VAL A 82 ? VAL A 82  . ? 1_555 ? 
12 AC2 18 ILE A 84 ? ILE A 84  . ? 1_555 ? 
13 AC2 18 ASP B 25 ? ASP B 25  . ? 1_555 ? 
14 AC2 18 GLY B 27 ? GLY B 27  . ? 1_555 ? 
15 AC2 18 ALA B 28 ? ALA B 28  . ? 1_555 ? 
16 AC2 18 ASP B 29 ? ASP B 29  . ? 1_555 ? 
17 AC2 18 ASP B 30 ? ASP B 30  . ? 1_555 ? 
18 AC2 18 GLY B 48 ? GLY B 48  . ? 1_555 ? 
19 AC2 18 GLY B 49 ? GLY B 49  . ? 1_555 ? 
20 AC2 18 ILE B 50 ? ILE B 50  . ? 1_555 ? 
21 AC2 18 HOH G .  ? HOH B 316 . ? 1_555 ? 
22 AC3 1  TRP B 6  ? TRP B 6   . ? 1_555 ? 
# 
_atom_sites.entry_id                    5JFU 
_atom_sites.fract_transf_matrix[1][1]   0.00703493 
_atom_sites.fract_transf_matrix[1][2]   0.00466534 
_atom_sites.fract_transf_matrix[1][3]   0.01471122 
_atom_sites.fract_transf_matrix[2][1]   -0.01035352 
_atom_sites.fract_transf_matrix[2][2]   -0.00060855 
_atom_sites.fract_transf_matrix[2][3]   0.00514406 
_atom_sites.fract_transf_matrix[3][1]   0.00365463 
_atom_sites.fract_transf_matrix[3][2]   -0.02090662 
_atom_sites.fract_transf_matrix[3][3]   0.00488243 
_atom_sites.fract_transf_vector[1]      0.235646 
_atom_sites.fract_transf_vector[2]      0.306555 
_atom_sites.fract_transf_vector[3]      0.419600 
# 
loop_
_atom_type.symbol 
C  
CL 
N  
O  
S  
# 
loop_
_atom_site.group_PDB 
_atom_site.id 
_atom_site.type_symbol 
_atom_site.label_atom_id 
_atom_site.label_alt_id 
_atom_site.label_comp_id 
_atom_site.label_asym_id 
_atom_site.label_entity_id 
_atom_site.label_seq_id 
_atom_site.pdbx_PDB_ins_code 
_atom_site.Cartn_x 
_atom_site.Cartn_y 
_atom_site.Cartn_z 
_atom_site.occupancy 
_atom_site.B_iso_or_equiv 
_atom_site.pdbx_formal_charge 
_atom_site.auth_seq_id 
_atom_site.auth_comp_id 
_atom_site.auth_asym_id 
_atom_site.auth_atom_id 
_atom_site.pdbx_PDB_model_num 
ATOM   1    N  N   . PRO A 1 1  ? -18.322 -2.867  -5.454  1.00 28.70  ? 1   PRO A N   1 
ATOM   2    C  CA  . PRO A 1 1  ? -17.648 -3.390  -6.647  1.00 32.92  ? 1   PRO A CA  1 
ATOM   3    C  C   . PRO A 1 1  ? -16.516 -4.347  -6.265  1.00 24.22  ? 1   PRO A C   1 
ATOM   4    O  O   . PRO A 1 1  ? -16.098 -4.312  -5.108  1.00 28.47  ? 1   PRO A O   1 
ATOM   5    C  CB  . PRO A 1 1  ? -17.065 -2.137  -7.294  1.00 34.25  ? 1   PRO A CB  1 
ATOM   6    C  CG  . PRO A 1 1  ? -16.830 -1.211  -6.145  1.00 38.87  ? 1   PRO A CG  1 
ATOM   7    C  CD  . PRO A 1 1  ? -17.921 -1.488  -5.144  1.00 37.19  ? 1   PRO A CD  1 
ATOM   8    N  N   . GLN A 1 2  ? -16.064 -5.151  -7.217  1.00 22.62  ? 2   GLN A N   1 
ATOM   9    C  CA  . GLN A 1 2  ? -14.880 -5.991  -7.067  1.00 27.38  ? 2   GLN A CA  1 
ATOM   10   C  C   . GLN A 1 2  ? -13.767 -5.470  -7.974  1.00 28.46  ? 2   GLN A C   1 
ATOM   11   O  O   . GLN A 1 2  ? -13.904 -5.417  -9.195  1.00 29.27  ? 2   GLN A O   1 
ATOM   12   C  CB  . GLN A 1 2  ? -15.167 -7.455  -7.394  1.00 28.35  ? 2   GLN A CB  1 
ATOM   13   C  CG  . GLN A 1 2  ? -13.914 -8.320  -7.330  1.00 28.08  ? 2   GLN A CG  1 
ATOM   14   C  CD  . GLN A 1 2  ? -14.237 -9.799  -7.228  1.00 32.78  ? 2   GLN A CD  1 
ATOM   15   O  OE1 . GLN A 1 2  ? -14.284 -10.345 -6.122  1.00 26.71  ? 2   GLN A OE1 1 
ATOM   16   N  NE2 . GLN A 1 2  ? -14.447 -10.422 -8.382  1.00 36.88  ? 2   GLN A NE2 1 
ATOM   17   N  N   . ILE A 1 3  ? -12.648 -5.064  -7.387  1.00 23.76  ? 3   ILE A N   1 
ATOM   18   C  CA  . ILE A 1 3  ? -11.569 -4.458  -8.169  1.00 24.63  ? 3   ILE A CA  1 
ATOM   19   C  C   . ILE A 1 3  ? -10.391 -5.410  -8.270  1.00 26.15  ? 3   ILE A C   1 
ATOM   20   O  O   . ILE A 1 3  ? -9.859  -5.899  -7.270  1.00 26.91  ? 3   ILE A O   1 
ATOM   21   C  CB  . ILE A 1 3  ? -11.162 -3.118  -7.535  1.00 30.48  ? 3   ILE A CB  1 
ATOM   22   C  CG1 . ILE A 1 3  ? -12.344 -2.141  -7.454  1.00 24.18  ? 3   ILE A CG1 1 
ATOM   23   C  CG2 . ILE A 1 3  ? -9.974  -2.479  -8.235  1.00 28.02  ? 3   ILE A CG2 1 
ATOM   24   C  CD1 . ILE A 1 3  ? -12.077 -0.944  -6.578  1.00 41.64  ? 3   ILE A CD1 1 
ATOM   25   N  N   . THR A 1 4  ? -9.986  -5.710  -9.502  1.00 20.81  ? 4   THR A N   1 
ATOM   26   C  CA  . THR A 1 4  ? -8.859  -6.636  -9.639  1.00 25.27  ? 4   THR A CA  1 
ATOM   27   C  C   . THR A 1 4  ? -7.573  -5.823  -9.492  1.00 17.57  ? 4   THR A C   1 
ATOM   28   O  O   . THR A 1 4  ? -7.644  -4.596  -9.479  1.00 21.90  ? 4   THR A O   1 
ATOM   29   C  CB  . THR A 1 4  ? -8.854  -7.392  -10.975 1.00 34.44  ? 4   THR A CB  1 
ATOM   30   O  OG1 . THR A 1 4  ? -8.868  -6.460  -12.065 1.00 27.45  ? 4   THR A OG1 1 
ATOM   31   C  CG2 . THR A 1 4  ? -10.097 -8.261  -11.105 1.00 30.12  ? 4   THR A CG2 1 
ATOM   32   N  N   . LEU A 1 5  ? -6.436  -6.502  -9.383  1.00 18.00  ? 5   LEU A N   1 
ATOM   33   C  CA  . LEU A 1 5  ? -5.194  -5.808  -9.045  1.00 19.33  ? 5   LEU A CA  1 
ATOM   34   C  C   . LEU A 1 5  ? -4.149  -5.958  -10.142 1.00 20.91  ? 5   LEU A C   1 
ATOM   35   O  O   . LEU A 1 5  ? -2.972  -5.710  -9.859  1.00 14.84  ? 5   LEU A O   1 
ATOM   36   C  CB  . LEU A 1 5  ? -4.659  -6.344  -7.706  1.00 19.71  ? 5   LEU A CB  1 
ATOM   37   C  CG  . LEU A 1 5  ? -5.587  -6.057  -6.515  1.00 16.86  ? 5   LEU A CG  1 
ATOM   38   C  CD1 . LEU A 1 5  ? -5.133  -6.834  -5.285  1.00 18.46  ? 5   LEU A CD1 1 
ATOM   39   C  CD2 . LEU A 1 5  ? -5.655  -4.569  -6.203  1.00 17.80  ? 5   LEU A CD2 1 
ATOM   40   N  N   . TRP A 1 6  ? -4.622  -6.360  -11.322 1.00 19.34  ? 6   TRP A N   1 
ATOM   41   C  CA  . TRP A 1 6  ? -3.773  -6.430  -12.511 1.00 19.02  ? 6   TRP A CA  1 
ATOM   42   C  C   . TRP A 1 6  ? -3.128  -5.071  -12.761 1.00 24.47  ? 6   TRP A C   1 
ATOM   43   O  O   . TRP A 1 6  ? -2.001  -4.971  -13.215 1.00 20.30  ? 6   TRP A O   1 
ATOM   44   C  CB  . TRP A 1 6  ? -4.559  -6.777  -13.776 1.00 16.80  ? 6   TRP A CB  1 
ATOM   45   C  CG  . TRP A 1 6  ? -5.167  -8.139  -13.769 1.00 21.34  ? 6   TRP A CG  1 
ATOM   46   C  CD1 . TRP A 1 6  ? -6.500  -8.456  -13.799 1.00 22.32  ? 6   TRP A CD1 1 
ATOM   47   C  CD2 . TRP A 1 6  ? -4.444  -9.378  -13.732 1.00 24.89  ? 6   TRP A CD2 1 
ATOM   48   N  NE1 . TRP A 1 6  ? -6.646  -9.828  -13.782 1.00 26.75  ? 6   TRP A NE1 1 
ATOM   49   C  CE2 . TRP A 1 6  ? -5.405  -10.415 -13.740 1.00 31.64  ? 6   TRP A CE2 1 
ATOM   50   C  CE3 . TRP A 1 6  ? -3.093  -9.720  -13.691 1.00 21.59  ? 6   TRP A CE3 1 
ATOM   51   C  CZ2 . TRP A 1 6  ? -5.032  -11.761 -13.709 1.00 36.34  ? 6   TRP A CZ2 1 
ATOM   52   C  CZ3 . TRP A 1 6  ? -2.729  -11.062 -13.661 1.00 24.23  ? 6   TRP A CZ3 1 
ATOM   53   C  CH2 . TRP A 1 6  ? -3.699  -12.073 -13.668 1.00 28.62  ? 6   TRP A CH2 1 
ATOM   54   N  N   . LYS A 1 7  ? -3.892  -4.021  -12.465 1.00 20.94  ? 7   LYS A N   1 
ATOM   55   C  CA  . LYS A 1 7  ? -3.361  -2.669  -12.543 1.00 20.52  ? 7   LYS A CA  1 
ATOM   56   C  C   . LYS A 1 7  ? -3.577  -1.920  -11.231 1.00 19.87  ? 7   LYS A C   1 
ATOM   57   O  O   . LYS A 1 7  ? -4.275  -2.387  -10.335 1.00 14.60  ? 7   LYS A O   1 
ATOM   58   C  CB  . LYS A 1 7  ? -4.039  -1.913  -13.694 1.00 28.98  ? 7   LYS A CB  1 
ATOM   59   C  CG  . LYS A 1 7  ? -4.577  -2.847  -14.772 1.00 32.45  ? 7   LYS A CG  1 
ATOM   60   C  CD  . LYS A 1 7  ? -3.463  -3.372  -15.654 1.00 50.95  ? 7   LYS A CD  1 
ATOM   61   C  CE  . LYS A 1 7  ? -3.590  -2.896  -17.098 1.00 62.42  ? 7   LYS A CE  1 
ATOM   62   N  NZ  . LYS A 1 7  ? -2.261  -2.508  -17.664 1.00 76.87  ? 7   LYS A NZ  1 
ATOM   63   N  N   . ARG A 1 8  ? -2.977  -0.729  -11.142 1.00 18.95  ? 8   ARG A N   1 
ATOM   64   C  CA  . ARG A 1 8  ? -3.168  0.099   -9.954  1.00 21.97  ? 8   ARG A CA  1 
ATOM   65   C  C   . ARG A 1 8  ? -4.640  0.324   -9.658  1.00 18.78  ? 8   ARG A C   1 
ATOM   66   O  O   . ARG A 1 8  ? -5.355  0.704   -10.591 1.00 15.78  ? 8   ARG A O   1 
ATOM   67   C  CB  . ARG A 1 8  ? -2.444  1.439   -10.187 1.00 19.78  ? 8   ARG A CB  1 
ATOM   68   C  CG  . ARG A 1 8  ? -0.949  1.284   -9.924  1.00 24.92  ? 8   ARG A CG  1 
ATOM   69   C  CD  . ARG A 1 8  ? -0.227  2.622   -9.918  1.00 24.91  ? 8   ARG A CD  1 
ATOM   70   N  NE  . ARG A 1 8  ? 1.224   2.422   -9.854  1.00 30.91  ? 8   ARG A NE  1 
ATOM   71   C  CZ  . ARG A 1 8  ? 2.071   3.389   -9.500  1.00 44.08  ? 8   ARG A CZ  1 
ATOM   72   N  NH1 . ARG A 1 8  ? 3.377   3.153   -9.463  1.00 24.95  ? 8   ARG A NH1 1 
ATOM   73   N  NH2 . ARG A 1 8  ? 1.634   4.602   -9.176  1.00 37.30  ? 8   ARG A NH2 1 
ATOM   74   N  N   . PRO A 1 9  ? -5.099  0.102   -8.431  1.00 20.14  ? 9   PRO A N   1 
ATOM   75   C  CA  . PRO A 1 9  ? -6.526  0.276   -8.107  1.00 14.35  ? 9   PRO A CA  1 
ATOM   76   C  C   . PRO A 1 9  ? -6.868  1.727   -7.817  1.00 17.31  ? 9   PRO A C   1 
ATOM   77   O  O   . PRO A 1 9  ? -6.971  2.231   -6.694  1.00 15.22  ? 9   PRO A O   1 
ATOM   78   C  CB  . PRO A 1 9  ? -6.685  -0.593  -6.852  1.00 17.69  ? 9   PRO A CB  1 
ATOM   79   C  CG  . PRO A 1 9  ? -5.352  -0.586  -6.185  1.00 19.85  ? 9   PRO A CG  1 
ATOM   80   C  CD  . PRO A 1 9  ? -4.325  -0.347  -7.254  1.00 20.60  ? 9   PRO A CD  1 
ATOM   81   N  N   . LEU A 1 10 ? -7.058  2.457   -8.911  1.00 17.21  ? 10  LEU A N   1 
ATOM   82   C  CA  . LEU A 1 10 ? -7.291  3.890   -8.829  1.00 17.49  ? 10  LEU A CA  1 
ATOM   83   C  C   . LEU A 1 10 ? -8.775  4.182   -8.881  1.00 18.66  ? 10  LEU A C   1 
ATOM   84   O  O   . LEU A 1 10 ? -9.448  3.527   -9.672  1.00 22.27  ? 10  LEU A O   1 
ATOM   85   C  CB  . LEU A 1 10 ? -6.614  4.594   -10.008 1.00 23.72  ? 10  LEU A CB  1 
ATOM   86   C  CG  . LEU A 1 10 ? -5.081  4.574   -9.961  1.00 29.38  ? 10  LEU A CG  1 
ATOM   87   C  CD1 . LEU A 1 10 ? -4.507  4.959   -11.321 1.00 30.84  ? 10  LEU A CD1 1 
ATOM   88   C  CD2 . LEU A 1 10 ? -4.574  5.470   -8.835  1.00 29.04  ? 10  LEU A CD2 1 
ATOM   89   N  N   . VAL A 1 11 ? -9.219  5.129   -8.066  1.00 18.37  ? 11  VAL A N   1 
ATOM   90   C  CA  . VAL A 1 11 ? -10.624 5.509   -8.121  1.00 19.63  ? 11  VAL A CA  1 
ATOM   91   C  C   . VAL A 1 11 ? -10.707 7.036   -8.129  1.00 19.41  ? 11  VAL A C   1 
ATOM   92   O  O   . VAL A 1 11 ? -9.728  7.704   -7.814  1.00 20.37  ? 11  VAL A O   1 
ATOM   93   C  CB  . VAL A 1 11 ? -11.435 5.007   -6.921  1.00 21.71  ? 11  VAL A CB  1 
ATOM   94   C  CG1 . VAL A 1 11 ? -11.542 3.488   -6.907  1.00 21.73  ? 11  VAL A CG1 1 
ATOM   95   C  CG2 . VAL A 1 11 ? -10.763 5.523   -5.655  1.00 16.59  ? 11  VAL A CG2 1 
ATOM   96   N  N   . THR A 1 12 ? -11.889 7.524   -8.469  1.00 18.36  ? 12  THR A N   1 
ATOM   97   C  CA  . THR A 1 12 ? -12.164 8.954   -8.355  1.00 19.88  ? 12  THR A CA  1 
ATOM   98   C  C   . THR A 1 12 ? -12.627 9.304   -6.948  1.00 23.74  ? 12  THR A C   1 
ATOM   99   O  O   . THR A 1 12 ? -13.429 8.613   -6.319  1.00 18.28  ? 12  THR A O   1 
ATOM   100  C  CB  . THR A 1 12 ? -13.207 9.390   -9.399  1.00 22.62  ? 12  THR A CB  1 
ATOM   101  O  OG1 . THR A 1 12 ? -12.654 9.156   -10.703 1.00 26.47  ? 12  THR A OG1 1 
ATOM   102  C  CG2 . THR A 1 12 ? -13.453 10.878  -9.292  1.00 24.64  ? 12  THR A CG2 1 
ATOM   103  N  N   . ILE A 1 13 ? -12.107 10.401  -6.416  1.00 19.24  ? 13  ILE A N   1 
ATOM   104  C  CA  . ILE A 1 13 ? -12.532 10.855  -5.097  1.00 21.71  ? 13  ILE A CA  1 
ATOM   105  C  C   . ILE A 1 13 ? -12.961 12.322  -5.178  1.00 19.22  ? 13  ILE A C   1 
ATOM   106  O  O   . ILE A 1 13 ? -12.549 13.034  -6.097  1.00 19.63  ? 13  ILE A O   1 
ATOM   107  C  CB  . ILE A 1 13 ? -11.405 10.725  -4.063  1.00 23.97  ? 13  ILE A CB  1 
ATOM   108  C  CG1 . ILE A 1 13 ? -10.219 11.657  -4.362  1.00 17.52  ? 13  ILE A CG1 1 
ATOM   109  C  CG2 . ILE A 1 13 ? -10.932 9.279   -3.929  1.00 15.14  ? 13  ILE A CG2 1 
ATOM   110  C  CD1 . ILE A 1 13 ? -9.357  11.913  -3.128  1.00 24.39  ? 13  ILE A CD1 1 
ATOM   111  N  N   . LYS A 1 14 ? -13.761 12.758  -4.216  1.00 18.71  ? 14  LYS A N   1 
ATOM   112  C  CA  . LYS A 1 14 ? -14.037 14.197  -4.102  1.00 19.18  ? 14  LYS A CA  1 
ATOM   113  C  C   . LYS A 1 14 ? -13.603 14.680  -2.728  1.00 19.92  ? 14  LYS A C   1 
ATOM   114  O  O   . LYS A 1 14 ? -13.992 14.128  -1.693  1.00 18.60  ? 14  LYS A O   1 
ATOM   115  C  CB  . LYS A 1 14 ? -15.512 14.504  -4.354  1.00 19.44  ? 14  LYS A CB  1 
ATOM   116  C  CG  . LYS A 1 14 ? -15.774 16.000  -4.524  1.00 26.61  ? 14  LYS A CG  1 
ATOM   117  C  CD  . LYS A 1 14 ? -17.103 16.255  -5.219  1.00 39.23  ? 14  LYS A CD  1 
ATOM   118  C  CE  . LYS A 1 14 ? -17.609 17.665  -4.951  1.00 52.19  ? 14  LYS A CE  1 
ATOM   119  N  NZ  . LYS A 1 14 ? -18.699 18.062  -5.890  1.00 52.66  ? 14  LYS A NZ  1 
ATOM   120  N  N   . ILE A 1 15 ? -12.758 15.707  -2.688  1.00 15.85  ? 15  ILE A N   1 
ATOM   121  C  CA  . ILE A 1 15 ? -12.258 16.179  -1.407  1.00 21.15  ? 15  ILE A CA  1 
ATOM   122  C  C   . ILE A 1 15 ? -12.042 17.696  -1.501  1.00 25.40  ? 15  ILE A C   1 
ATOM   123  O  O   . ILE A 1 15 ? -11.487 18.101  -2.517  1.00 20.38  ? 15  ILE A O   1 
ATOM   124  C  CB  . ILE A 1 15 ? -10.927 15.554  -0.969  1.00 21.51  ? 15  ILE A CB  1 
ATOM   125  C  CG1 . ILE A 1 15 ? -10.380 16.183  0.314   1.00 28.71  ? 15  ILE A CG1 1 
ATOM   126  C  CG2 . ILE A 1 15 ? -9.912  15.627  -2.100  1.00 20.87  ? 15  ILE A CG2 1 
ATOM   127  C  CD1 . ILE A 1 15 ? -9.406  15.320  1.089   1.00 24.19  ? 15  ILE A CD1 1 
ATOM   128  N  N   . GLY A 1 16 ? -12.490 18.399  -0.480  1.00 26.71  ? 16  GLY A N   1 
ATOM   129  C  CA  . GLY A 1 16 ? -12.409 19.846  -0.372  1.00 28.60  ? 16  GLY A CA  1 
ATOM   130  C  C   . GLY A 1 16 ? -12.968 20.505  -1.620  1.00 29.39  ? 16  GLY A C   1 
ATOM   131  O  O   . GLY A 1 16 ? -12.393 21.490  -2.081  1.00 33.38  ? 16  GLY A O   1 
ATOM   132  N  N   . GLY A 1 17 ? -14.043 19.944  -2.149  1.00 22.13  ? 17  GLY A N   1 
ATOM   133  C  CA  . GLY A 1 17 ? -14.685 20.344  -3.373  1.00 23.11  ? 17  GLY A CA  1 
ATOM   134  C  C   . GLY A 1 17 ? -13.973 20.034  -4.658  1.00 27.62  ? 17  GLY A C   1 
ATOM   135  O  O   . GLY A 1 17 ? -14.384 20.462  -5.746  1.00 31.85  ? 17  GLY A O   1 
ATOM   136  N  N   . GLN A 1 18 ? -12.884 19.277  -4.646  1.00 21.56  ? 18  GLN A N   1 
ATOM   137  C  CA  . GLN A 1 18 ? -12.151 18.973  -5.871  1.00 24.56  ? 18  GLN A CA  1 
ATOM   138  C  C   . GLN A 1 18 ? -12.214 17.500  -6.252  1.00 23.74  ? 18  GLN A C   1 
ATOM   139  O  O   . GLN A 1 18 ? -12.232 16.652  -5.358  1.00 26.99  ? 18  GLN A O   1 
ATOM   140  C  CB  . GLN A 1 18 ? -10.662 19.332  -5.696  1.00 28.55  ? 18  GLN A CB  1 
ATOM   141  C  CG  . GLN A 1 18 ? -10.402 20.809  -5.472  1.00 26.19  ? 18  GLN A CG  1 
ATOM   142  C  CD  . GLN A 1 18 ? -8.947  21.109  -5.153  1.00 32.98  ? 18  GLN A CD  1 
ATOM   143  O  OE1 . GLN A 1 18 ? -8.020  20.558  -5.748  1.00 34.69  ? 18  GLN A OE1 1 
ATOM   144  N  NE2 . GLN A 1 18 ? -8.746  22.011  -4.201  1.00 39.92  ? 18  GLN A NE2 1 
ATOM   145  N  N   . LEU A 1 19 ? -12.224 17.179  -7.539  1.00 22.22  ? 19  LEU A N   1 
ATOM   146  C  CA  . LEU A 1 19 ? -12.210 15.763  -7.932  1.00 26.04  ? 19  LEU A CA  1 
ATOM   147  C  C   . LEU A 1 19 ? -10.766 15.351  -8.184  1.00 27.05  ? 19  LEU A C   1 
ATOM   148  O  O   . LEU A 1 19 ? -9.991  16.100  -8.778  1.00 22.96  ? 19  LEU A O   1 
ATOM   149  C  CB  . LEU A 1 19 ? -13.061 15.483  -9.157  1.00 27.78  ? 19  LEU A CB  1 
ATOM   150  C  CG  . LEU A 1 19 ? -14.577 15.580  -9.001  1.00 32.73  ? 19  LEU A CG  1 
ATOM   151  C  CD1 . LEU A 1 19 ? -15.232 15.833  -10.355 1.00 35.13  ? 19  LEU A CD1 1 
ATOM   152  C  CD2 . LEU A 1 19 ? -15.163 14.328  -8.367  1.00 29.35  ? 19  LEU A CD2 1 
ATOM   153  N  N   . LYS A 1 20 ? -10.419 14.162  -7.711  1.00 22.31  ? 20  LYS A N   1 
ATOM   154  C  CA  . LYS A 1 20 ? -9.033  13.728  -7.792  1.00 19.67  ? 20  LYS A CA  1 
ATOM   155  C  C   . LYS A 1 20 ? -9.009  12.208  -7.988  1.00 21.82  ? 20  LYS A C   1 
ATOM   156  O  O   . LYS A 1 20 ? -9.975  11.551  -7.630  1.00 26.69  ? 20  LYS A O   1 
ATOM   157  C  CB  . LYS A 1 20 ? -8.241  14.077  -6.548  1.00 19.55  ? 20  LYS A CB  1 
ATOM   158  C  CG  . LYS A 1 20 ? -7.882  15.538  -6.366  1.00 20.07  ? 20  LYS A CG  1 
ATOM   159  C  CD  . LYS A 1 20 ? -7.068  15.717  -5.094  1.00 24.84  ? 20  LYS A CD  1 
ATOM   160  C  CE  . LYS A 1 20 ? -6.806  17.202  -4.854  1.00 28.66  ? 20  LYS A CE  1 
ATOM   161  N  NZ  . LYS A 1 20 ? -5.878  17.756  -5.887  1.00 25.89  ? 20  LYS A NZ  1 
ATOM   162  N  N   . GLU A 1 21 ? -7.908  11.718  -8.545  1.00 20.54  ? 21  GLU A N   1 
ATOM   163  C  CA  . GLU A 1 21 ? -7.729  10.265  -8.649  1.00 21.55  ? 21  GLU A CA  1 
ATOM   164  C  C   . GLU A 1 21 ? -6.909  9.788   -7.452  1.00 16.38  ? 21  GLU A C   1 
ATOM   165  O  O   . GLU A 1 21 ? -5.964  10.456  -7.033  1.00 18.81  ? 21  GLU A O   1 
ATOM   166  C  CB  . GLU A 1 21 ? -7.078  9.927   -9.967  1.00 22.88  ? 21  GLU A CB  1 
ATOM   167  C  CG  . GLU A 1 21 ? -6.214  8.673   -9.978  1.00 35.21  ? 21  GLU A CG  1 
ATOM   168  C  CD  . GLU A 1 21 ? -5.582  8.533   -11.360 1.00 46.21  ? 21  GLU A CD  1 
ATOM   169  O  OE1 . GLU A 1 21 ? -4.351  8.701   -11.492 1.00 51.93  ? 21  GLU A OE1 1 
ATOM   170  O  OE2 . GLU A 1 21 ? -6.358  8.271   -12.306 1.00 45.87  ? 21  GLU A OE2 1 
ATOM   171  N  N   . ALA A 1 22 ? -7.287  8.636   -6.877  1.00 17.96  ? 22  ALA A N   1 
ATOM   172  C  CA  . ALA A 1 22 ? -6.495  8.158   -5.748  1.00 14.04  ? 22  ALA A CA  1 
ATOM   173  C  C   . ALA A 1 22 ? -6.404  6.625   -5.802  1.00 15.39  ? 22  ALA A C   1 
ATOM   174  O  O   . ALA A 1 22 ? -7.304  5.996   -6.355  1.00 17.79  ? 22  ALA A O   1 
ATOM   175  C  CB  . ALA A 1 22 ? -7.044  8.565   -4.398  1.00 13.51  ? 22  ALA A CB  1 
ATOM   176  N  N   . LEU A 1 23 ? -5.317  6.161   -5.202  1.00 15.12  ? 23  LEU A N   1 
ATOM   177  C  CA  . LEU A 1 23 ? -4.951  4.756   -5.101  1.00 14.85  ? 23  LEU A CA  1 
ATOM   178  C  C   . LEU A 1 23 ? -5.588  4.157   -3.859  1.00 16.71  ? 23  LEU A C   1 
ATOM   179  O  O   . LEU A 1 23 ? -5.373  4.713   -2.776  1.00 24.06  ? 23  LEU A O   1 
ATOM   180  C  CB  . LEU A 1 23 ? -3.424  4.728   -5.105  1.00 16.84  ? 23  LEU A CB  1 
ATOM   181  C  CG  . LEU A 1 23 ? -2.679  3.422   -5.340  1.00 28.05  ? 23  LEU A CG  1 
ATOM   182  C  CD1 . LEU A 1 23 ? -2.876  2.923   -6.752  1.00 30.09  ? 23  LEU A CD1 1 
ATOM   183  C  CD2 . LEU A 1 23 ? -1.190  3.585   -5.060  1.00 21.38  ? 23  LEU A CD2 1 
ATOM   184  N  N   . LEU A 1 24 ? -6.363  3.089   -3.940  1.00 12.26  ? 24  LEU A N   1 
ATOM   185  C  CA  . LEU A 1 24 ? -6.873  2.378   -2.771  1.00 18.91  ? 24  LEU A CA  1 
ATOM   186  C  C   . LEU A 1 24 ? -5.765  1.497   -2.186  1.00 18.62  ? 24  LEU A C   1 
ATOM   187  O  O   . LEU A 1 24 ? -5.423  0.478   -2.795  1.00 18.90  ? 24  LEU A O   1 
ATOM   188  C  CB  . LEU A 1 24 ? -8.077  1.494   -3.103  1.00 17.31  ? 24  LEU A CB  1 
ATOM   189  C  CG  . LEU A 1 24 ? -9.266  2.185   -3.761  1.00 19.88  ? 24  LEU A CG  1 
ATOM   190  C  CD1 . LEU A 1 24 ? -10.313 1.171   -4.176  1.00 24.18  ? 24  LEU A CD1 1 
ATOM   191  C  CD2 . LEU A 1 24 ? -9.837  3.250   -2.820  1.00 23.74  ? 24  LEU A CD2 1 
ATOM   192  N  N   . ASP A 1 25 ? -5.210  1.902   -1.058  1.00 13.54  ? 25  ASP A N   1 
ATOM   193  C  CA  . ASP A 1 25 ? -3.945  1.339   -0.582  1.00 11.26  ? 25  ASP A CA  1 
ATOM   194  C  C   . ASP A 1 25 ? -4.035  0.697   0.797   1.00 14.84  ? 25  ASP A C   1 
ATOM   195  O  O   . ASP A 1 25 ? -3.953  1.339   1.848   1.00 13.88  ? 25  ASP A O   1 
ATOM   196  C  CB  . ASP A 1 25 ? -2.910  2.463   -0.565  1.00 17.13  ? 25  ASP A CB  1 
ATOM   197  C  CG  . ASP A 1 25 ? -1.501  1.989   -0.294  1.00 23.66  ? 25  ASP A CG  1 
ATOM   198  O  OD1 . ASP A 1 25 ? -1.314  0.789   -0.023  1.00 19.61  ? 25  ASP A OD1 1 
ATOM   199  O  OD2 . ASP A 1 25 ? -0.591  2.850   -0.351  1.00 21.96  ? 25  ASP A OD2 1 
ATOM   200  N  N   . THR A 1 26 ? -4.181  -0.635  0.801   1.00 15.76  ? 26  THR A N   1 
ATOM   201  C  CA  . THR A 1 26 ? -4.225  -1.381  2.054   1.00 13.26  ? 26  THR A CA  1 
ATOM   202  C  C   . THR A 1 26 ? -2.912  -1.333  2.818   1.00 13.66  ? 26  THR A C   1 
ATOM   203  O  O   . THR A 1 26 ? -2.926  -1.681  4.000   1.00 14.48  ? 26  THR A O   1 
ATOM   204  C  CB  . THR A 1 26 ? -4.584  -2.865  1.817   1.00 14.88  ? 26  THR A CB  1 
ATOM   205  O  OG1 . THR A 1 26 ? -3.536  -3.467  1.030   1.00 11.70  ? 26  THR A OG1 1 
ATOM   206  C  CG2 . THR A 1 26 ? -5.889  -3.007  1.051   1.00 12.94  ? 26  THR A CG2 1 
ATOM   207  N  N   . GLY A 1 27 ? -1.795  -0.945  2.201   1.00 10.26  ? 27  GLY A N   1 
ATOM   208  C  CA  . GLY A 1 27 ? -0.546  -0.837  2.938   1.00 13.46  ? 27  GLY A CA  1 
ATOM   209  C  C   . GLY A 1 27 ? -0.381  0.491   3.663   1.00 16.19  ? 27  GLY A C   1 
ATOM   210  O  O   . GLY A 1 27 ? 0.588   0.665   4.422   1.00 16.19  ? 27  GLY A O   1 
ATOM   211  N  N   . ALA A 1 28 ? -1.308  1.423   3.434   1.00 13.79  ? 28  ALA A N   1 
ATOM   212  C  CA  . ALA A 1 28 ? -1.240  2.742   4.059   1.00 13.64  ? 28  ALA A CA  1 
ATOM   213  C  C   . ALA A 1 28 ? -2.110  2.829   5.319   1.00 10.53  ? 28  ALA A C   1 
ATOM   214  O  O   . ALA A 1 28 ? -3.335  2.647   5.239   1.00 14.68  ? 28  ALA A O   1 
ATOM   215  C  CB  . ALA A 1 28 ? -1.705  3.808   3.060   1.00 11.61  ? 28  ALA A CB  1 
ATOM   216  N  N   . ASP A 1 29 ? -1.498  3.121   6.464   1.00 11.32  ? 29  ASP A N   1 
ATOM   217  C  CA  . ASP A 1 29 ? -2.256  3.312   7.695   1.00 14.07  ? 29  ASP A CA  1 
ATOM   218  C  C   . ASP A 1 29 ? -3.252  4.471   7.555   1.00 18.56  ? 29  ASP A C   1 
ATOM   219  O  O   . ASP A 1 29 ? -4.401  4.382   7.978   1.00 13.74  ? 29  ASP A O   1 
ATOM   220  C  CB  . ASP A 1 29 ? -1.335  3.619   8.872   1.00 15.21  ? 29  ASP A CB  1 
ATOM   221  C  CG  . ASP A 1 29 ? -0.424  2.461   9.253   1.00 18.74  ? 29  ASP A CG  1 
ATOM   222  O  OD1 . ASP A 1 29 ? -0.707  1.296   8.905   1.00 15.54  ? 29  ASP A OD1 1 
ATOM   223  O  OD2 . ASP A 1 29 ? 0.578   2.765   9.934   1.00 21.53  ? 29  ASP A OD2 1 
ATOM   224  N  N   . ASP A 1 30 ? -2.748  5.543   6.960   1.00 12.20  ? 30  ASP A N   1 
ATOM   225  C  CA  . ASP A 1 30 ? -3.440  6.823   6.872   1.00 10.13  ? 30  ASP A CA  1 
ATOM   226  C  C   . ASP A 1 30 ? -3.632  7.257   5.425   1.00 13.89  ? 30  ASP A C   1 
ATOM   227  O  O   . ASP A 1 30 ? -2.978  6.788   4.506   1.00 16.10  ? 30  ASP A O   1 
ATOM   228  C  CB  . ASP A 1 30 ? -2.626  7.888   7.605   1.00 23.41  ? 30  ASP A CB  1 
ATOM   229  C  CG  . ASP A 1 30 ? -2.368  7.576   9.065   1.00 34.44  ? 30  ASP A CG  1 
ATOM   230  O  OD1 . ASP A 1 30 ? -3.276  7.030   9.721   1.00 35.24  ? 30  ASP A OD1 1 
ATOM   231  O  OD2 . ASP A 1 30 ? -1.267  7.876   9.568   1.00 36.82  ? 30  ASP A OD2 1 
ATOM   232  N  N   . THR A 1 31 ? -4.549  8.176   5.194   1.00 13.78  ? 31  THR A N   1 
ATOM   233  C  CA  . THR A 1 31 ? -4.873  8.748   3.893   1.00 15.01  ? 31  THR A CA  1 
ATOM   234  C  C   . THR A 1 31 ? -3.960  9.942   3.654   1.00 14.60  ? 31  THR A C   1 
ATOM   235  O  O   . THR A 1 31 ? -3.783  10.713  4.590   1.00 13.50  ? 31  THR A O   1 
ATOM   236  C  CB  . THR A 1 31 ? -6.357  9.136   3.863   1.00 18.95  ? 31  THR A CB  1 
ATOM   237  O  OG1 . THR A 1 31 ? -7.157  7.934   3.870   1.00 15.86  ? 31  THR A OG1 1 
ATOM   238  C  CG2 . THR A 1 31 ? -6.709  9.911   2.601   1.00 14.33  ? 31  THR A CG2 1 
ATOM   239  N  N   . VAL A 1 32 ? -3.352  10.047  2.479   1.00 13.98  ? 32  VAL A N   1 
ATOM   240  C  CA  . VAL A 1 32 ? -2.315  11.035  2.201   1.00 11.98  ? 32  VAL A CA  1 
ATOM   241  C  C   . VAL A 1 32 ? -2.630  11.636  0.837   1.00 13.43  ? 32  VAL A C   1 
ATOM   242  O  O   . VAL A 1 32 ? -2.631  10.910  -0.150  1.00 15.09  ? 32  VAL A O   1 
ATOM   243  C  CB  . VAL A 1 32 ? -0.874  10.498  2.137   1.00 21.09  ? 32  VAL A CB  1 
ATOM   244  C  CG1 . VAL A 1 32 ? 0.124   11.660  2.125   1.00 12.75  ? 32  VAL A CG1 1 
ATOM   245  C  CG2 . VAL A 1 32 ? -0.524  9.551   3.290   1.00 17.50  ? 32  VAL A CG2 1 
ATOM   246  N  N   . ILE A 1 33 ? -2.897  12.939  0.867   1.00 15.48  ? 33  ILE A N   1 
ATOM   247  C  CA  . ILE A 1 33 ? -3.282  13.662  -0.340  1.00 16.10  ? 33  ILE A CA  1 
ATOM   248  C  C   . ILE A 1 33 ? -2.202  14.659  -0.735  1.00 15.57  ? 33  ILE A C   1 
ATOM   249  O  O   . ILE A 1 33 ? -1.526  15.242  0.117   1.00 17.87  ? 33  ILE A O   1 
ATOM   250  C  CB  . ILE A 1 33 ? -4.630  14.355  -0.106  1.00 13.51  ? 33  ILE A CB  1 
ATOM   251  C  CG1 . ILE A 1 33 ? -5.695  13.360  0.369   1.00 12.05  ? 33  ILE A CG1 1 
ATOM   252  C  CG2 . ILE A 1 33 ? -5.094  15.094  -1.344  1.00 18.30  ? 33  ILE A CG2 1 
ATOM   253  C  CD1 . ILE A 1 33 ? -6.018  12.337  -0.696  1.00 20.08  ? 33  ILE A CD1 1 
ATOM   254  N  N   . GLU A 1 34 ? -2.042  14.825  -2.045  1.00 16.97  ? 34  GLU A N   1 
ATOM   255  C  CA  . GLU A 1 34 ? -1.033  15.772  -2.546  1.00 13.83  ? 34  GLU A CA  1 
ATOM   256  C  C   . GLU A 1 34 ? -1.370  17.175  -2.087  1.00 15.48  ? 34  GLU A C   1 
ATOM   257  O  O   . GLU A 1 34 ? -2.505  17.418  -1.644  1.00 16.72  ? 34  GLU A O   1 
ATOM   258  C  CB  . GLU A 1 34 ? -1.011  15.660  -4.071  1.00 17.03  ? 34  GLU A CB  1 
ATOM   259  C  CG  . GLU A 1 34 ? -2.287  16.197  -4.709  1.00 21.10  ? 34  GLU A CG  1 
ATOM   260  C  CD  . GLU A 1 34 ? -2.624  15.604  -6.058  1.00 29.97  ? 34  GLU A CD  1 
ATOM   261  O  OE1 . GLU A 1 34 ? -1.748  15.052  -6.764  1.00 32.17  ? 34  GLU A OE1 1 
ATOM   262  O  OE2 . GLU A 1 34 ? -3.822  15.690  -6.432  1.00 31.08  ? 34  GLU A OE2 1 
ATOM   263  N  N   . GLU A 1 35 ? -0.443  18.120  -2.177  1.00 15.96  ? 35  GLU A N   1 
ATOM   264  C  CA  . GLU A 1 35 ? -0.657  19.440  -1.603  1.00 22.25  ? 35  GLU A CA  1 
ATOM   265  C  C   . GLU A 1 35 ? -1.947  20.095  -2.112  1.00 15.30  ? 35  GLU A C   1 
ATOM   266  O  O   . GLU A 1 35 ? -2.159  20.104  -3.314  1.00 14.48  ? 35  GLU A O   1 
ATOM   267  C  CB  . GLU A 1 35 ? 0.528   20.365  -1.900  1.00 22.38  ? 35  GLU A CB  1 
ATOM   268  C  CG  . GLU A 1 35 ? 1.771   19.977  -1.108  1.00 28.25  ? 35  GLU A CG  1 
ATOM   269  C  CD  . GLU A 1 35 ? 1.666   20.418  0.338   1.00 31.57  ? 35  GLU A CD  1 
ATOM   270  O  OE1 . GLU A 1 35 ? 0.726   21.190  0.627   1.00 40.83  ? 35  GLU A OE1 1 
ATOM   271  O  OE2 . GLU A 1 35 ? 2.513   19.998  1.147   1.00 33.71  ? 35  GLU A OE2 1 
ATOM   272  N  N   . MET A 1 36 ? -2.724  20.549  -1.136  1.00 16.08  ? 36  MET A N   1 
ATOM   273  C  CA  . MET A 1 36 ? -4.005  21.215  -1.378  1.00 17.33  ? 36  MET A CA  1 
ATOM   274  C  C   . MET A 1 36 ? -4.408  21.931  -0.094  1.00 21.23  ? 36  MET A C   1 
ATOM   275  O  O   . MET A 1 36 ? -3.878  21.576  0.971   1.00 19.41  ? 36  MET A O   1 
ATOM   276  C  CB  . MET A 1 36 ? -5.075  20.214  -1.820  1.00 17.14  ? 36  MET A CB  1 
ATOM   277  C  CG  . MET A 1 36 ? -5.633  19.340  -0.691  1.00 18.09  ? 36  MET A CG  1 
ATOM   278  S  SD  . MET A 1 36 ? -7.015  18.327  -1.275  1.00 21.41  ? 36  MET A SD  1 
ATOM   279  C  CE  . MET A 1 36 ? -8.248  19.587  -1.578  1.00 20.35  ? 36  MET A CE  1 
ATOM   280  N  N   . SER A 1 37 ? -5.312  22.903  -0.162  1.00 20.42  ? 37  SER A N   1 
ATOM   281  C  CA  . SER A 1 37 ? -5.853  23.530  1.037   1.00 14.10  ? 37  SER A CA  1 
ATOM   282  C  C   . SER A 1 37 ? -7.087  22.761  1.512   1.00 13.38  ? 37  SER A C   1 
ATOM   283  O  O   . SER A 1 37 ? -7.879  22.285  0.693   1.00 15.51  ? 37  SER A O   1 
ATOM   284  C  CB  . SER A 1 37 ? -6.259  24.988  0.794   1.00 26.01  ? 37  SER A CB  1 
ATOM   285  O  OG  . SER A 1 37 ? -5.124  25.830  0.631   1.00 40.22  ? 37  SER A OG  1 
ATOM   286  N  N   . LEU A 1 38 ? -7.211  22.657  2.825   1.00 20.36  ? 38  LEU A N   1 
ATOM   287  C  CA  . LEU A 1 38 ? -8.360  22.052  3.490   1.00 18.14  ? 38  LEU A CA  1 
ATOM   288  C  C   . LEU A 1 38 ? -8.753  22.968  4.647   1.00 17.57  ? 38  LEU A C   1 
ATOM   289  O  O   . LEU A 1 38 ? -7.910  23.702  5.161   1.00 19.09  ? 38  LEU A O   1 
ATOM   290  C  CB  . LEU A 1 38 ? -8.083  20.650  4.020   1.00 17.02  ? 38  LEU A CB  1 
ATOM   291  C  CG  . LEU A 1 38 ? -7.825  19.560  2.983   1.00 17.02  ? 38  LEU A CG  1 
ATOM   292  C  CD1 . LEU A 1 38 ? -7.380  18.259  3.653   1.00 15.17  ? 38  LEU A CD1 1 
ATOM   293  C  CD2 . LEU A 1 38 ? -9.057  19.328  2.116   1.00 20.19  ? 38  LEU A CD2 1 
ATOM   294  N  N   . PRO A 1 39 ? -10.021 22.915  5.038   1.00 25.09  ? 39  PRO A N   1 
ATOM   295  C  CA  . PRO A 1 39 ? -10.476 23.801  6.116   1.00 26.26  ? 39  PRO A CA  1 
ATOM   296  C  C   . PRO A 1 39 ? -10.091 23.280  7.493   1.00 21.14  ? 39  PRO A C   1 
ATOM   297  O  O   . PRO A 1 39 ? -9.837  22.098  7.720   1.00 24.51  ? 39  PRO A O   1 
ATOM   298  C  CB  . PRO A 1 39 ? -12.000 23.761  5.934   1.00 31.24  ? 39  PRO A CB  1 
ATOM   299  C  CG  . PRO A 1 39 ? -12.281 22.406  5.360   1.00 30.30  ? 39  PRO A CG  1 
ATOM   300  C  CD  . PRO A 1 39 ? -11.092 22.040  4.516   1.00 21.44  ? 39  PRO A CD  1 
ATOM   301  N  N   . GLY A 1 40 ? -10.036 24.167  8.481   1.00 21.44  ? 40  GLY A N   1 
ATOM   302  C  CA  . GLY A 1 40 ? -9.861  23.751  9.857   1.00 22.20  ? 40  GLY A CA  1 
ATOM   303  C  C   . GLY A 1 40 ? -8.413  23.805  10.296  1.00 18.68  ? 40  GLY A C   1 
ATOM   304  O  O   . GLY A 1 40 ? -7.532  24.219  9.546   1.00 20.69  ? 40  GLY A O   1 
ATOM   305  N  N   . ARG A 1 41 ? -8.218  23.387  11.533  1.00 17.51  ? 41  ARG A N   1 
ATOM   306  C  CA  . ARG A 1 41 ? -6.904  23.377  12.143  1.00 25.97  ? 41  ARG A CA  1 
ATOM   307  C  C   . ARG A 1 41 ? -6.146  22.147  11.628  1.00 20.95  ? 41  ARG A C   1 
ATOM   308  O  O   . ARG A 1 41 ? -6.781  21.254  11.075  1.00 22.19  ? 41  ARG A O   1 
ATOM   309  C  CB  . ARG A 1 41 ? -7.008  23.350  13.662  1.00 25.96  ? 41  ARG A CB  1 
ATOM   310  C  CG  . ARG A 1 41 ? -7.286  24.698  14.292  1.00 37.06  ? 41  ARG A CG  1 
ATOM   311  C  CD  . ARG A 1 41 ? -7.364  24.608  15.814  1.00 56.29  ? 41  ARG A CD  1 
ATOM   312  N  NE  . ARG A 1 41 ? -6.487  25.632  16.415  1.00 76.28  ? 41  ARG A NE  1 
ATOM   313  C  CZ  . ARG A 1 41 ? -6.881  26.815  16.841  1.00 84.53  ? 41  ARG A CZ  1 
ATOM   314  N  NH1 . ARG A 1 41 ? -8.157  27.167  16.752  1.00 78.11  ? 41  ARG A NH1 1 
ATOM   315  N  NH2 . ARG A 1 41 ? -5.995  27.656  17.371  1.00 105.29 ? 41  ARG A NH2 1 
ATOM   316  N  N   . TRP A 1 42 ? -4.846  22.174  11.828  1.00 21.90  ? 42  TRP A N   1 
ATOM   317  C  CA  . TRP A 1 42 ? -3.968  21.083  11.421  1.00 19.52  ? 42  TRP A CA  1 
ATOM   318  C  C   . TRP A 1 42 ? -2.753  21.037  12.336  1.00 19.31  ? 42  TRP A C   1 
ATOM   319  O  O   . TRP A 1 42 ? -2.398  21.976  13.045  1.00 18.41  ? 42  TRP A O   1 
ATOM   320  C  CB  . TRP A 1 42 ? -3.556  21.223  9.960   1.00 21.12  ? 42  TRP A CB  1 
ATOM   321  C  CG  . TRP A 1 42 ? -2.796  22.457  9.595   1.00 21.85  ? 42  TRP A CG  1 
ATOM   322  C  CD1 . TRP A 1 42 ? -3.307  23.607  9.053   1.00 29.51  ? 42  TRP A CD1 1 
ATOM   323  C  CD2 . TRP A 1 42 ? -1.390  22.668  9.742   1.00 21.03  ? 42  TRP A CD2 1 
ATOM   324  N  NE1 . TRP A 1 42 ? -2.301  24.526  8.852   1.00 29.66  ? 42  TRP A NE1 1 
ATOM   325  C  CE2 . TRP A 1 42 ? -1.117  23.967  9.269   1.00 23.74  ? 42  TRP A CE2 1 
ATOM   326  C  CE3 . TRP A 1 42 ? -0.347  21.874  10.224  1.00 26.70  ? 42  TRP A CE3 1 
ATOM   327  C  CZ2 . TRP A 1 42 ? 0.174   24.488  9.272   1.00 27.82  ? 42  TRP A CZ2 1 
ATOM   328  C  CZ3 . TRP A 1 42 ? 0.934   22.401  10.225  1.00 32.24  ? 42  TRP A CZ3 1 
ATOM   329  C  CH2 . TRP A 1 42 ? 1.184   23.691  9.753   1.00 28.94  ? 42  TRP A CH2 1 
ATOM   330  N  N   . LYS A 1 43 ? -2.094  19.880  12.343  1.00 16.87  ? 43  LYS A N   1 
ATOM   331  C  CA  . LYS A 1 43 ? -0.873  19.802  13.145  1.00 20.48  ? 43  LYS A CA  1 
ATOM   332  C  C   . LYS A 1 43 ? 0.137   19.003  12.317  1.00 14.56  ? 43  LYS A C   1 
ATOM   333  O  O   . LYS A 1 43 ? -0.313  18.174  11.526  1.00 16.05  ? 43  LYS A O   1 
ATOM   334  C  CB  . LYS A 1 43 ? -1.100  19.155  14.501  1.00 25.99  ? 43  LYS A CB  1 
ATOM   335  C  CG  . LYS A 1 43 ? -1.946  17.896  14.430  1.00 25.83  ? 43  LYS A CG  1 
ATOM   336  C  CD  . LYS A 1 43 ? -2.260  17.367  15.823  1.00 33.99  ? 43  LYS A CD  1 
ATOM   337  C  CE  . LYS A 1 43 ? -2.080  15.854  15.857  1.00 49.27  ? 43  LYS A CE  1 
ATOM   338  N  NZ  . LYS A 1 43 ? -3.097  15.184  16.711  1.00 60.19  ? 43  LYS A NZ  1 
ATOM   339  N  N   . PRO A 1 44 ? 1.411   19.289  12.496  1.00 20.03  ? 44  PRO A N   1 
ATOM   340  C  CA  . PRO A 1 44 ? 2.420   18.613  11.685  1.00 14.41  ? 44  PRO A CA  1 
ATOM   341  C  C   . PRO A 1 44 ? 2.652   17.180  12.149  1.00 15.54  ? 44  PRO A C   1 
ATOM   342  O  O   . PRO A 1 44 ? 2.465   16.853  13.323  1.00 16.77  ? 44  PRO A O   1 
ATOM   343  C  CB  . PRO A 1 44 ? 3.672   19.458  11.914  1.00 17.71  ? 44  PRO A CB  1 
ATOM   344  C  CG  . PRO A 1 44 ? 3.484   20.129  13.226  1.00 19.05  ? 44  PRO A CG  1 
ATOM   345  C  CD  . PRO A 1 44 ? 1.995   20.265  13.431  1.00 24.87  ? 44  PRO A CD  1 
ATOM   346  N  N   . LYS A 1 45 ? 3.085   16.371  11.190  1.00 15.79  ? 45  LYS A N   1 
ATOM   347  C  CA  . LYS A 1 45 ? 3.271   14.940  11.415  1.00 15.54  ? 45  LYS A CA  1 
ATOM   348  C  C   . LYS A 1 45 ? 4.372   14.396  10.517  1.00 14.89  ? 45  LYS A C   1 
ATOM   349  O  O   . LYS A 1 45 ? 4.485   14.925  9.408   1.00 19.64  ? 45  LYS A O   1 
ATOM   350  C  CB  . LYS A 1 45 ? 1.954   14.215  11.098  1.00 18.46  ? 45  LYS A CB  1 
ATOM   351  C  CG  . LYS A 1 45 ? 1.918   12.757  11.564  1.00 19.32  ? 45  LYS A CG  1 
ATOM   352  C  CD  . LYS A 1 45 ? 0.589   12.134  11.174  1.00 18.86  ? 45  LYS A CD  1 
ATOM   353  C  CE  . LYS A 1 45 ? 0.620   10.617  11.300  1.00 24.59  ? 45  LYS A CE  1 
ATOM   354  N  NZ  . LYS A 1 45 ? 0.517   10.225  12.729  1.00 36.53  ? 45  LYS A NZ  1 
ATOM   355  N  N   . MET A 1 46 ? 5.118   13.393  10.943  1.00 15.18  ? 46  MET A N   1 
ATOM   356  C  CA  . MET A 1 46 ? 6.075   12.712  10.065  1.00 16.32  ? 46  MET A CA  1 
ATOM   357  C  C   . MET A 1 46 ? 5.587   11.305  9.750   1.00 14.57  ? 46  MET A C   1 
ATOM   358  O  O   . MET A 1 46 ? 5.209   10.585  10.677  1.00 17.06  ? 46  MET A O   1 
ATOM   359  C  CB  . MET A 1 46 ? 7.464   12.663  10.697  1.00 21.74  ? 46  MET A CB  1 
ATOM   360  C  CG  . MET A 1 46 ? 8.105   14.052  10.837  1.00 24.52  ? 46  MET A CG  1 
ATOM   361  S  SD  . MET A 1 46 ? 8.817   14.530  9.235   1.00 28.93  ? 46  MET A SD  1 
ATOM   362  C  CE  . MET A 1 46 ? 10.352  13.598  9.353   1.00 33.85  ? 46  MET A CE  1 
ATOM   363  N  N   . ILE A 1 47 ? 5.598   10.933  8.476   1.00 18.69  ? 47  ILE A N   1 
ATOM   364  C  CA  . ILE A 1 47 ? 5.214   9.579   8.089   1.00 16.41  ? 47  ILE A CA  1 
ATOM   365  C  C   . ILE A 1 47 ? 6.359   8.975   7.274   1.00 17.86  ? 47  ILE A C   1 
ATOM   366  O  O   . ILE A 1 47 ? 7.051   9.674   6.533   1.00 13.72  ? 47  ILE A O   1 
ATOM   367  C  CB  . ILE A 1 47 ? 3.920   9.475   7.263   1.00 21.74  ? 47  ILE A CB  1 
ATOM   368  C  CG1 . ILE A 1 47 ? 3.942   10.277  5.958   1.00 14.48  ? 47  ILE A CG1 1 
ATOM   369  C  CG2 . ILE A 1 47 ? 2.706   9.865   8.099   1.00 19.02  ? 47  ILE A CG2 1 
ATOM   370  C  CD1 . ILE A 1 47 ? 2.737   10.077  5.074   1.00 17.37  ? 47  ILE A CD1 1 
ATOM   371  N  N   . GLY A 1 48 ? 6.514   7.670   7.454   1.00 18.61  ? 48  GLY A N   1 
ATOM   372  C  CA  . GLY A 1 48 ? 7.649   6.983   6.875   1.00 17.48  ? 48  GLY A CA  1 
ATOM   373  C  C   . GLY A 1 48 ? 7.262   5.779   6.055   1.00 22.89  ? 48  GLY A C   1 
ATOM   374  O  O   . GLY A 1 48 ? 6.248   5.114   6.288   1.00 19.19  ? 48  GLY A O   1 
ATOM   375  N  N   . GLY A 1 49 ? 8.116   5.490   5.085   1.00 18.46  ? 49  GLY A N   1 
ATOM   376  C  CA  . GLY A 1 49 ? 8.005   4.286   4.271   1.00 17.66  ? 49  GLY A CA  1 
ATOM   377  C  C   . GLY A 1 49 ? 9.324   4.045   3.554   1.00 14.20  ? 49  GLY A C   1 
ATOM   378  O  O   . GLY A 1 49 ? 10.380  4.450   4.039   1.00 20.30  ? 49  GLY A O   1 
ATOM   379  N  N   . ILE A 1 50 ? 9.240   3.394   2.397   1.00 16.03  ? 50  ILE A N   1 
ATOM   380  C  CA  . ILE A 1 50 ? 10.489  3.141   1.677   1.00 15.74  ? 50  ILE A CA  1 
ATOM   381  C  C   . ILE A 1 50 ? 11.103  4.485   1.339   1.00 18.41  ? 50  ILE A C   1 
ATOM   382  O  O   . ILE A 1 50 ? 10.390  5.422   0.960   1.00 19.16  ? 50  ILE A O   1 
ATOM   383  C  CB  . ILE A 1 50 ? 10.199  2.261   0.462   1.00 19.74  ? 50  ILE A CB  1 
ATOM   384  C  CG1 . ILE A 1 50 ? 10.145  0.766   0.804   1.00 21.06  ? 50  ILE A CG1 1 
ATOM   385  C  CG2 . ILE A 1 50 ? 11.194  2.499   -0.665  1.00 23.05  ? 50  ILE A CG2 1 
ATOM   386  C  CD1 . ILE A 1 50 ? 9.438   -0.068  -0.251  1.00 23.14  ? 50  ILE A CD1 1 
ATOM   387  N  N   . GLY A 1 51 ? 12.414  4.675   1.480   1.00 19.06  ? 51  GLY A N   1 
ATOM   388  C  CA  . GLY A 1 51 ? 12.908  6.010   1.119   1.00 16.85  ? 51  GLY A CA  1 
ATOM   389  C  C   . GLY A 1 51 ? 12.983  6.925   2.317   1.00 19.97  ? 51  GLY A C   1 
ATOM   390  O  O   . GLY A 1 51 ? 13.637  7.972   2.293   1.00 22.03  ? 51  GLY A O   1 
ATOM   391  N  N   . GLY A 1 52 ? 12.341  6.600   3.436   1.00 19.57  ? 52  GLY A N   1 
ATOM   392  C  CA  . GLY A 1 52 ? 12.424  7.482   4.589   1.00 16.98  ? 52  GLY A CA  1 
ATOM   393  C  C   . GLY A 1 52 ? 11.095  8.195   4.834   1.00 21.59  ? 52  GLY A C   1 
ATOM   394  O  O   . GLY A 1 52 ? 10.052  7.714   4.387   1.00 19.07  ? 52  GLY A O   1 
ATOM   395  N  N   . PHE A 1 53 ? 11.148  9.326   5.512   1.00 16.77  ? 53  PHE A N   1 
ATOM   396  C  CA  . PHE A 1 53 ? 10.005  10.088  5.977   1.00 15.93  ? 53  PHE A CA  1 
ATOM   397  C  C   . PHE A 1 53 ? 9.777   11.402  5.246   1.00 19.22  ? 53  PHE A C   1 
ATOM   398  O  O   . PHE A 1 53 ? 10.711  12.004  4.719   1.00 20.10  ? 53  PHE A O   1 
ATOM   399  C  CB  . PHE A 1 53 ? 10.229  10.440  7.455   1.00 12.04  ? 53  PHE A CB  1 
ATOM   400  C  CG  . PHE A 1 53 ? 10.152  9.270   8.399   1.00 14.78  ? 53  PHE A CG  1 
ATOM   401  C  CD1 . PHE A 1 53 ? 11.193  8.363   8.477   1.00 17.69  ? 53  PHE A CD1 1 
ATOM   402  C  CD2 . PHE A 1 53 ? 9.037   9.086   9.197   1.00 17.94  ? 53  PHE A CD2 1 
ATOM   403  C  CE1 . PHE A 1 53 ? 11.103  7.285   9.331   1.00 19.51  ? 53  PHE A CE1 1 
ATOM   404  C  CE2 . PHE A 1 53 ? 8.942   8.007   10.058  1.00 19.89  ? 53  PHE A CE2 1 
ATOM   405  C  CZ  . PHE A 1 53 ? 9.988   7.101   10.126  1.00 18.46  ? 53  PHE A CZ  1 
ATOM   406  N  N   . ILE A 1 54 ? 8.522   11.839  5.231   1.00 14.76  ? 54  ILE A N   1 
ATOM   407  C  CA  . ILE A 1 54 ? 8.111   13.150  4.778   1.00 10.45  ? 54  ILE A CA  1 
ATOM   408  C  C   . ILE A 1 54 ? 7.292   13.824  5.891   1.00 15.57  ? 54  ILE A C   1 
ATOM   409  O  O   . ILE A 1 54 ? 6.686   13.179  6.748   1.00 15.13  ? 54  ILE A O   1 
ATOM   410  C  CB  . ILE A 1 54 ? 7.247   13.166  3.511   1.00 14.00  ? 54  ILE A CB  1 
ATOM   411  C  CG1 . ILE A 1 54 ? 5.880   12.484  3.641   1.00 16.81  ? 54  ILE A CG1 1 
ATOM   412  C  CG2 . ILE A 1 54 ? 8.016   12.582  2.326   1.00 18.67  ? 54  ILE A CG2 1 
ATOM   413  C  CD1 . ILE A 1 54 ? 5.046   12.569  2.380   1.00 20.31  ? 54  ILE A CD1 1 
ATOM   414  N  N   . LYS A 1 55 ? 7.320   15.152  5.840   1.00 17.36  ? 55  LYS A N   1 
ATOM   415  C  CA  . LYS A 1 55 ? 6.508   15.945  6.745   1.00 15.12  ? 55  LYS A CA  1 
ATOM   416  C  C   . LYS A 1 55 ? 5.166   16.238  6.082   1.00 16.44  ? 55  LYS A C   1 
ATOM   417  O  O   . LYS A 1 55 ? 5.109   16.586  4.897   1.00 18.56  ? 55  LYS A O   1 
ATOM   418  C  CB  . LYS A 1 55 ? 7.198   17.269  7.119   1.00 21.67  ? 55  LYS A CB  1 
ATOM   419  C  CG  . LYS A 1 55 ? 6.363   18.076  8.109   1.00 24.36  ? 55  LYS A CG  1 
ATOM   420  C  CD  . LYS A 1 55 ? 7.087   19.351  8.521   1.00 27.23  ? 55  LYS A CD  1 
ATOM   421  C  CE  . LYS A 1 55 ? 6.347   19.954  9.712   1.00 39.61  ? 55  LYS A CE  1 
ATOM   422  N  NZ  . LYS A 1 55 ? 7.007   21.171  10.249  1.00 56.07  ? 55  LYS A NZ  1 
ATOM   423  N  N   . VAL A 1 56 ? 4.087   16.101  6.827   1.00 12.94  ? 56  VAL A N   1 
ATOM   424  C  CA  . VAL A 1 56 ? 2.753   16.355  6.301   1.00 13.08  ? 56  VAL A CA  1 
ATOM   425  C  C   . VAL A 1 56 ? 1.945   17.193  7.302   1.00 15.57  ? 56  VAL A C   1 
ATOM   426  O  O   . VAL A 1 56 ? 2.377   17.356  8.451   1.00 18.76  ? 56  VAL A O   1 
ATOM   427  C  CB  . VAL A 1 56 ? 1.939   15.071  6.070   1.00 18.71  ? 56  VAL A CB  1 
ATOM   428  C  CG1 . VAL A 1 56 ? 2.517   14.239  4.949   1.00 19.59  ? 56  VAL A CG1 1 
ATOM   429  C  CG2 . VAL A 1 56 ? 1.869   14.282  7.385   1.00 15.25  ? 56  VAL A CG2 1 
ATOM   430  N  N   . ARG A 1 57 ? 0.801   17.666  6.828   1.00 14.76  ? 57  ARG A N   1 
ATOM   431  C  CA  . ARG A 1 57 ? -0.161  18.398  7.648   1.00 14.13  ? 57  ARG A CA  1 
ATOM   432  C  C   . ARG A 1 57 ? -1.320  17.460  7.984   1.00 10.13  ? 57  ARG A C   1 
ATOM   433  O  O   . ARG A 1 57 ? -1.891  16.887  7.059   1.00 15.52  ? 57  ARG A O   1 
ATOM   434  C  CB  . ARG A 1 57 ? -0.692  19.639  6.934   1.00 13.11  ? 57  ARG A CB  1 
ATOM   435  C  CG  . ARG A 1 57 ? 0.339   20.715  6.695   1.00 17.84  ? 57  ARG A CG  1 
ATOM   436  C  CD  . ARG A 1 57 ? -0.208  22.046  6.252   1.00 24.99  ? 57  ARG A CD  1 
ATOM   437  N  NE  . ARG A 1 57 ? -1.185  22.116  5.211   1.00 40.03  ? 57  ARG A NE  1 
ATOM   438  C  CZ  . ARG A 1 57 ? -1.247  22.037  3.903   1.00 46.41  ? 57  ARG A CZ  1 
ATOM   439  N  NH1 . ARG A 1 57 ? -0.183  21.817  3.134   1.00 27.29  ? 57  ARG A NH1 1 
ATOM   440  N  NH2 . ARG A 1 57 ? -2.434  22.179  3.298   1.00 23.81  ? 57  ARG A NH2 1 
ATOM   441  N  N   . GLN A 1 58 ? -1.641  17.310  9.261   1.00 15.49  ? 58  GLN A N   1 
ATOM   442  C  CA  . GLN A 1 58 ? -2.735  16.427  9.655   1.00 14.97  ? 58  GLN A CA  1 
ATOM   443  C  C   . GLN A 1 58 ? -4.017  17.219  9.879   1.00 15.10  ? 58  GLN A C   1 
ATOM   444  O  O   . GLN A 1 58 ? -4.006  17.994  10.844  1.00 18.35  ? 58  GLN A O   1 
ATOM   445  C  CB  . GLN A 1 58 ? -2.384  15.693  10.952  1.00 16.73  ? 58  GLN A CB  1 
ATOM   446  C  CG  . GLN A 1 58 ? -3.477  14.687  11.336  1.00 13.30  ? 58  GLN A CG  1 
ATOM   447  C  CD  . GLN A 1 58 ? -3.164  14.038  12.675  1.00 26.29  ? 58  GLN A CD  1 
ATOM   448  O  OE1 . GLN A 1 58 ? -2.010  13.793  13.012  1.00 25.53  ? 58  GLN A OE1 1 
ATOM   449  N  NE2 . GLN A 1 58 ? -4.215  13.768  13.439  1.00 25.40  ? 58  GLN A NE2 1 
ATOM   450  N  N   . TYR A 1 59 ? -5.007  17.034  9.026   1.00 15.71  ? 59  TYR A N   1 
ATOM   451  C  CA  . TYR A 1 59 ? -6.334  17.625  9.165   1.00 15.10  ? 59  TYR A CA  1 
ATOM   452  C  C   . TYR A 1 59 ? -7.312  16.582  9.704   1.00 18.43  ? 59  TYR A C   1 
ATOM   453  O  O   . TYR A 1 59 ? -7.456  15.508  9.129   1.00 18.68  ? 59  TYR A O   1 
ATOM   454  C  CB  . TYR A 1 59 ? -6.882  18.138  7.836   1.00 13.69  ? 59  TYR A CB  1 
ATOM   455  C  CG  . TYR A 1 59 ? -6.081  19.295  7.278   1.00 20.02  ? 59  TYR A CG  1 
ATOM   456  C  CD1 . TYR A 1 59 ? -4.941  19.060  6.514   1.00 19.51  ? 59  TYR A CD1 1 
ATOM   457  C  CD2 . TYR A 1 59 ? -6.461  20.615  7.518   1.00 21.14  ? 59  TYR A CD2 1 
ATOM   458  C  CE1 . TYR A 1 59 ? -4.195  20.109  5.995   1.00 20.19  ? 59  TYR A CE1 1 
ATOM   459  C  CE2 . TYR A 1 59 ? -5.717  21.669  7.001   1.00 21.41  ? 59  TYR A CE2 1 
ATOM   460  C  CZ  . TYR A 1 59 ? -4.587  21.410  6.244   1.00 21.93  ? 59  TYR A CZ  1 
ATOM   461  O  OH  . TYR A 1 59 ? -3.840  22.442  5.723   1.00 18.67  ? 59  TYR A OH  1 
ATOM   462  N  N   . ASP A 1 60 ? -7.981  16.887  10.811  1.00 17.75  ? 60  ASP A N   1 
ATOM   463  C  CA  . ASP A 1 60 ? -8.924  15.890  11.331  1.00 18.87  ? 60  ASP A CA  1 
ATOM   464  C  C   . ASP A 1 60 ? -10.342 16.168  10.846  1.00 22.04  ? 60  ASP A C   1 
ATOM   465  O  O   . ASP A 1 60 ? -10.665 17.289  10.436  1.00 18.13  ? 60  ASP A O   1 
ATOM   466  C  CB  . ASP A 1 60 ? -8.851  15.861  12.860  1.00 18.30  ? 60  ASP A CB  1 
ATOM   467  C  CG  . ASP A 1 60 ? -7.549  15.261  13.371  1.00 26.76  ? 60  ASP A CG  1 
ATOM   468  O  OD1 . ASP A 1 60 ? -6.969  14.366  12.716  1.00 23.51  ? 60  ASP A OD1 1 
ATOM   469  O  OD2 . ASP A 1 60 ? -7.103  15.696  14.456  1.00 30.63  ? 60  ASP A OD2 1 
ATOM   470  N  N   . GLN A 1 61 ? -11.175 15.128  10.871  1.00 17.86  ? 61  GLN A N   1 
ATOM   471  C  CA  . GLN A 1 61 ? -12.589 15.252  10.519  1.00 21.84  ? 61  GLN A CA  1 
ATOM   472  C  C   . GLN A 1 61 ? -12.840 15.900  9.171   1.00 27.30  ? 61  GLN A C   1 
ATOM   473  O  O   . GLN A 1 61 ? -13.558 16.899  9.018   1.00 26.83  ? 61  GLN A O   1 
ATOM   474  C  CB  . GLN A 1 61 ? -13.300 16.065  11.624  1.00 27.41  ? 61  GLN A CB  1 
ATOM   475  C  CG  . GLN A 1 61 ? -13.352 15.269  12.934  1.00 30.66  ? 61  GLN A CG  1 
ATOM   476  C  CD  . GLN A 1 61 ? -13.958 16.134  14.025  1.00 43.46  ? 61  GLN A CD  1 
ATOM   477  O  OE1 . GLN A 1 61 ? -14.982 15.782  14.608  1.00 68.15  ? 61  GLN A OE1 1 
ATOM   478  N  NE2 . GLN A 1 61 ? -13.308 17.265  14.277  1.00 47.50  ? 61  GLN A NE2 1 
ATOM   479  N  N   . ILE A 1 62 ? -12.225 15.322  8.151   1.00 14.42  ? 62  ILE A N   1 
ATOM   480  C  CA  . ILE A 1 62 ? -12.421 15.752  6.776   1.00 15.55  ? 62  ILE A CA  1 
ATOM   481  C  C   . ILE A 1 62 ? -13.347 14.776  6.078   1.00 18.99  ? 62  ILE A C   1 
ATOM   482  O  O   . ILE A 1 62 ? -13.249 13.552  6.225   1.00 21.69  ? 62  ILE A O   1 
ATOM   483  C  CB  . ILE A 1 62 ? -11.061 15.827  6.048   1.00 16.68  ? 62  ILE A CB  1 
ATOM   484  C  CG1 . ILE A 1 62 ? -10.099 16.822  6.709   1.00 17.33  ? 62  ILE A CG1 1 
ATOM   485  C  CG2 . ILE A 1 62 ? -11.239 16.114  4.571   1.00 15.72  ? 62  ILE A CG2 1 
ATOM   486  C  CD1 . ILE A 1 62 ? -10.593 18.254  6.631   1.00 23.27  ? 62  ILE A CD1 1 
ATOM   487  N  N   . ILE A 1 63 ? -14.278 15.304  5.291   1.00 19.27  ? 63  ILE A N   1 
ATOM   488  C  CA  . ILE A 1 63 ? -15.127 14.384  4.551   1.00 21.18  ? 63  ILE A CA  1 
ATOM   489  C  C   . ILE A 1 63 ? -14.582 14.161  3.150   1.00 19.34  ? 63  ILE A C   1 
ATOM   490  O  O   . ILE A 1 63 ? -14.122 15.097  2.516   1.00 25.68  ? 63  ILE A O   1 
ATOM   491  C  CB  . ILE A 1 63 ? -16.566 14.902  4.455   1.00 26.40  ? 63  ILE A CB  1 
ATOM   492  C  CG1 . ILE A 1 63 ? -17.309 14.882  5.791   1.00 29.86  ? 63  ILE A CG1 1 
ATOM   493  C  CG2 . ILE A 1 63 ? -17.296 14.125  3.373   1.00 33.55  ? 63  ILE A CG2 1 
ATOM   494  C  CD1 . ILE A 1 63 ? -18.515 15.798  5.817   1.00 30.25  ? 63  ILE A CD1 1 
ATOM   495  N  N   . ILE A 1 64 ? -14.630 12.924  2.704   1.00 18.99  ? 64  ILE A N   1 
ATOM   496  C  CA  . ILE A 1 64 ? -14.192 12.536  1.379   1.00 23.71  ? 64  ILE A CA  1 
ATOM   497  C  C   . ILE A 1 64 ? -15.267 11.625  0.773   1.00 23.52  ? 64  ILE A C   1 
ATOM   498  O  O   . ILE A 1 64 ? -15.944 10.860  1.454   1.00 27.82  ? 64  ILE A O   1 
ATOM   499  C  CB  . ILE A 1 64 ? -12.841 11.816  1.337   1.00 20.18  ? 64  ILE A CB  1 
ATOM   500  C  CG1 . ILE A 1 64 ? -11.623 12.531  1.917   1.00 29.38  ? 64  ILE A CG1 1 
ATOM   501  C  CG2 . ILE A 1 64 ? -12.465 11.453  -0.104  1.00 32.28  ? 64  ILE A CG2 1 
ATOM   502  C  CD1 . ILE A 1 64 ? -10.347 11.951  1.313   1.00 22.60  ? 64  ILE A CD1 1 
ATOM   503  N  N   . GLU A 1 65 ? -15.412 11.751  -0.534  1.00 16.24  ? 65  GLU A N   1 
ATOM   504  C  CA  . GLU A 1 65 ? -16.283 10.874  -1.306  1.00 25.49  ? 65  GLU A CA  1 
ATOM   505  C  C   . GLU A 1 65 ? -15.371 9.922   -2.071  1.00 22.67  ? 65  GLU A C   1 
ATOM   506  O  O   . GLU A 1 65 ? -14.568 10.408  -2.863  1.00 20.09  ? 65  GLU A O   1 
ATOM   507  C  CB  . GLU A 1 65 ? -17.159 11.669  -2.263  1.00 33.31  ? 65  GLU A CB  1 
ATOM   508  C  CG  . GLU A 1 65 ? -18.232 10.887  -2.993  1.00 54.96  ? 65  GLU A CG  1 
ATOM   509  C  CD  . GLU A 1 65 ? -19.503 11.711  -3.147  1.00 69.71  ? 65  GLU A CD  1 
ATOM   510  O  OE1 . GLU A 1 65 ? -19.425 12.951  -2.977  1.00 68.97  ? 65  GLU A OE1 1 
ATOM   511  O  OE2 . GLU A 1 65 ? -20.555 11.099  -3.428  1.00 95.09  ? 65  GLU A OE2 1 
ATOM   512  N  N   . ILE A 1 66 ? -15.487 8.637   -1.785  1.00 21.91  ? 66  ILE A N   1 
ATOM   513  C  CA  . ILE A 1 66 ? -14.573 7.659   -2.386  1.00 21.67  ? 66  ILE A CA  1 
ATOM   514  C  C   . ILE A 1 66 ? -15.371 6.713   -3.267  1.00 16.62  ? 66  ILE A C   1 
ATOM   515  O  O   . ILE A 1 66 ? -16.156 5.936   -2.731  1.00 21.66  ? 66  ILE A O   1 
ATOM   516  C  CB  . ILE A 1 66 ? -13.794 6.873   -1.313  1.00 21.80  ? 66  ILE A CB  1 
ATOM   517  C  CG1 . ILE A 1 66 ? -12.892 7.740   -0.424  1.00 22.36  ? 66  ILE A CG1 1 
ATOM   518  C  CG2 . ILE A 1 66 ? -12.998 5.742   -1.952  1.00 17.42  ? 66  ILE A CG2 1 
ATOM   519  C  CD1 . ILE A 1 66 ? -12.664 7.202   0.977   1.00 19.04  ? 66  ILE A CD1 1 
ATOM   520  N  N   . ALA A 1 67 ? -15.168 6.816   -4.576  1.00 22.87  ? 67  ALA A N   1 
ATOM   521  C  CA  . ALA A 1 67 ? -15.942 6.005   -5.508  1.00 27.89  ? 67  ALA A CA  1 
ATOM   522  C  C   . ALA A 1 67 ? -17.434 6.090   -5.199  1.00 27.05  ? 67  ALA A C   1 
ATOM   523  O  O   . ALA A 1 67 ? -18.094 5.053   -5.261  1.00 26.20  ? 67  ALA A O   1 
ATOM   524  C  CB  . ALA A 1 67 ? -15.520 4.544   -5.450  1.00 25.23  ? 67  ALA A CB  1 
ATOM   525  N  N   . GLY A 1 68 ? -17.923 7.269   -4.837  1.00 28.11  ? 68  GLY A N   1 
ATOM   526  C  CA  . GLY A 1 68 ? -19.331 7.483   -4.553  1.00 30.23  ? 68  GLY A CA  1 
ATOM   527  C  C   . GLY A 1 68 ? -19.774 7.102   -3.158  1.00 34.01  ? 68  GLY A C   1 
ATOM   528  O  O   . GLY A 1 68 ? -20.976 7.099   -2.866  1.00 38.48  ? 68  GLY A O   1 
ATOM   529  N  N   . HIS A 1 69 ? -18.809 6.775   -2.297  1.00 22.60  ? 69  HIS A N   1 
ATOM   530  C  CA  . HIS A 1 69 ? -19.082 6.367   -0.920  1.00 22.72  ? 69  HIS A CA  1 
ATOM   531  C  C   . HIS A 1 69 ? -18.552 7.453   0.012   1.00 30.13  ? 69  HIS A C   1 
ATOM   532  O  O   . HIS A 1 69 ? -17.354 7.732   -0.025  1.00 25.13  ? 69  HIS A O   1 
ATOM   533  C  CB  . HIS A 1 69 ? -18.428 5.026   -0.582  1.00 23.98  ? 69  HIS A CB  1 
ATOM   534  C  CG  . HIS A 1 69 ? -19.047 3.865   -1.301  1.00 35.83  ? 69  HIS A CG  1 
ATOM   535  N  ND1 . HIS A 1 69 ? -18.985 3.697   -2.663  1.00 34.53  ? 69  HIS A ND1 1 
ATOM   536  C  CD2 . HIS A 1 69 ? -19.756 2.805   -0.845  1.00 48.69  ? 69  HIS A CD2 1 
ATOM   537  C  CE1 . HIS A 1 69 ? -19.619 2.594   -3.020  1.00 37.11  ? 69  HIS A CE1 1 
ATOM   538  N  NE2 . HIS A 1 69 ? -20.098 2.027   -1.930  1.00 45.57  ? 69  HIS A NE2 1 
ATOM   539  N  N   . LYS A 1 70 ? -19.432 8.045   0.809   1.00 28.18  ? 70  LYS A N   1 
ATOM   540  C  CA  . LYS A 1 70 ? -19.055 9.078   1.759   1.00 26.49  ? 70  LYS A CA  1 
ATOM   541  C  C   . LYS A 1 70 ? -18.273 8.502   2.937   1.00 32.27  ? 70  LYS A C   1 
ATOM   542  O  O   . LYS A 1 70 ? -18.604 7.431   3.463   1.00 30.78  ? 70  LYS A O   1 
ATOM   543  C  CB  . LYS A 1 70 ? -20.310 9.786   2.276   1.00 48.23  ? 70  LYS A CB  1 
ATOM   544  C  CG  . LYS A 1 70 ? -20.265 11.299  2.239   1.00 68.53  ? 70  LYS A CG  1 
ATOM   545  C  CD  . LYS A 1 70 ? -21.524 11.887  1.622   1.00 82.27  ? 70  LYS A CD  1 
ATOM   546  C  CE  . LYS A 1 70 ? -22.733 10.974  1.769   1.00 86.73  ? 70  LYS A CE  1 
ATOM   547  N  NZ  . LYS A 1 70 ? -24.006 11.662  1.392   1.00 96.70  ? 70  LYS A NZ  1 
ATOM   548  N  N   . ALA A 1 71 ? -17.232 9.219   3.365   1.00 22.43  ? 71  ALA A N   1 
ATOM   549  C  CA  . ALA A 1 71 ? -16.513 8.831   4.582   1.00 23.24  ? 71  ALA A CA  1 
ATOM   550  C  C   . ALA A 1 71 ? -15.956 10.089  5.253   1.00 28.75  ? 71  ALA A C   1 
ATOM   551  O  O   . ALA A 1 71 ? -15.762 11.079  4.545   1.00 31.71  ? 71  ALA A O   1 
ATOM   552  C  CB  . ALA A 1 71 ? -15.403 7.844   4.316   1.00 23.51  ? 71  ALA A CB  1 
ATOM   553  N  N   . ILE A 1 72 ? -15.730 10.008  6.555   1.00 17.46  ? 72  ILE A N   1 
ATOM   554  C  CA  . ILE A 1 72 ? -15.076 11.079  7.292   1.00 15.15  ? 72  ILE A CA  1 
ATOM   555  C  C   . ILE A 1 72 ? -13.908 10.531  8.110   1.00 23.43  ? 72  ILE A C   1 
ATOM   556  O  O   . ILE A 1 72 ? -13.899 9.467   8.730   1.00 21.49  ? 72  ILE A O   1 
ATOM   557  C  CB  . ILE A 1 72 ? -16.024 11.899  8.194   1.00 16.23  ? 72  ILE A CB  1 
ATOM   558  C  CG1 . ILE A 1 72 ? -15.348 13.116  8.823   1.00 19.41  ? 72  ILE A CG1 1 
ATOM   559  C  CG2 . ILE A 1 72 ? -16.675 11.058  9.280   1.00 24.35  ? 72  ILE A CG2 1 
ATOM   560  C  CD1 . ILE A 1 72 ? -16.315 14.128  9.406   1.00 25.62  ? 72  ILE A CD1 1 
ATOM   561  N  N   . GLY A 1 73 ? -12.819 11.313  8.120   1.00 18.11  ? 73  GLY A N   1 
ATOM   562  C  CA  . GLY A 1 73 ? -11.715 10.919  8.977   1.00 18.41  ? 73  GLY A CA  1 
ATOM   563  C  C   . GLY A 1 73 ? -10.540 11.868  8.780   1.00 23.12  ? 73  GLY A C   1 
ATOM   564  O  O   . GLY A 1 73 ? -10.700 12.941  8.203   1.00 19.22  ? 73  GLY A O   1 
ATOM   565  N  N   . THR A 1 74 ? -9.398  11.439  9.281   1.00 16.03  ? 74  THR A N   1 
ATOM   566  C  CA  . THR A 1 74 ? -8.197  12.290  9.271   1.00 13.75  ? 74  THR A CA  1 
ATOM   567  C  C   . THR A 1 74 ? -7.591  12.191  7.889   1.00 17.08  ? 74  THR A C   1 
ATOM   568  O  O   . THR A 1 74 ? -7.528  11.113  7.287   1.00 15.91  ? 74  THR A O   1 
ATOM   569  C  CB  . THR A 1 74 ? -7.205  11.842  10.359  1.00 16.31  ? 74  THR A CB  1 
ATOM   570  O  OG1 . THR A 1 74 ? -7.701  12.224  11.655  1.00 19.08  ? 74  THR A OG1 1 
ATOM   571  C  CG2 . THR A 1 74 ? -5.833  12.489  10.182  1.00 16.08  ? 74  THR A CG2 1 
ATOM   572  N  N   . VAL A 1 75 ? -7.142  13.324  7.366   1.00 13.99  ? 75  VAL A N   1 
ATOM   573  C  CA  . VAL A 1 75 ? -6.497  13.329  6.058   1.00 13.10  ? 75  VAL A CA  1 
ATOM   574  C  C   . VAL A 1 75 ? -5.146  14.018  6.205   1.00 15.79  ? 75  VAL A C   1 
ATOM   575  O  O   . VAL A 1 75 ? -5.040  15.106  6.776   1.00 14.76  ? 75  VAL A O   1 
ATOM   576  C  CB  . VAL A 1 75 ? -7.361  14.023  4.993   1.00 16.11  ? 75  VAL A CB  1 
ATOM   577  C  CG1 . VAL A 1 75 ? -6.587  14.264  3.713   1.00 12.30  ? 75  VAL A CG1 1 
ATOM   578  C  CG2 . VAL A 1 75 ? -8.609  13.183  4.721   1.00 17.31  ? 75  VAL A CG2 1 
ATOM   579  N  N   . LEU A 1 76 ? -4.106  13.359  5.702   1.00 14.48  ? 76  LEU A N   1 
ATOM   580  C  CA  . LEU A 1 76 ? -2.775  13.959  5.747   1.00 14.53  ? 76  LEU A CA  1 
ATOM   581  C  C   . LEU A 1 76 ? -2.466  14.600  4.396   1.00 12.32  ? 76  LEU A C   1 
ATOM   582  O  O   . LEU A 1 76 ? -2.781  14.013  3.359   1.00 15.72  ? 76  LEU A O   1 
ATOM   583  C  CB  . LEU A 1 76 ? -1.720  12.896  6.079   1.00 13.19  ? 76  LEU A CB  1 
ATOM   584  C  CG  . LEU A 1 76 ? -2.072  12.008  7.283   1.00 11.94  ? 76  LEU A CG  1 
ATOM   585  C  CD1 . LEU A 1 76 ? -0.929  11.026  7.529   1.00 13.31  ? 76  LEU A CD1 1 
ATOM   586  C  CD2 . LEU A 1 76 ? -2.348  12.863  8.510   1.00 12.19  ? 76  LEU A CD2 1 
ATOM   587  N  N   . VAL A 1 77 ? -1.868  15.786  4.460   1.00 14.94  ? 77  VAL A N   1 
ATOM   588  C  CA  . VAL A 1 77 ? -1.634  16.548  3.234   1.00 14.05  ? 77  VAL A CA  1 
ATOM   589  C  C   . VAL A 1 77 ? -0.145  16.857  3.098   1.00 13.47  ? 77  VAL A C   1 
ATOM   590  O  O   . VAL A 1 77 ? 0.447   17.391  4.038   1.00 14.72  ? 77  VAL A O   1 
ATOM   591  C  CB  . VAL A 1 77 ? -2.438  17.858  3.223   1.00 17.29  ? 77  VAL A CB  1 
ATOM   592  C  CG1 . VAL A 1 77 ? -2.077  18.672  1.989   1.00 14.10  ? 77  VAL A CG1 1 
ATOM   593  C  CG2 . VAL A 1 77 ? -3.930  17.562  3.257   1.00 17.42  ? 77  VAL A CG2 1 
ATOM   594  N  N   . GLY A 1 78 ? 0.424   16.490  1.944   1.00 15.42  ? 78  GLY A N   1 
ATOM   595  C  CA  . GLY A 1 78 ? 1.870   16.647  1.810   1.00 14.96  ? 78  GLY A CA  1 
ATOM   596  C  C   . GLY A 1 78 ? 2.374   16.185  0.460   1.00 12.61  ? 78  GLY A C   1 
ATOM   597  O  O   . GLY A 1 78 ? 1.603   15.812  -0.418  1.00 16.36  ? 78  GLY A O   1 
ATOM   598  N  N   . PRO A 1 79 ? 3.705   16.224  0.323   1.00 16.17  ? 79  PRO A N   1 
ATOM   599  C  CA  . PRO A 1 79 ? 4.329   16.021  -0.982  1.00 18.34  ? 79  PRO A CA  1 
ATOM   600  C  C   . PRO A 1 79 ? 4.390   14.550  -1.377  1.00 20.27  ? 79  PRO A C   1 
ATOM   601  O  O   . PRO A 1 79 ? 5.410   13.883  -1.190  1.00 19.90  ? 79  PRO A O   1 
ATOM   602  C  CB  . PRO A 1 79 ? 5.751   16.558  -0.775  1.00 18.99  ? 79  PRO A CB  1 
ATOM   603  C  CG  . PRO A 1 79 ? 6.006   16.368  0.686   1.00 23.67  ? 79  PRO A CG  1 
ATOM   604  C  CD  . PRO A 1 79 ? 4.681   16.467  1.393   1.00 16.55  ? 79  PRO A CD  1 
ATOM   605  N  N   . THR A 1 80 ? 3.291   14.094  -1.944  1.00 23.44  ? 80  THR A N   1 
ATOM   606  C  CA  . THR A 1 80 ? 3.185   12.802  -2.604  1.00 20.19  ? 80  THR A CA  1 
ATOM   607  C  C   . THR A 1 80 ? 2.764   12.993  -4.049  1.00 17.09  ? 80  THR A C   1 
ATOM   608  O  O   . THR A 1 80 ? 1.911   13.809  -4.375  1.00 28.69  ? 80  THR A O   1 
ATOM   609  C  CB  . THR A 1 80 ? 2.174   11.872  -1.902  1.00 20.95  ? 80  THR A CB  1 
ATOM   610  O  OG1 . THR A 1 80 ? 1.985   10.697  -2.701  1.00 22.11  ? 80  THR A OG1 1 
ATOM   611  C  CG2 . THR A 1 80 ? 0.818   12.557  -1.767  1.00 13.22  ? 80  THR A CG2 1 
ATOM   612  N  N   . PRO A 1 81 ? 3.349   12.207  -4.943  1.00 27.54  ? 81  PRO A N   1 
ATOM   613  C  CA  . PRO A 1 81 ? 2.964   12.213  -6.349  1.00 25.37  ? 81  PRO A CA  1 
ATOM   614  C  C   . PRO A 1 81 ? 1.619   11.564  -6.643  1.00 30.71  ? 81  PRO A C   1 
ATOM   615  O  O   . PRO A 1 81 ? 1.005   11.764  -7.692  1.00 26.40  ? 81  PRO A O   1 
ATOM   616  C  CB  . PRO A 1 81 ? 4.062   11.340  -6.977  1.00 36.54  ? 81  PRO A CB  1 
ATOM   617  C  CG  . PRO A 1 81 ? 4.504   10.436  -5.879  1.00 28.76  ? 81  PRO A CG  1 
ATOM   618  C  CD  . PRO A 1 81 ? 4.449   11.270  -4.625  1.00 24.04  ? 81  PRO A CD  1 
ATOM   619  N  N   . VAL A 1 82 ? 1.142   10.742  -5.716  1.00 30.36  ? 82  VAL A N   1 
ATOM   620  C  CA  . VAL A 1 82 ? -0.110  10.026  -5.915  1.00 24.30  ? 82  VAL A CA  1 
ATOM   621  C  C   . VAL A 1 82 ? -0.952  10.126  -4.647  1.00 20.19  ? 82  VAL A C   1 
ATOM   622  O  O   . VAL A 1 82 ? -0.397  9.944   -3.564  1.00 18.05  ? 82  VAL A O   1 
ATOM   623  C  CB  . VAL A 1 82 ? 0.133   8.545   -6.238  1.00 25.66  ? 82  VAL A CB  1 
ATOM   624  C  CG1 . VAL A 1 82 ? -1.180  7.777   -6.368  1.00 19.90  ? 82  VAL A CG1 1 
ATOM   625  C  CG2 . VAL A 1 82 ? 0.942   8.406   -7.521  1.00 33.92  ? 82  VAL A CG2 1 
ATOM   626  N  N   . ASN A 1 83 ? -2.241  10.421  -4.789  1.00 19.98  ? 83  ASN A N   1 
ATOM   627  C  CA  . ASN A 1 83 ? -3.139  10.470  -3.637  1.00 15.21  ? 83  ASN A CA  1 
ATOM   628  C  C   . ASN A 1 83 ? -3.368  9.048   -3.134  1.00 17.59  ? 83  ASN A C   1 
ATOM   629  O  O   . ASN A 1 83 ? -3.623  8.167   -3.964  1.00 17.46  ? 83  ASN A O   1 
ATOM   630  C  CB  . ASN A 1 83 ? -4.469  11.113  -4.045  1.00 18.68  ? 83  ASN A CB  1 
ATOM   631  C  CG  . ASN A 1 83 ? -4.233  12.516  -4.602  1.00 22.37  ? 83  ASN A CG  1 
ATOM   632  O  OD1 . ASN A 1 83 ? -3.553  13.286  -3.929  1.00 22.50  ? 83  ASN A OD1 1 
ATOM   633  N  ND2 . ASN A 1 83 ? -4.748  12.818  -5.787  1.00 18.73  ? 83  ASN A ND2 1 
ATOM   634  N  N   . ILE A 1 84 ? -3.295  8.791   -1.834  1.00 15.50  ? 84  ILE A N   1 
ATOM   635  C  CA  . ILE A 1 84 ? -3.646  7.430   -1.435  1.00 17.17  ? 84  ILE A CA  1 
ATOM   636  C  C   . ILE A 1 84 ? -4.702  7.459   -0.325  1.00 17.73  ? 84  ILE A C   1 
ATOM   637  O  O   . ILE A 1 84 ? -4.694  8.254   0.611   1.00 14.87  ? 84  ILE A O   1 
ATOM   638  C  CB  . ILE A 1 84 ? -2.461  6.601   -0.943  1.00 25.72  ? 84  ILE A CB  1 
ATOM   639  C  CG1 . ILE A 1 84 ? -1.762  7.208   0.271   1.00 28.36  ? 84  ILE A CG1 1 
ATOM   640  C  CG2 . ILE A 1 84 ? -1.479  6.339   -2.075  1.00 30.93  ? 84  ILE A CG2 1 
ATOM   641  C  CD1 . ILE A 1 84 ? -0.258  7.024   0.243   1.00 48.66  ? 84  ILE A CD1 1 
ATOM   642  N  N   . ILE A 1 85 ? -5.624  6.533   -0.520  1.00 11.67  ? 85  ILE A N   1 
ATOM   643  C  CA  . ILE A 1 85 ? -6.692  6.287   0.440   1.00 13.29  ? 85  ILE A CA  1 
ATOM   644  C  C   . ILE A 1 85 ? -6.238  5.127   1.327   1.00 11.17  ? 85  ILE A C   1 
ATOM   645  O  O   . ILE A 1 85 ? -6.091  4.014   0.821   1.00 16.06  ? 85  ILE A O   1 
ATOM   646  C  CB  . ILE A 1 85 ? -8.027  5.978   -0.234  1.00 15.00  ? 85  ILE A CB  1 
ATOM   647  C  CG1 . ILE A 1 85 ? -8.523  7.076   -1.196  1.00 17.34  ? 85  ILE A CG1 1 
ATOM   648  C  CG2 . ILE A 1 85 ? -9.093  5.685   0.812   1.00 16.07  ? 85  ILE A CG2 1 
ATOM   649  C  CD1 . ILE A 1 85 ? -8.623  8.454   -0.555  1.00 14.61  ? 85  ILE A CD1 1 
ATOM   650  N  N   . GLY A 1 86 ? -6.005  5.443   2.593   1.00 10.40  ? 86  GLY A N   1 
ATOM   651  C  CA  . GLY A 1 86 ? -5.424  4.471   3.507   1.00 12.22  ? 86  GLY A CA  1 
ATOM   652  C  C   . GLY A 1 86 ? -6.490  3.781   4.340   1.00 16.27  ? 86  GLY A C   1 
ATOM   653  O  O   . GLY A 1 86 ? -7.679  4.048   4.159   1.00 14.35  ? 86  GLY A O   1 
ATOM   654  N  N   . ARG A 1 87 ? -6.041  2.902   5.239   1.00 10.45  ? 87  ARG A N   1 
ATOM   655  C  CA  . ARG A 1 87 ? -6.984  2.048   5.946   1.00 11.27  ? 87  ARG A CA  1 
ATOM   656  C  C   . ARG A 1 87 ? -7.982  2.869   6.763   1.00 13.85  ? 87  ARG A C   1 
ATOM   657  O  O   . ARG A 1 87 ? -9.127  2.441   6.898   1.00 14.25  ? 87  ARG A O   1 
ATOM   658  C  CB  . ARG A 1 87 ? -6.239  1.067   6.853   1.00 10.67  ? 87  ARG A CB  1 
ATOM   659  C  CG  . ARG A 1 87 ? -5.483  0.002   6.066   1.00 14.06  ? 87  ARG A CG  1 
ATOM   660  C  CD  . ARG A 1 87 ? -4.820  -1.027  6.984   1.00 12.26  ? 87  ARG A CD  1 
ATOM   661  N  NE  . ARG A 1 87 ? -3.939  -0.441  7.966   1.00 12.66  ? 87  ARG A NE  1 
ATOM   662  C  CZ  . ARG A 1 87 ? -4.200  -0.185  9.239   1.00 17.40  ? 87  ARG A CZ  1 
ATOM   663  N  NH1 . ARG A 1 87 ? -5.373  -0.450  9.812   1.00 10.72  ? 87  ARG A NH1 1 
ATOM   664  N  NH2 . ARG A 1 87 ? -3.252  0.370   9.990   1.00 17.18  ? 87  ARG A NH2 1 
ATOM   665  N  N   . ASN A 1 88 ? -7.565  4.024   7.280   1.00 13.61  ? 88  ASN A N   1 
ATOM   666  C  CA  . ASN A 1 88 ? -8.486  4.790   8.134   1.00 13.26  ? 88  ASN A CA  1 
ATOM   667  C  C   . ASN A 1 88 ? -9.753  5.162   7.382   1.00 15.35  ? 88  ASN A C   1 
ATOM   668  O  O   . ASN A 1 88 ? -10.789 5.313   8.042   1.00 16.27  ? 88  ASN A O   1 
ATOM   669  C  CB  . ASN A 1 88 ? -7.787  6.019   8.709   1.00 11.02  ? 88  ASN A CB  1 
ATOM   670  C  CG  . ASN A 1 88 ? -7.652  7.124   7.671   1.00 20.60  ? 88  ASN A CG  1 
ATOM   671  O  OD1 . ASN A 1 88 ? -7.128  6.886   6.578   1.00 15.44  ? 88  ASN A OD1 1 
ATOM   672  N  ND2 . ASN A 1 88 ? -8.135  8.323   8.002   1.00 16.18  ? 88  ASN A ND2 1 
ATOM   673  N  N   . LEU A 1 89 ? -9.747  5.322   6.072   1.00 11.04  ? 89  LEU A N   1 
ATOM   674  C  CA  . LEU A 1 89 ? -10.978 5.572   5.320   1.00 15.70  ? 89  LEU A CA  1 
ATOM   675  C  C   . LEU A 1 89 ? -11.431 4.356   4.535   1.00 18.52  ? 89  LEU A C   1 
ATOM   676  O  O   . LEU A 1 89 ? -12.624 4.257   4.218   1.00 15.88  ? 89  LEU A O   1 
ATOM   677  C  CB  . LEU A 1 89 ? -10.816 6.754   4.341   1.00 15.44  ? 89  LEU A CB  1 
ATOM   678  C  CG  . LEU A 1 89 ? -10.405 8.044   5.053   1.00 18.46  ? 89  LEU A CG  1 
ATOM   679  C  CD1 . LEU A 1 89 ? -10.230 9.166   4.042   1.00 19.15  ? 89  LEU A CD1 1 
ATOM   680  C  CD2 . LEU A 1 89 ? -11.418 8.419   6.125   1.00 22.35  ? 89  LEU A CD2 1 
ATOM   681  N  N   . LEU A 1 90 ? -10.527 3.422   4.216   1.00 11.69  ? 90  LEU A N   1 
ATOM   682  C  CA  . LEU A 1 90 ? -11.002 2.199   3.556   1.00 11.38  ? 90  LEU A CA  1 
ATOM   683  C  C   . LEU A 1 90 ? -11.988 1.435   4.430   1.00 10.90  ? 90  LEU A C   1 
ATOM   684  O  O   . LEU A 1 90 ? -12.933 0.815   3.918   1.00 15.82  ? 90  LEU A O   1 
ATOM   685  C  CB  . LEU A 1 90 ? -9.827  1.268   3.198   1.00 12.94  ? 90  LEU A CB  1 
ATOM   686  C  CG  . LEU A 1 90 ? -8.869  1.803   2.114   1.00 12.15  ? 90  LEU A CG  1 
ATOM   687  C  CD1 . LEU A 1 90 ? -7.590  0.978   2.030   1.00 21.33  ? 90  LEU A CD1 1 
ATOM   688  C  CD2 . LEU A 1 90 ? -9.548  1.845   0.755   1.00 14.21  ? 90  LEU A CD2 1 
ATOM   689  N  N   . THR A 1 91 ? -11.755 1.455   5.737   1.00 11.03  ? 91  THR A N   1 
ATOM   690  C  CA  . THR A 1 91 ? -12.685 0.713   6.598   1.00 13.98  ? 91  THR A CA  1 
ATOM   691  C  C   . THR A 1 91 ? -14.099 1.287   6.497   1.00 18.33  ? 91  THR A C   1 
ATOM   692  O  O   . THR A 1 91 ? -15.125 0.615   6.621   1.00 15.81  ? 91  THR A O   1 
ATOM   693  C  CB  . THR A 1 91 ? -12.284 0.750   8.079   1.00 14.19  ? 91  THR A CB  1 
ATOM   694  O  OG1 . THR A 1 91 ? -12.058 2.109   8.504   1.00 14.40  ? 91  THR A OG1 1 
ATOM   695  C  CG2 . THR A 1 91 ? -10.976 0.018   8.327   1.00 16.44  ? 91  THR A CG2 1 
ATOM   696  N  N   . GLN A 1 92 ? -14.122 2.606   6.312   1.00 14.64  ? 92  GLN A N   1 
ATOM   697  C  CA  . GLN A 1 92 ? -15.384 3.326   6.418   1.00 19.81  ? 92  GLN A CA  1 
ATOM   698  C  C   . GLN A 1 92 ? -16.251 3.025   5.212   1.00 23.44  ? 92  GLN A C   1 
ATOM   699  O  O   . GLN A 1 92 ? -17.477 3.118   5.296   1.00 16.69  ? 92  GLN A O   1 
ATOM   700  C  CB  . GLN A 1 92 ? -15.136 4.832   6.568   1.00 15.98  ? 92  GLN A CB  1 
ATOM   701  C  CG  . GLN A 1 92 ? -14.389 5.215   7.839   1.00 16.31  ? 92  GLN A CG  1 
ATOM   702  C  CD  . GLN A 1 92 ? -15.141 4.847   9.100   1.00 19.28  ? 92  GLN A CD  1 
ATOM   703  O  OE1 . GLN A 1 92 ? -16.121 5.499   9.480   1.00 16.99  ? 92  GLN A OE1 1 
ATOM   704  N  NE2 . GLN A 1 92 ? -14.660 3.786   9.743   1.00 14.41  ? 92  GLN A NE2 1 
ATOM   705  N  N   . ILE A 1 93 ? -15.629 2.642   4.094   1.00 14.20  ? 93  ILE A N   1 
ATOM   706  C  CA  . ILE A 1 93 ? -16.471 2.289   2.959   1.00 15.02  ? 93  ILE A CA  1 
ATOM   707  C  C   . ILE A 1 93 ? -16.666 0.786   2.861   1.00 17.39  ? 93  ILE A C   1 
ATOM   708  O  O   . ILE A 1 93 ? -17.225 0.345   1.865   1.00 20.53  ? 93  ILE A O   1 
ATOM   709  C  CB  . ILE A 1 93 ? -15.863 2.794   1.640   1.00 23.65  ? 93  ILE A CB  1 
ATOM   710  C  CG1 . ILE A 1 93 ? -14.517 2.131   1.328   1.00 14.56  ? 93  ILE A CG1 1 
ATOM   711  C  CG2 . ILE A 1 93 ? -15.760 4.311   1.675   1.00 19.35  ? 93  ILE A CG2 1 
ATOM   712  C  CD1 . ILE A 1 93 ? -14.007 2.580   -0.037  1.00 19.89  ? 93  ILE A CD1 1 
ATOM   713  N  N   . GLY A 1 94 ? -16.212 0.076   3.888   1.00 15.14  ? 94  GLY A N   1 
ATOM   714  C  CA  . GLY A 1 94 ? -16.377 -1.359  3.979   1.00 17.57  ? 94  GLY A CA  1 
ATOM   715  C  C   . GLY A 1 94 ? -15.517 -2.147  3.013   1.00 24.54  ? 94  GLY A C   1 
ATOM   716  O  O   . GLY A 1 94 ? -15.909 -3.214  2.518   1.00 22.42  ? 94  GLY A O   1 
ATOM   717  N  N   . ALA A 1 95 ? -14.316 -1.636  2.725   1.00 19.18  ? 95  ALA A N   1 
ATOM   718  C  CA  . ALA A 1 95 ? -13.454 -2.343  1.785   1.00 15.97  ? 95  ALA A CA  1 
ATOM   719  C  C   . ALA A 1 95 ? -12.726 -3.480  2.490   1.00 16.78  ? 95  ALA A C   1 
ATOM   720  O  O   . ALA A 1 95 ? -12.265 -3.311  3.622   1.00 18.10  ? 95  ALA A O   1 
ATOM   721  C  CB  . ALA A 1 95 ? -12.405 -1.453  1.113   1.00 15.87  ? 95  ALA A CB  1 
ATOM   722  N  N   . THR A 1 96 ? -12.659 -4.585  1.745   1.00 17.37  ? 96  THR A N   1 
ATOM   723  C  CA  . THR A 1 96 ? -11.946 -5.771  2.201   1.00 10.68  ? 96  THR A CA  1 
ATOM   724  C  C   . THR A 1 96 ? -11.031 -6.322  1.098   1.00 14.00  ? 96  THR A C   1 
ATOM   725  O  O   . THR A 1 96 ? -11.281 -6.136  -0.090  1.00 13.91  ? 96  THR A O   1 
ATOM   726  C  CB  . THR A 1 96 ? -12.928 -6.873  2.637   1.00 15.23  ? 96  THR A CB  1 
ATOM   727  O  OG1 . THR A 1 96 ? -13.762 -7.252  1.532   1.00 18.52  ? 96  THR A OG1 1 
ATOM   728  C  CG2 . THR A 1 96 ? -13.879 -6.346  3.705   1.00 20.27  ? 96  THR A CG2 1 
ATOM   729  N  N   . LEU A 1 97 ? -9.996  -7.031  1.538   1.00 17.01  ? 97  LEU A N   1 
ATOM   730  C  CA  . LEU A 1 97 ? -9.136  -7.841  0.688   1.00 17.92  ? 97  LEU A CA  1 
ATOM   731  C  C   . LEU A 1 97 ? -9.667  -9.268  0.651   1.00 17.24  ? 97  LEU A C   1 
ATOM   732  O  O   . LEU A 1 97 ? -9.900  -9.834  1.721   1.00 23.54  ? 97  LEU A O   1 
ATOM   733  C  CB  . LEU A 1 97 ? -7.703  -7.878  1.226   1.00 19.00  ? 97  LEU A CB  1 
ATOM   734  C  CG  . LEU A 1 97 ? -6.717  -6.905  0.592   1.00 30.92  ? 97  LEU A CG  1 
ATOM   735  C  CD1 . LEU A 1 97 ? -5.353  -7.048  1.252   1.00 20.33  ? 97  LEU A CD1 1 
ATOM   736  C  CD2 . LEU A 1 97 ? -6.653  -7.111  -0.920  1.00 21.80  ? 97  LEU A CD2 1 
ATOM   737  N  N   . ASN A 1 98 ? -9.860  -9.821  -0.535  1.00 15.58  ? 98  ASN A N   1 
ATOM   738  C  CA  . ASN A 1 98 ? -10.428 -11.161 -0.637  1.00 20.47  ? 98  ASN A CA  1 
ATOM   739  C  C   . ASN A 1 98 ? -9.586  -12.097 -1.499  1.00 19.78  ? 98  ASN A C   1 
ATOM   740  O  O   . ASN A 1 98 ? -9.155  -11.737 -2.586  1.00 19.00  ? 98  ASN A O   1 
ATOM   741  C  CB  . ASN A 1 98 ? -11.853 -11.045 -1.217  1.00 21.60  ? 98  ASN A CB  1 
ATOM   742  C  CG  . ASN A 1 98 ? -12.723 -10.253 -0.249  1.00 26.39  ? 98  ASN A CG  1 
ATOM   743  O  OD1 . ASN A 1 98 ? -13.448 -10.838 0.558   1.00 31.60  ? 98  ASN A OD1 1 
ATOM   744  N  ND2 . ASN A 1 98 ? -12.618 -8.941  -0.316  1.00 26.16  ? 98  ASN A ND2 1 
ATOM   745  N  N   . PHE A 1 99 ? -9.361  -13.320 -1.044  1.00 19.66  ? 99  PHE A N   1 
ATOM   746  C  CA  . PHE A 1 99 ? -8.751  -14.329 -1.915  1.00 17.92  ? 99  PHE A CA  1 
ATOM   747  C  C   . PHE A 1 99 ? -9.008  -15.708 -1.299  1.00 22.33  ? 99  PHE A C   1 
ATOM   748  O  O   . PHE A 1 99 ? -8.496  -16.708 -1.818  1.00 31.44  ? 99  PHE A O   1 
ATOM   749  C  CB  . PHE A 1 99 ? -7.264  -14.080 -2.122  1.00 17.85  ? 99  PHE A CB  1 
ATOM   750  C  CG  . PHE A 1 99 ? -6.456  -14.054 -0.838  1.00 20.75  ? 99  PHE A CG  1 
ATOM   751  C  CD1 . PHE A 1 99 ? -5.902  -15.210 -0.312  1.00 29.67  ? 99  PHE A CD1 1 
ATOM   752  C  CD2 . PHE A 1 99 ? -6.256  -12.861 -0.158  1.00 20.62  ? 99  PHE A CD2 1 
ATOM   753  C  CE1 . PHE A 1 99 ? -5.172  -15.171 0.865   1.00 36.89  ? 99  PHE A CE1 1 
ATOM   754  C  CE2 . PHE A 1 99 ? -5.532  -12.813 1.018   1.00 24.64  ? 99  PHE A CE2 1 
ATOM   755  C  CZ  . PHE A 1 99 ? -4.992  -13.977 1.539   1.00 39.24  ? 99  PHE A CZ  1 
ATOM   756  O  OXT . PHE A 1 99 ? -9.783  -15.749 -0.216  1.00 22.80  ? 99  PHE A OXT 1 
ATOM   757  N  N   . PRO B 1 1  ? -9.508  -15.906 2.328   1.00 28.03  ? 1   PRO B N   1 
ATOM   758  C  CA  . PRO B 1 1  ? -10.273 -15.243 3.390   1.00 29.93  ? 1   PRO B CA  1 
ATOM   759  C  C   . PRO B 1 1  ? -10.805 -13.883 2.929   1.00 24.77  ? 1   PRO B C   1 
ATOM   760  O  O   . PRO B 1 1  ? -10.453 -13.410 1.850   1.00 30.98  ? 1   PRO B O   1 
ATOM   761  C  CB  . PRO B 1 1  ? -9.246  -15.042 4.503   1.00 35.05  ? 1   PRO B CB  1 
ATOM   762  C  CG  . PRO B 1 1  ? -7.917  -15.115 3.821   1.00 39.48  ? 1   PRO B CG  1 
ATOM   763  C  CD  . PRO B 1 1  ? -8.104  -16.133 2.731   1.00 37.47  ? 1   PRO B CD  1 
ATOM   764  N  N   . GLN B 1 2  ? -11.651 -13.286 3.754   1.00 21.00  ? 2   GLN B N   1 
ATOM   765  C  CA  . GLN B 1 2  ? -12.074 -11.903 3.607   1.00 21.05  ? 2   GLN B CA  1 
ATOM   766  C  C   . GLN B 1 2  ? -11.301 -11.084 4.630   1.00 25.14  ? 2   GLN B C   1 
ATOM   767  O  O   . GLN B 1 2  ? -11.357 -11.353 5.831   1.00 28.85  ? 2   GLN B O   1 
ATOM   768  C  CB  . GLN B 1 2  ? -13.579 -11.739 3.790   1.00 21.42  ? 2   GLN B CB  1 
ATOM   769  C  CG  . GLN B 1 2  ? -13.961 -10.256 3.802   1.00 34.20  ? 2   GLN B CG  1 
ATOM   770  C  CD  . GLN B 1 2  ? -15.423 -10.083 3.430   1.00 47.85  ? 2   GLN B CD  1 
ATOM   771  O  OE1 . GLN B 1 2  ? -16.279 -10.068 4.313   1.00 51.80  ? 2   GLN B OE1 1 
ATOM   772  N  NE2 . GLN B 1 2  ? -15.691 -9.967  2.135   1.00 45.95  ? 2   GLN B NE2 1 
ATOM   773  N  N   . ILE B 1 3  ? -10.504 -10.099 4.220   1.00 19.96  ? 3   ILE B N   1 
ATOM   774  C  CA  . ILE B 1 3  ? -9.674  -9.445  5.248   1.00 20.12  ? 3   ILE B CA  1 
ATOM   775  C  C   . ILE B 1 3  ? -10.133 -7.997  5.424   1.00 21.30  ? 3   ILE B C   1 
ATOM   776  O  O   . ILE B 1 3  ? -10.051 -7.257  4.443   1.00 18.78  ? 3   ILE B O   1 
ATOM   777  C  CB  . ILE B 1 3  ? -8.184  -9.505  4.878   1.00 17.76  ? 3   ILE B CB  1 
ATOM   778  C  CG1 . ILE B 1 3  ? -7.676  -10.943 4.680   1.00 19.46  ? 3   ILE B CG1 1 
ATOM   779  C  CG2 . ILE B 1 3  ? -7.316  -8.786  5.896   1.00 22.31  ? 3   ILE B CG2 1 
ATOM   780  C  CD1 . ILE B 1 3  ? -6.167  -11.000 4.445   1.00 17.38  ? 3   ILE B CD1 1 
ATOM   781  N  N   . THR B 1 4  ? -10.612 -7.631  6.611   1.00 17.56  ? 4   THR B N   1 
ATOM   782  C  CA  . THR B 1 4  ? -11.030 -6.248  6.828   1.00 17.18  ? 4   THR B CA  1 
ATOM   783  C  C   . THR B 1 4  ? -9.812  -5.405  7.183   1.00 17.60  ? 4   THR B C   1 
ATOM   784  O  O   . THR B 1 4  ? -8.735  -5.971  7.424   1.00 17.06  ? 4   THR B O   1 
ATOM   785  C  CB  . THR B 1 4  ? -12.056 -6.120  7.969   1.00 19.87  ? 4   THR B CB  1 
ATOM   786  O  OG1 . THR B 1 4  ? -11.470 -6.633  9.161   1.00 17.48  ? 4   THR B OG1 1 
ATOM   787  C  CG2 . THR B 1 4  ? -13.300 -6.953  7.700   1.00 21.70  ? 4   THR B CG2 1 
ATOM   788  N  N   . LEU B 1 5  ? -9.982  -4.082  7.227   1.00 13.59  ? 5   LEU B N   1 
ATOM   789  C  CA  . LEU B 1 5  ? -8.777  -3.262  7.318   1.00 12.28  ? 5   LEU B CA  1 
ATOM   790  C  C   . LEU B 1 5  ? -8.657  -2.422  8.568   1.00 15.94  ? 5   LEU B C   1 
ATOM   791  O  O   . LEU B 1 5  ? -7.915  -1.438  8.631   1.00 12.17  ? 5   LEU B O   1 
ATOM   792  C  CB  . LEU B 1 5  ? -8.728  -2.392  6.031   1.00 15.39  ? 5   LEU B CB  1 
ATOM   793  C  CG  . LEU B 1 5  ? -8.600  -3.253  4.761   1.00 16.61  ? 5   LEU B CG  1 
ATOM   794  C  CD1 . LEU B 1 5  ? -8.870  -2.420  3.513   1.00 15.06  ? 5   LEU B CD1 1 
ATOM   795  C  CD2 . LEU B 1 5  ? -7.231  -3.932  4.672   1.00 11.95  ? 5   LEU B CD2 1 
ATOM   796  N  N   . TRP B 1 6  ? -9.362  -2.810  9.629   1.00 12.20  ? 6   TRP B N   1 
ATOM   797  C  CA  . TRP B 1 6  ? -9.270  -2.127  10.909  1.00 12.85  ? 6   TRP B CA  1 
ATOM   798  C  C   . TRP B 1 6  ? -7.876  -2.238  11.506  1.00 17.81  ? 6   TRP B C   1 
ATOM   799  O  O   . TRP B 1 6  ? -7.456  -1.338  12.228  1.00 15.78  ? 6   TRP B O   1 
ATOM   800  C  CB  . TRP B 1 6  ? -10.338 -2.702  11.871  1.00 15.06  ? 6   TRP B CB  1 
ATOM   801  C  CG  . TRP B 1 6  ? -11.709 -2.638  11.262  1.00 11.06  ? 6   TRP B CG  1 
ATOM   802  C  CD1 . TRP B 1 6  ? -12.431 -3.628  10.685  1.00 14.46  ? 6   TRP B CD1 1 
ATOM   803  C  CD2 . TRP B 1 6  ? -12.537 -1.463  11.170  1.00 15.73  ? 6   TRP B CD2 1 
ATOM   804  N  NE1 . TRP B 1 6  ? -13.654 -3.179  10.235  1.00 15.88  ? 6   TRP B NE1 1 
ATOM   805  C  CE2 . TRP B 1 6  ? -13.733 -1.839  10.530  1.00 13.70  ? 6   TRP B CE2 1 
ATOM   806  C  CE3 . TRP B 1 6  ? -12.353 -0.138  11.583  1.00 17.57  ? 6   TRP B CE3 1 
ATOM   807  C  CZ2 . TRP B 1 6  ? -14.779 -0.940  10.273  1.00 15.08  ? 6   TRP B CZ2 1 
ATOM   808  C  CZ3 . TRP B 1 6  ? -13.382 0.751   11.332  1.00 14.82  ? 6   TRP B CZ3 1 
ATOM   809  C  CH2 . TRP B 1 6  ? -14.558 0.345   10.692  1.00 12.76  ? 6   TRP B CH2 1 
ATOM   810  N  N   . LYS B 1 7  ? -7.181  -3.329  11.189  1.00 15.59  ? 7   LYS B N   1 
ATOM   811  C  CA  . LYS B 1 7  ? -5.789  -3.542  11.542  1.00 15.96  ? 7   LYS B CA  1 
ATOM   812  C  C   . LYS B 1 7  ? -4.932  -3.700  10.284  1.00 11.14  ? 7   LYS B C   1 
ATOM   813  O  O   . LYS B 1 7  ? -5.471  -3.901  9.191   1.00 15.31  ? 7   LYS B O   1 
ATOM   814  C  CB  . LYS B 1 7  ? -5.674  -4.800  12.416  1.00 23.90  ? 7   LYS B CB  1 
ATOM   815  C  CG  . LYS B 1 7  ? -6.749  -4.888  13.493  1.00 31.78  ? 7   LYS B CG  1 
ATOM   816  C  CD  . LYS B 1 7  ? -6.504  -6.046  14.445  1.00 42.68  ? 7   LYS B CD  1 
ATOM   817  C  CE  . LYS B 1 7  ? -5.657  -7.127  13.793  1.00 49.94  ? 7   LYS B CE  1 
ATOM   818  N  NZ  . LYS B 1 7  ? -5.940  -8.476  14.365  1.00 78.33  ? 7   LYS B NZ  1 
ATOM   819  N  N   . ARG B 1 8  ? -3.608  -3.621  10.428  1.00 13.00  ? 8   ARG B N   1 
ATOM   820  C  CA  . ARG B 1 8  ? -2.769  -3.862  9.237   1.00 14.21  ? 8   ARG B CA  1 
ATOM   821  C  C   . ARG B 1 8  ? -3.013  -5.255  8.679   1.00 13.23  ? 8   ARG B C   1 
ATOM   822  O  O   . ARG B 1 8  ? -3.074  -6.189  9.485   1.00 14.66  ? 8   ARG B O   1 
ATOM   823  C  CB  . ARG B 1 8  ? -1.300  -3.683  9.612   1.00 16.51  ? 8   ARG B CB  1 
ATOM   824  C  CG  . ARG B 1 8  ? -0.888  -2.224  9.811   1.00 16.67  ? 8   ARG B CG  1 
ATOM   825  C  CD  . ARG B 1 8  ? 0.574   -2.172  10.252  1.00 28.55  ? 8   ARG B CD  1 
ATOM   826  N  NE  . ARG B 1 8  ? 1.021   -0.827  10.574  1.00 51.46  ? 8   ARG B NE  1 
ATOM   827  C  CZ  . ARG B 1 8  ? 1.888   -0.432  11.493  1.00 55.30  ? 8   ARG B CZ  1 
ATOM   828  N  NH1 . ARG B 1 8  ? 2.510   -1.282  12.298  1.00 38.03  ? 8   ARG B NH1 1 
ATOM   829  N  NH2 . ARG B 1 8  ? 2.156   0.866   11.620  1.00 44.71  ? 8   ARG B NH2 1 
ATOM   830  N  N   . PRO B 1 9  ? -3.185  -5.454  7.381   1.00 14.94  ? 9   PRO B N   1 
ATOM   831  C  CA  . PRO B 1 9  ? -3.353  -6.800  6.823   1.00 12.51  ? 9   PRO B CA  1 
ATOM   832  C  C   . PRO B 1 9  ? -2.040  -7.596  6.758   1.00 18.74  ? 9   PRO B C   1 
ATOM   833  O  O   . PRO B 1 9  ? -1.487  -7.796  5.666   1.00 16.88  ? 9   PRO B O   1 
ATOM   834  C  CB  . PRO B 1 9  ? -3.895  -6.543  5.421   1.00 12.97  ? 9   PRO B CB  1 
ATOM   835  C  CG  . PRO B 1 9  ? -3.299  -5.214  5.068   1.00 14.83  ? 9   PRO B CG  1 
ATOM   836  C  CD  . PRO B 1 9  ? -3.299  -4.414  6.344   1.00 16.23  ? 9   PRO B CD  1 
ATOM   837  N  N   . LEU B 1 10 ? -1.604  -8.023  7.944   1.00 11.11  ? 10  LEU B N   1 
ATOM   838  C  CA  . LEU B 1 10 ? -0.382  -8.800  8.095   1.00 10.99  ? 10  LEU B CA  1 
ATOM   839  C  C   . LEU B 1 10 ? -0.629  -10.287 7.927   1.00 17.41  ? 10  LEU B C   1 
ATOM   840  O  O   . LEU B 1 10 ? -1.581  -10.819 8.503   1.00 26.25  ? 10  LEU B O   1 
ATOM   841  C  CB  . LEU B 1 10 ? 0.237   -8.563  9.476   1.00 13.14  ? 10  LEU B CB  1 
ATOM   842  C  CG  . LEU B 1 10 ? 0.683   -7.121  9.710   1.00 15.71  ? 10  LEU B CG  1 
ATOM   843  C  CD1 . LEU B 1 10 ? 1.114   -6.920  11.150  1.00 27.77  ? 10  LEU B CD1 1 
ATOM   844  C  CD2 . LEU B 1 10 ? 1.807   -6.774  8.746   1.00 25.17  ? 10  LEU B CD2 1 
ATOM   845  N  N   . VAL B 1 11 ? 0.229   -10.944 7.161   1.00 12.96  ? 11  VAL B N   1 
ATOM   846  C  CA  . VAL B 1 11 ? 0.123   -12.386 6.963   1.00 14.03  ? 11  VAL B CA  1 
ATOM   847  C  C   . VAL B 1 11 ? 1.507   -13.017 7.110   1.00 13.52  ? 11  VAL B C   1 
ATOM   848  O  O   . VAL B 1 11 ? 2.523   -12.333 7.091   1.00 13.40  ? 11  VAL B O   1 
ATOM   849  C  CB  . VAL B 1 11 ? -0.432  -12.758 5.584   1.00 17.08  ? 11  VAL B CB  1 
ATOM   850  C  CG1 . VAL B 1 11 ? -1.797  -12.111 5.378   1.00 19.26  ? 11  VAL B CG1 1 
ATOM   851  C  CG2 . VAL B 1 11 ? 0.526   -12.326 4.485   1.00 13.24  ? 11  VAL B CG2 1 
ATOM   852  N  N   . THR B 1 12 ? 1.479   -14.338 7.273   1.00 14.30  ? 12  THR B N   1 
ATOM   853  C  CA  . THR B 1 12 ? 2.714   -15.106 7.314   1.00 11.83  ? 12  THR B CA  1 
ATOM   854  C  C   . THR B 1 12 ? 3.083   -15.524 5.896   1.00 14.12  ? 12  THR B C   1 
ATOM   855  O  O   . THR B 1 12 ? 2.204   -15.987 5.163   1.00 19.28  ? 12  THR B O   1 
ATOM   856  C  CB  . THR B 1 12 ? 2.619   -16.383 8.159   1.00 16.83  ? 12  THR B CB  1 
ATOM   857  O  OG1 . THR B 1 12 ? 2.400   -16.036 9.528   1.00 19.56  ? 12  THR B OG1 1 
ATOM   858  C  CG2 . THR B 1 12 ? 3.957   -17.121 8.118   1.00 22.00  ? 12  THR B CG2 1 
ATOM   859  N  N   . ILE B 1 13 ? 4.360   -15.324 5.583   1.00 15.02  ? 13  ILE B N   1 
ATOM   860  C  CA  . ILE B 1 13 ? 4.877   -15.774 4.292   1.00 14.07  ? 13  ILE B CA  1 
ATOM   861  C  C   . ILE B 1 13 ? 5.971   -16.816 4.550   1.00 12.35  ? 13  ILE B C   1 
ATOM   862  O  O   . ILE B 1 13 ? 6.524   -16.830 5.642   1.00 14.07  ? 13  ILE B O   1 
ATOM   863  C  CB  . ILE B 1 13 ? 5.441   -14.628 3.436   1.00 12.83  ? 13  ILE B CB  1 
ATOM   864  C  CG1 . ILE B 1 13 ? 6.649   -13.914 4.057   1.00 17.69  ? 13  ILE B CG1 1 
ATOM   865  C  CG2 . ILE B 1 13 ? 4.330   -13.626 3.125   1.00 13.09  ? 13  ILE B CG2 1 
ATOM   866  C  CD1 . ILE B 1 13 ? 7.343   -12.954 3.109   1.00 16.04  ? 13  ILE B CD1 1 
ATOM   867  N  N   . LYS B 1 14 ? 6.223   -17.635 3.540   1.00 13.92  ? 14  LYS B N   1 
ATOM   868  C  CA  . LYS B 1 14 ? 7.333   -18.574 3.670   1.00 12.62  ? 14  LYS B CA  1 
ATOM   869  C  C   . LYS B 1 14 ? 8.224   -18.363 2.454   1.00 14.80  ? 14  LYS B C   1 
ATOM   870  O  O   . LYS B 1 14 ? 7.722   -18.526 1.347   1.00 15.85  ? 14  LYS B O   1 
ATOM   871  C  CB  . LYS B 1 14 ? 6.886   -20.022 3.730   1.00 15.11  ? 14  LYS B CB  1 
ATOM   872  C  CG  . LYS B 1 14 ? 8.091   -20.950 3.898   1.00 23.53  ? 14  LYS B CG  1 
ATOM   873  C  CD  . LYS B 1 14 ? 7.655   -22.135 4.765   1.00 26.76  ? 14  LYS B CD  1 
ATOM   874  C  CE  . LYS B 1 14 ? 6.868   -23.142 3.946   1.00 32.36  ? 14  LYS B CE  1 
ATOM   875  N  NZ  . LYS B 1 14 ? 7.004   -24.526 4.516   1.00 39.46  ? 14  LYS B NZ  1 
ATOM   876  N  N   . ILE B 1 15 ? 9.463   -17.986 2.731   1.00 18.90  ? 15  ILE B N   1 
ATOM   877  C  CA  . ILE B 1 15 ? 10.423  -17.788 1.634   1.00 18.54  ? 15  ILE B CA  1 
ATOM   878  C  C   . ILE B 1 15 ? 11.782  -18.292 2.095   1.00 25.51  ? 15  ILE B C   1 
ATOM   879  O  O   . ILE B 1 15 ? 12.155  -18.116 3.258   1.00 23.74  ? 15  ILE B O   1 
ATOM   880  C  CB  . ILE B 1 15 ? 10.443  -16.323 1.175   1.00 25.45  ? 15  ILE B CB  1 
ATOM   881  C  CG1 . ILE B 1 15 ? 11.433  -16.041 0.033   1.00 26.15  ? 15  ILE B CG1 1 
ATOM   882  C  CG2 . ILE B 1 15 ? 10.685  -15.361 2.328   1.00 23.32  ? 15  ILE B CG2 1 
ATOM   883  C  CD1 . ILE B 1 15 ? 11.127  -14.722 -0.660  1.00 28.35  ? 15  ILE B CD1 1 
ATOM   884  N  N   . GLY B 1 16 ? 12.517  -18.961 1.211   1.00 27.06  ? 16  GLY B N   1 
ATOM   885  C  CA  . GLY B 1 16 ? 13.771  -19.568 1.639   1.00 28.72  ? 16  GLY B CA  1 
ATOM   886  C  C   . GLY B 1 16 ? 13.621  -20.464 2.842   1.00 26.15  ? 16  GLY B C   1 
ATOM   887  O  O   . GLY B 1 16 ? 14.479  -20.493 3.729   1.00 32.30  ? 16  GLY B O   1 
ATOM   888  N  N   . GLY B 1 17 ? 12.543  -21.230 2.957   1.00 29.18  ? 17  GLY B N   1 
ATOM   889  C  CA  . GLY B 1 17 ? 12.382  -22.094 4.115   1.00 32.65  ? 17  GLY B CA  1 
ATOM   890  C  C   . GLY B 1 17 ? 12.083  -21.345 5.393   1.00 28.27  ? 17  GLY B C   1 
ATOM   891  O  O   . GLY B 1 17 ? 11.882  -21.949 6.454   1.00 31.29  ? 17  GLY B O   1 
ATOM   892  N  N   . GLN B 1 18 ? 12.035  -20.010 5.348   1.00 20.69  ? 18  GLN B N   1 
ATOM   893  C  CA  . GLN B 1 18 ? 11.841  -19.288 6.598   1.00 21.10  ? 18  GLN B CA  1 
ATOM   894  C  C   . GLN B 1 18 ? 10.468  -18.627 6.667   1.00 20.62  ? 18  GLN B C   1 
ATOM   895  O  O   . GLN B 1 18 ? 9.968   -18.203 5.628   1.00 20.28  ? 18  GLN B O   1 
ATOM   896  C  CB  . GLN B 1 18 ? 12.875  -18.175 6.771   1.00 30.82  ? 18  GLN B CB  1 
ATOM   897  C  CG  . GLN B 1 18 ? 14.313  -18.629 6.988   1.00 42.59  ? 18  GLN B CG  1 
ATOM   898  C  CD  . GLN B 1 18 ? 15.269  -17.612 6.376   1.00 58.14  ? 18  GLN B CD  1 
ATOM   899  O  OE1 . GLN B 1 18 ? 15.501  -16.534 6.936   1.00 54.13  ? 18  GLN B OE1 1 
ATOM   900  N  NE2 . GLN B 1 18 ? 15.809  -17.964 5.214   1.00 65.93  ? 18  GLN B NE2 1 
ATOM   901  N  N   . LEU B 1 19 ? 9.925   -18.539 7.874   1.00 16.45  ? 19  LEU B N   1 
ATOM   902  C  CA  . LEU B 1 19 ? 8.673   -17.805 8.045   1.00 17.26  ? 19  LEU B CA  1 
ATOM   903  C  C   . LEU B 1 19 ? 8.962   -16.342 8.385   1.00 21.33  ? 19  LEU B C   1 
ATOM   904  O  O   . LEU B 1 19 ? 9.835   -16.056 9.199   1.00 22.36  ? 19  LEU B O   1 
ATOM   905  C  CB  . LEU B 1 19 ? 7.784   -18.368 9.147   1.00 19.00  ? 19  LEU B CB  1 
ATOM   906  C  CG  . LEU B 1 19 ? 7.334   -19.820 9.036   1.00 16.79  ? 19  LEU B CG  1 
ATOM   907  C  CD1 . LEU B 1 19 ? 6.438   -20.165 10.223  1.00 21.33  ? 19  LEU B CD1 1 
ATOM   908  C  CD2 . LEU B 1 19 ? 6.620   -20.072 7.722   1.00 15.72  ? 19  LEU B CD2 1 
ATOM   909  N  N   . LYS B 1 20 ? 8.196   -15.458 7.750   1.00 15.82  ? 20  LYS B N   1 
ATOM   910  C  CA  . LYS B 1 20 ? 8.236   -14.035 8.015   1.00 14.41  ? 20  LYS B CA  1 
ATOM   911  C  C   . LYS B 1 20 ? 6.812   -13.477 8.004   1.00 15.77  ? 20  LYS B C   1 
ATOM   912  O  O   . LYS B 1 20 ? 5.885   -14.115 7.511   1.00 15.47  ? 20  LYS B O   1 
ATOM   913  C  CB  . LYS B 1 20 ? 9.057   -13.298 6.954   1.00 23.32  ? 20  LYS B CB  1 
ATOM   914  C  CG  . LYS B 1 20 ? 10.487  -13.808 6.819   1.00 28.40  ? 20  LYS B CG  1 
ATOM   915  C  CD  . LYS B 1 20 ? 11.168  -13.162 5.619   1.00 29.65  ? 20  LYS B CD  1 
ATOM   916  C  CE  . LYS B 1 20 ? 12.545  -13.785 5.419   1.00 41.72  ? 20  LYS B CE  1 
ATOM   917  N  NZ  . LYS B 1 20 ? 13.493  -13.366 6.488   1.00 44.29  ? 20  LYS B NZ  1 
ATOM   918  N  N   . GLU B 1 21 ? 6.716   -12.272 8.551   1.00 19.33  ? 21  GLU B N   1 
ATOM   919  C  CA  . GLU B 1 21 ? 5.495   -11.470 8.542   1.00 19.44  ? 21  GLU B CA  1 
ATOM   920  C  C   . GLU B 1 21 ? 5.553   -10.496 7.369   1.00 18.26  ? 21  GLU B C   1 
ATOM   921  O  O   . GLU B 1 21 ? 6.596   -9.892  7.096   1.00 16.22  ? 21  GLU B O   1 
ATOM   922  C  CB  . GLU B 1 21 ? 5.387   -10.753 9.876   1.00 21.04  ? 21  GLU B CB  1 
ATOM   923  C  CG  . GLU B 1 21 ? 4.157   -9.900  10.108  1.00 41.63  ? 21  GLU B CG  1 
ATOM   924  C  CD  . GLU B 1 21 ? 4.156   -9.342  11.527  1.00 45.50  ? 21  GLU B CD  1 
ATOM   925  O  OE1 . GLU B 1 21 ? 4.639   -8.212  11.743  1.00 39.60  ? 21  GLU B OE1 1 
ATOM   926  O  OE2 . GLU B 1 21 ? 3.676   -10.056 12.426  1.00 41.62  ? 21  GLU B OE2 1 
ATOM   927  N  N   . ALA B 1 22 ? 4.440   -10.341 6.645   1.00 13.75  ? 22  ALA B N   1 
ATOM   928  C  CA  . ALA B 1 22 ? 4.467   -9.356  5.565   1.00 11.72  ? 22  ALA B CA  1 
ATOM   929  C  C   . ALA B 1 22 ? 3.110   -8.661  5.470   1.00 13.88  ? 22  ALA B C   1 
ATOM   930  O  O   . ALA B 1 22 ? 2.107   -9.198  5.939   1.00 19.98  ? 22  ALA B O   1 
ATOM   931  C  CB  . ALA B 1 22 ? 4.845   -9.999  4.232   1.00 15.39  ? 22  ALA B CB  1 
ATOM   932  N  N   . LEU B 1 23 ? 3.118   -7.492  4.863   1.00 11.50  ? 23  LEU B N   1 
ATOM   933  C  CA  . LEU B 1 23 ? 1.951   -6.633  4.723   1.00 14.59  ? 23  LEU B CA  1 
ATOM   934  C  C   . LEU B 1 23 ? 1.336   -6.773  3.337   1.00 21.92  ? 23  LEU B C   1 
ATOM   935  O  O   . LEU B 1 23 ? 2.068   -6.539  2.354   1.00 17.33  ? 23  LEU B O   1 
ATOM   936  C  CB  . LEU B 1 23 ? 2.414   -5.192  4.999   1.00 11.13  ? 23  LEU B CB  1 
ATOM   937  C  CG  . LEU B 1 23 ? 1.344   -4.101  4.910   1.00 17.72  ? 23  LEU B CG  1 
ATOM   938  C  CD1 . LEU B 1 23 ? 0.227   -4.356  5.907   1.00 28.08  ? 23  LEU B CD1 1 
ATOM   939  C  CD2 . LEU B 1 23 ? 1.958   -2.720  5.129   1.00 20.57  ? 23  LEU B CD2 1 
ATOM   940  N  N   . LEU B 1 24 ? 0.051   -7.139  3.212   1.00 12.29  ? 24  LEU B N   1 
ATOM   941  C  CA  . LEU B 1 24 ? -0.602  -7.171  1.906   1.00 13.92  ? 24  LEU B CA  1 
ATOM   942  C  C   . LEU B 1 24 ? -0.840  -5.734  1.429   1.00 19.70  ? 24  LEU B C   1 
ATOM   943  O  O   . LEU B 1 24 ? -1.627  -5.012  2.050   1.00 16.90  ? 24  LEU B O   1 
ATOM   944  C  CB  . LEU B 1 24 ? -1.913  -7.943  1.925   1.00 14.99  ? 24  LEU B CB  1 
ATOM   945  C  CG  . LEU B 1 24 ? -1.833  -9.382  2.445   1.00 18.57  ? 24  LEU B CG  1 
ATOM   946  C  CD1 . LEU B 1 24 ? -3.193  -10.071 2.339   1.00 19.77  ? 24  LEU B CD1 1 
ATOM   947  C  CD2 . LEU B 1 24 ? -0.775  -10.181 1.699   1.00 16.15  ? 24  LEU B CD2 1 
ATOM   948  N  N   . ASP B 1 25 ? -0.161  -5.294  0.371   1.00 12.65  ? 25  ASP B N   1 
ATOM   949  C  CA  . ASP B 1 25 ? -0.097  -3.861  0.052   1.00 13.23  ? 25  ASP B CA  1 
ATOM   950  C  C   . ASP B 1 25 ? -0.623  -3.535  -1.323  1.00 16.23  ? 25  ASP B C   1 
ATOM   951  O  O   . ASP B 1 25 ? 0.058   -3.659  -2.354  1.00 14.79  ? 25  ASP B O   1 
ATOM   952  C  CB  . ASP B 1 25 ? 1.378   -3.442  0.200   1.00 11.47  ? 25  ASP B CB  1 
ATOM   953  C  CG  . ASP B 1 25 ? 1.572   -1.935  0.169   1.00 21.94  ? 25  ASP B CG  1 
ATOM   954  O  OD1 . ASP B 1 25 ? 0.607   -1.228  -0.212  1.00 18.14  ? 25  ASP B OD1 1 
ATOM   955  O  OD2 . ASP B 1 25 ? 2.680   -1.466  0.519   1.00 20.59  ? 25  ASP B OD2 1 
ATOM   956  N  N   . THR B 1 26 ? -1.893  -3.109  -1.448  1.00 11.08  ? 26  THR B N   1 
ATOM   957  C  CA  . THR B 1 26 ? -2.400  -2.917  -2.809  1.00 9.40   ? 26  THR B CA  1 
ATOM   958  C  C   . THR B 1 26 ? -1.803  -1.672  -3.452  1.00 9.49   ? 26  THR B C   1 
ATOM   959  O  O   . THR B 1 26 ? -1.944  -1.500  -4.662  1.00 13.92  ? 26  THR B O   1 
ATOM   960  C  CB  . THR B 1 26 ? -3.927  -2.771  -2.847  1.00 12.99  ? 26  THR B CB  1 
ATOM   961  O  OG1 . THR B 1 26 ? -4.301  -1.735  -1.939  1.00 14.99  ? 26  THR B OG1 1 
ATOM   962  C  CG2 . THR B 1 26 ? -4.543  -4.084  -2.376  1.00 14.46  ? 26  THR B CG2 1 
ATOM   963  N  N   . GLY B 1 27 ? -1.167  -0.849  -2.625  1.00 17.31  ? 27  GLY B N   1 
ATOM   964  C  CA  . GLY B 1 27 ? -0.512  0.366   -3.116  1.00 16.27  ? 27  GLY B CA  1 
ATOM   965  C  C   . GLY B 1 27 ? 0.899   0.088   -3.619  1.00 13.50  ? 27  GLY B C   1 
ATOM   966  O  O   . GLY B 1 27 ? 1.600   1.009   -4.039  1.00 16.09  ? 27  GLY B O   1 
ATOM   967  N  N   . ALA B 1 28 ? 1.315   -1.167  -3.561  1.00 12.21  ? 28  ALA B N   1 
ATOM   968  C  CA  . ALA B 1 28 ? 2.659   -1.536  -4.010  1.00 13.27  ? 28  ALA B CA  1 
ATOM   969  C  C   . ALA B 1 28 ? 2.586   -2.295  -5.319  1.00 13.38  ? 28  ALA B C   1 
ATOM   970  O  O   . ALA B 1 28 ? 1.865   -3.290  -5.417  1.00 12.30  ? 28  ALA B O   1 
ATOM   971  C  CB  . ALA B 1 28 ? 3.340   -2.373  -2.934  1.00 16.47  ? 28  ALA B CB  1 
ATOM   972  N  N   . ASP B 1 29 ? 3.309   -1.861  -6.356  1.00 11.38  ? 29  ASP B N   1 
ATOM   973  C  CA  . ASP B 1 29 ? 3.308   -2.601  -7.603  1.00 12.08  ? 29  ASP B CA  1 
ATOM   974  C  C   . ASP B 1 29 ? 4.107   -3.904  -7.438  1.00 15.85  ? 29  ASP B C   1 
ATOM   975  O  O   . ASP B 1 29 ? 3.751   -4.894  -8.059  1.00 16.62  ? 29  ASP B O   1 
ATOM   976  C  CB  . ASP B 1 29 ? 4.009   -1.832  -8.731  1.00 17.09  ? 29  ASP B CB  1 
ATOM   977  C  CG  . ASP B 1 29 ? 3.400   -0.491  -9.064  1.00 28.99  ? 29  ASP B CG  1 
ATOM   978  O  OD1 . ASP B 1 29 ? 2.205   -0.273  -8.784  1.00 18.05  ? 29  ASP B OD1 1 
ATOM   979  O  OD2 . ASP B 1 29 ? 4.121   0.374   -9.630  1.00 22.22  ? 29  ASP B OD2 1 
ATOM   980  N  N   . ASP B 1 30 ? 5.169   -3.796  -6.641  1.00 16.63  ? 30  ASP B N   1 
ATOM   981  C  CA  . ASP B 1 30 ? 6.175   -4.824  -6.428  1.00 15.07  ? 30  ASP B CA  1 
ATOM   982  C  C   . ASP B 1 30 ? 6.219   -5.344  -4.996  1.00 13.08  ? 30  ASP B C   1 
ATOM   983  O  O   . ASP B 1 30 ? 5.826   -4.698  -4.038  1.00 14.78  ? 30  ASP B O   1 
ATOM   984  C  CB  . ASP B 1 30 ? 7.603   -4.306  -6.728  1.00 14.03  ? 30  ASP B CB  1 
ATOM   985  C  CG  . ASP B 1 30 ? 7.706   -3.678  -8.105  1.00 24.76  ? 30  ASP B CG  1 
ATOM   986  O  OD1 . ASP B 1 30 ? 7.196   -4.284  -9.068  1.00 24.34  ? 30  ASP B OD1 1 
ATOM   987  O  OD2 . ASP B 1 30 ? 8.283   -2.573  -8.217  1.00 27.98  ? 30  ASP B OD2 1 
ATOM   988  N  N   . THR B 1 31 ? 6.765   -6.549  -4.864  1.00 12.49  ? 31  THR B N   1 
ATOM   989  C  CA  . THR B 1 31 ? 6.999   -7.166  -3.560  1.00 10.24  ? 31  THR B CA  1 
ATOM   990  C  C   . THR B 1 31 ? 8.395   -6.834  -3.068  1.00 16.75  ? 31  THR B C   1 
ATOM   991  O  O   . THR B 1 31 ? 9.403   -7.001  -3.785  1.00 16.81  ? 31  THR B O   1 
ATOM   992  C  CB  . THR B 1 31 ? 6.782   -8.678  -3.729  1.00 12.08  ? 31  THR B CB  1 
ATOM   993  O  OG1 . THR B 1 31 ? 5.367   -8.887  -3.954  1.00 14.98  ? 31  THR B OG1 1 
ATOM   994  C  CG2 . THR B 1 31 ? 7.191   -9.480  -2.504  1.00 13.27  ? 31  THR B CG2 1 
ATOM   995  N  N   . VAL B 1 32 ? 8.492   -6.339  -1.841  1.00 11.93  ? 32  VAL B N   1 
ATOM   996  C  CA  . VAL B 1 32 ? 9.783   -5.905  -1.312  1.00 14.53  ? 32  VAL B CA  1 
ATOM   997  C  C   . VAL B 1 32 ? 9.995   -6.523  0.058   1.00 17.83  ? 32  VAL B C   1 
ATOM   998  O  O   . VAL B 1 32 ? 9.145   -6.411  0.938   1.00 17.00  ? 32  VAL B O   1 
ATOM   999  C  CB  . VAL B 1 32 ? 9.913   -4.372  -1.194  1.00 17.04  ? 32  VAL B CB  1 
ATOM   1000 C  CG1 . VAL B 1 32 ? 11.353  -3.993  -0.827  1.00 15.21  ? 32  VAL B CG1 1 
ATOM   1001 C  CG2 . VAL B 1 32 ? 9.455   -3.718  -2.484  1.00 14.08  ? 32  VAL B CG2 1 
ATOM   1002 N  N   . ILE B 1 33 ? 11.136  -7.185  0.219   1.00 14.74  ? 33  ILE B N   1 
ATOM   1003 C  CA  . ILE B 1 33 ? 11.416  -7.877  1.477   1.00 16.24  ? 33  ILE B CA  1 
ATOM   1004 C  C   . ILE B 1 33 ? 12.722  -7.392  2.081   1.00 27.78  ? 33  ILE B C   1 
ATOM   1005 O  O   . ILE B 1 33 ? 13.633  -6.984  1.343   1.00 18.45  ? 33  ILE B O   1 
ATOM   1006 C  CB  . ILE B 1 33 ? 11.493  -9.392  1.193   1.00 16.03  ? 33  ILE B CB  1 
ATOM   1007 C  CG1 . ILE B 1 33 ? 10.206  -9.952  0.587   1.00 20.90  ? 33  ILE B CG1 1 
ATOM   1008 C  CG2 . ILE B 1 33 ? 11.886  -10.177 2.429   1.00 24.65  ? 33  ILE B CG2 1 
ATOM   1009 C  CD1 . ILE B 1 33 ? 9.020   -9.993  1.498   1.00 26.30  ? 33  ILE B CD1 1 
ATOM   1010 N  N   . GLU B 1 34 ? 12.829  -7.438  3.404   1.00 16.92  ? 34  GLU B N   1 
ATOM   1011 C  CA  . GLU B 1 34 ? 14.063  -7.005  4.048   1.00 20.92  ? 34  GLU B CA  1 
ATOM   1012 C  C   . GLU B 1 34 ? 15.211  -7.941  3.665   1.00 27.15  ? 34  GLU B C   1 
ATOM   1013 O  O   . GLU B 1 34 ? 14.968  -9.066  3.220   1.00 23.01  ? 34  GLU B O   1 
ATOM   1014 C  CB  . GLU B 1 34 ? 13.880  -7.001  5.562   1.00 30.47  ? 34  GLU B CB  1 
ATOM   1015 C  CG  . GLU B 1 34 ? 13.175  -5.769  6.094   1.00 42.31  ? 34  GLU B CG  1 
ATOM   1016 C  CD  . GLU B 1 34 ? 12.018  -6.054  7.025   1.00 47.55  ? 34  GLU B CD  1 
ATOM   1017 O  OE1 . GLU B 1 34 ? 12.074  -7.058  7.766   1.00 46.21  ? 34  GLU B OE1 1 
ATOM   1018 O  OE2 . GLU B 1 34 ? 11.044  -5.266  7.023   1.00 53.15  ? 34  GLU B OE2 1 
ATOM   1019 N  N   . GLU B 1 35 ? 16.420  -7.453  3.871   1.00 20.49  ? 35  GLU B N   1 
ATOM   1020 C  CA  . GLU B 1 35 ? 17.649  -8.163  3.579   1.00 20.80  ? 35  GLU B CA  1 
ATOM   1021 C  C   . GLU B 1 35 ? 17.585  -9.627  3.999   1.00 23.76  ? 35  GLU B C   1 
ATOM   1022 O  O   . GLU B 1 35 ? 17.312  -9.967  5.149   1.00 25.55  ? 35  GLU B O   1 
ATOM   1023 C  CB  . GLU B 1 35 ? 18.830  -7.485  4.300   1.00 29.81  ? 35  GLU B CB  1 
ATOM   1024 C  CG  . GLU B 1 35 ? 20.157  -8.191  4.045   1.00 41.92  ? 35  GLU B CG  1 
ATOM   1025 C  CD  . GLU B 1 35 ? 20.424  -8.326  2.550   1.00 55.94  ? 35  GLU B CD  1 
ATOM   1026 O  OE1 . GLU B 1 35 ? 20.217  -7.321  1.831   1.00 59.58  ? 35  GLU B OE1 1 
ATOM   1027 O  OE2 . GLU B 1 35 ? 20.829  -9.424  2.111   1.00 54.75  ? 35  GLU B OE2 1 
ATOM   1028 N  N   . MET B 1 36 ? 17.829  -10.501 3.041   1.00 23.82  ? 36  MET B N   1 
ATOM   1029 C  CA  . MET B 1 36 ? 17.900  -11.943 3.226   1.00 22.33  ? 36  MET B CA  1 
ATOM   1030 C  C   . MET B 1 36 ? 18.640  -12.531 2.034   1.00 26.34  ? 36  MET B C   1 
ATOM   1031 O  O   . MET B 1 36 ? 18.784  -11.879 0.998   1.00 23.14  ? 36  MET B O   1 
ATOM   1032 C  CB  . MET B 1 36 ? 16.503  -12.553 3.321   1.00 19.64  ? 36  MET B CB  1 
ATOM   1033 C  CG  . MET B 1 36 ? 15.810  -12.672 1.971   1.00 25.09  ? 36  MET B CG  1 
ATOM   1034 S  SD  . MET B 1 36 ? 14.227  -13.553 2.089   1.00 30.88  ? 36  MET B SD  1 
ATOM   1035 C  CE  . MET B 1 36 ? 14.771  -15.186 2.569   1.00 24.69  ? 36  MET B CE  1 
ATOM   1036 N  N   . SER B 1 37 ? 19.099  -13.776 2.158   1.00 32.13  ? 37  SER B N   1 
ATOM   1037 C  CA  . SER B 1 37 ? 19.797  -14.362 1.013   1.00 28.40  ? 37  SER B CA  1 
ATOM   1038 C  C   . SER B 1 37 ? 18.819  -15.175 0.171   1.00 25.25  ? 37  SER B C   1 
ATOM   1039 O  O   . SER B 1 37 ? 18.052  -15.980 0.689   1.00 26.16  ? 37  SER B O   1 
ATOM   1040 C  CB  . SER B 1 37 ? 20.991  -15.192 1.487   1.00 32.31  ? 37  SER B CB  1 
ATOM   1041 O  OG  . SER B 1 37 ? 20.726  -16.579 1.455   1.00 53.40  ? 37  SER B OG  1 
ATOM   1042 N  N   . LEU B 1 38 ? 18.867  -14.930 -1.127  1.00 20.95  ? 38  LEU B N   1 
ATOM   1043 C  CA  . LEU B 1 38 ? 18.096  -15.641 -2.127  1.00 17.20  ? 38  LEU B CA  1 
ATOM   1044 C  C   . LEU B 1 38 ? 19.025  -16.273 -3.162  1.00 19.99  ? 38  LEU B C   1 
ATOM   1045 O  O   . LEU B 1 38 ? 20.122  -15.755 -3.393  1.00 24.09  ? 38  LEU B O   1 
ATOM   1046 C  CB  . LEU B 1 38 ? 17.113  -14.703 -2.828  1.00 18.43  ? 38  LEU B CB  1 
ATOM   1047 C  CG  . LEU B 1 38 ? 15.936  -14.233 -1.965  1.00 25.36  ? 38  LEU B CG  1 
ATOM   1048 C  CD1 . LEU B 1 38 ? 14.993  -13.336 -2.760  1.00 19.35  ? 38  LEU B CD1 1 
ATOM   1049 C  CD2 . LEU B 1 38 ? 15.184  -15.424 -1.389  1.00 21.56  ? 38  LEU B CD2 1 
ATOM   1050 N  N   . PRO B 1 39 ? 18.589  -17.353 -3.779  1.00 19.22  ? 39  PRO B N   1 
ATOM   1051 C  CA  . PRO B 1 39 ? 19.421  -18.033 -4.768  1.00 17.12  ? 39  PRO B CA  1 
ATOM   1052 C  C   . PRO B 1 39 ? 19.401  -17.323 -6.117  1.00 25.16  ? 39  PRO B C   1 
ATOM   1053 O  O   . PRO B 1 39 ? 18.487  -16.560 -6.419  1.00 23.43  ? 39  PRO B O   1 
ATOM   1054 C  CB  . PRO B 1 39 ? 18.735  -19.399 -4.928  1.00 20.24  ? 39  PRO B CB  1 
ATOM   1055 C  CG  . PRO B 1 39 ? 17.298  -19.112 -4.632  1.00 26.67  ? 39  PRO B CG  1 
ATOM   1056 C  CD  . PRO B 1 39 ? 17.294  -18.029 -3.586  1.00 24.26  ? 39  PRO B CD  1 
ATOM   1057 N  N   . GLY B 1 40 ? 20.435  -17.617 -6.909  1.00 18.38  ? 40  GLY B N   1 
ATOM   1058 C  CA  . GLY B 1 40 ? 20.527  -17.179 -8.284  1.00 19.67  ? 40  GLY B CA  1 
ATOM   1059 C  C   . GLY B 1 40 ? 21.126  -15.790 -8.422  1.00 18.98  ? 40  GLY B C   1 
ATOM   1060 O  O   . GLY B 1 40 ? 21.671  -15.212 -7.494  1.00 23.28  ? 40  GLY B O   1 
ATOM   1061 N  N   . ARG B 1 41 ? 20.994  -15.276 -9.633  1.00 15.47  ? 41  ARG B N   1 
ATOM   1062 C  CA  . ARG B 1 41 ? 21.552  -13.968 -9.929  1.00 18.32  ? 41  ARG B CA  1 
ATOM   1063 C  C   . ARG B 1 41 ? 20.502  -12.895 -9.697  1.00 23.94  ? 41  ARG B C   1 
ATOM   1064 O  O   . ARG B 1 41 ? 19.313  -13.210 -9.779  1.00 17.68  ? 41  ARG B O   1 
ATOM   1065 C  CB  . ARG B 1 41 ? 21.989  -13.958 -11.391 1.00 18.20  ? 41  ARG B CB  1 
ATOM   1066 C  CG  . ARG B 1 41 ? 23.296  -14.694 -11.644 1.00 14.73  ? 41  ARG B CG  1 
ATOM   1067 C  CD  . ARG B 1 41 ? 23.707  -14.539 -13.088 1.00 16.21  ? 41  ARG B CD  1 
ATOM   1068 N  NE  . ARG B 1 41 ? 24.089  -13.172 -13.469 1.00 16.08  ? 41  ARG B NE  1 
ATOM   1069 C  CZ  . ARG B 1 41 ? 25.237  -12.578 -13.146 1.00 24.24  ? 41  ARG B CZ  1 
ATOM   1070 N  NH1 . ARG B 1 41 ? 26.182  -13.161 -12.408 1.00 12.42  ? 41  ARG B NH1 1 
ATOM   1071 N  NH2 . ARG B 1 41 ? 25.429  -11.330 -13.581 1.00 15.56  ? 41  ARG B NH2 1 
ATOM   1072 N  N   . TRP B 1 42 ? 20.933  -11.668 -9.438  1.00 15.69  ? 42  TRP B N   1 
ATOM   1073 C  CA  . TRP B 1 42 ? 19.942  -10.590 -9.297  1.00 15.64  ? 42  TRP B CA  1 
ATOM   1074 C  C   . TRP B 1 42 ? 20.233  -9.441  -10.250 1.00 19.94  ? 42  TRP B C   1 
ATOM   1075 O  O   . TRP B 1 42 ? 21.330  -9.367  -10.803 1.00 15.24  ? 42  TRP B O   1 
ATOM   1076 C  CB  . TRP B 1 42 ? 19.959  -10.114 -7.859  1.00 18.84  ? 42  TRP B CB  1 
ATOM   1077 C  CG  . TRP B 1 42 ? 21.246  -9.592  -7.293  1.00 18.40  ? 42  TRP B CG  1 
ATOM   1078 C  CD1 . TRP B 1 42 ? 22.251  -10.277 -6.682  1.00 18.13  ? 42  TRP B CD1 1 
ATOM   1079 C  CD2 . TRP B 1 42 ? 21.642  -8.208  -7.296  1.00 17.45  ? 42  TRP B CD2 1 
ATOM   1080 N  NE1 . TRP B 1 42 ? 23.263  -9.415  -6.299  1.00 18.13  ? 42  TRP B NE1 1 
ATOM   1081 C  CE2 . TRP B 1 42 ? 22.897  -8.138  -6.673  1.00 16.54  ? 42  TRP B CE2 1 
ATOM   1082 C  CE3 . TRP B 1 42 ? 21.019  -7.053  -7.783  1.00 16.03  ? 42  TRP B CE3 1 
ATOM   1083 C  CZ2 . TRP B 1 42 ? 23.558  -6.925  -6.518  1.00 19.93  ? 42  TRP B CZ2 1 
ATOM   1084 C  CZ3 . TRP B 1 42 ? 21.671  -5.844  -7.631  1.00 18.45  ? 42  TRP B CZ3 1 
ATOM   1085 C  CH2 . TRP B 1 42 ? 22.922  -5.808  -7.005  1.00 21.95  ? 42  TRP B CH2 1 
ATOM   1086 N  N   . LYS B 1 43 ? 19.281  -8.543  -10.464 1.00 16.03  ? 43  LYS B N   1 
ATOM   1087 C  CA  . LYS B 1 43 ? 19.409  -7.413  -11.377 1.00 17.32  ? 43  LYS B CA  1 
ATOM   1088 C  C   . LYS B 1 43 ? 19.103  -6.137  -10.588 1.00 21.95  ? 43  LYS B C   1 
ATOM   1089 O  O   . LYS B 1 43 ? 18.380  -6.260  -9.589  1.00 17.14  ? 43  LYS B O   1 
ATOM   1090 C  CB  . LYS B 1 43 ? 18.455  -7.451  -12.557 1.00 17.33  ? 43  LYS B CB  1 
ATOM   1091 C  CG  . LYS B 1 43 ? 18.616  -8.502  -13.624 1.00 29.27  ? 43  LYS B CG  1 
ATOM   1092 C  CD  . LYS B 1 43 ? 17.338  -8.602  -14.450 1.00 39.10  ? 43  LYS B CD  1 
ATOM   1093 C  CE  . LYS B 1 43 ? 17.402  -9.771  -15.422 1.00 54.92  ? 43  LYS B CE  1 
ATOM   1094 N  NZ  . LYS B 1 43 ? 16.376  -9.644  -16.500 1.00 65.92  ? 43  LYS B NZ  1 
ATOM   1095 N  N   . PRO B 1 44 ? 19.624  -5.012  -11.052 1.00 21.46  ? 44  PRO B N   1 
ATOM   1096 C  CA  . PRO B 1 44 ? 19.387  -3.759  -10.338 1.00 17.94  ? 44  PRO B CA  1 
ATOM   1097 C  C   . PRO B 1 44 ? 17.988  -3.225  -10.588 1.00 16.54  ? 44  PRO B C   1 
ATOM   1098 O  O   . PRO B 1 44 ? 17.426  -3.369  -11.660 1.00 15.95  ? 44  PRO B O   1 
ATOM   1099 C  CB  . PRO B 1 44 ? 20.390  -2.781  -10.963 1.00 15.19  ? 44  PRO B CB  1 
ATOM   1100 C  CG  . PRO B 1 44 ? 20.518  -3.297  -12.375 1.00 15.23  ? 44  PRO B CG  1 
ATOM   1101 C  CD  . PRO B 1 44 ? 20.458  -4.799  -12.254 1.00 20.98  ? 44  PRO B CD  1 
ATOM   1102 N  N   . LYS B 1 45 ? 17.480  -2.587  -9.536  1.00 15.20  ? 45  LYS B N   1 
ATOM   1103 C  CA  . LYS B 1 45 ? 16.229  -1.870  -9.711  1.00 13.85  ? 45  LYS B CA  1 
ATOM   1104 C  C   . LYS B 1 45 ? 16.166  -0.734  -8.696  1.00 16.04  ? 45  LYS B C   1 
ATOM   1105 O  O   . LYS B 1 45 ? 16.571  -0.835  -7.547  1.00 17.71  ? 45  LYS B O   1 
ATOM   1106 C  CB  . LYS B 1 45 ? 15.017  -2.786  -9.536  1.00 21.22  ? 45  LYS B CB  1 
ATOM   1107 C  CG  . LYS B 1 45 ? 13.716  -2.002  -9.636  1.00 26.04  ? 45  LYS B CG  1 
ATOM   1108 C  CD  . LYS B 1 45 ? 12.506  -2.842  -9.978  1.00 29.78  ? 45  LYS B CD  1 
ATOM   1109 C  CE  . LYS B 1 45 ? 11.432  -1.986  -10.656 1.00 19.46  ? 45  LYS B CE  1 
ATOM   1110 N  NZ  . LYS B 1 45 ? 10.182  -2.762  -10.882 1.00 41.76  ? 45  LYS B NZ  1 
ATOM   1111 N  N   . MET B 1 46 ? 15.623  0.376   -9.182  1.00 18.08  ? 46  MET B N   1 
ATOM   1112 C  CA  . MET B 1 46 ? 15.375  1.513   -8.298  1.00 19.60  ? 46  MET B CA  1 
ATOM   1113 C  C   . MET B 1 46 ? 13.865  1.586   -8.087  1.00 21.73  ? 46  MET B C   1 
ATOM   1114 O  O   . MET B 1 46 ? 13.160  1.466   -9.092  1.00 19.35  ? 46  MET B O   1 
ATOM   1115 C  CB  . MET B 1 46 ? 15.935  2.788   -8.907  1.00 22.20  ? 46  MET B CB  1 
ATOM   1116 C  CG  . MET B 1 46 ? 17.327  3.101   -8.320  1.00 33.14  ? 46  MET B CG  1 
ATOM   1117 S  SD  . MET B 1 46 ? 17.105  4.398   -7.073  1.00 56.64  ? 46  MET B SD  1 
ATOM   1118 C  CE  . MET B 1 46 ? 16.264  5.630   -8.074  1.00 54.27  ? 46  MET B CE  1 
ATOM   1119 N  N   . ILE B 1 47 ? 13.422  1.719   -6.846  1.00 20.75  ? 47  ILE B N   1 
ATOM   1120 C  CA  . ILE B 1 47 ? 11.992  1.832   -6.583  1.00 18.43  ? 47  ILE B CA  1 
ATOM   1121 C  C   . ILE B 1 47 ? 11.725  3.101   -5.776  1.00 15.57  ? 47  ILE B C   1 
ATOM   1122 O  O   . ILE B 1 47 ? 12.580  3.545   -5.008  1.00 17.98  ? 47  ILE B O   1 
ATOM   1123 C  CB  . ILE B 1 47 ? 11.415  0.634   -5.816  1.00 17.40  ? 47  ILE B CB  1 
ATOM   1124 C  CG1 . ILE B 1 47 ? 12.014  0.433   -4.424  1.00 23.13  ? 47  ILE B CG1 1 
ATOM   1125 C  CG2 . ILE B 1 47 ? 11.525  -0.634  -6.656  1.00 17.75  ? 47  ILE B CG2 1 
ATOM   1126 C  CD1 . ILE B 1 47 ? 11.303  -0.634  -3.602  1.00 23.77  ? 47  ILE B CD1 1 
ATOM   1127 N  N   . GLY B 1 48 ? 10.536  3.653   -5.974  1.00 15.86  ? 48  GLY B N   1 
ATOM   1128 C  CA  . GLY B 1 48 ? 10.241  4.912   -5.295  1.00 20.10  ? 48  GLY B CA  1 
ATOM   1129 C  C   . GLY B 1 48 ? 9.177   4.717   -4.233  1.00 17.43  ? 48  GLY B C   1 
ATOM   1130 O  O   . GLY B 1 48 ? 8.131   4.143   -4.535  1.00 30.79  ? 48  GLY B O   1 
ATOM   1131 N  N   . GLY B 1 49 ? 9.434   5.184   -3.015  1.00 16.80  ? 49  GLY B N   1 
ATOM   1132 C  CA  . GLY B 1 49 ? 8.449   4.999   -1.935  1.00 18.74  ? 49  GLY B CA  1 
ATOM   1133 C  C   . GLY B 1 49 ? 8.054   6.380   -1.435  1.00 22.90  ? 49  GLY B C   1 
ATOM   1134 O  O   . GLY B 1 49 ? 8.401   7.370   -2.089  1.00 24.59  ? 49  GLY B O   1 
ATOM   1135 N  N   . ILE B 1 50 ? 7.363   6.463   -0.309  1.00 21.83  ? 50  ILE B N   1 
ATOM   1136 C  CA  . ILE B 1 50 ? 6.896   7.781   0.154   1.00 17.81  ? 50  ILE B CA  1 
ATOM   1137 C  C   . ILE B 1 50 ? 8.075   8.670   0.464   1.00 17.32  ? 50  ILE B C   1 
ATOM   1138 O  O   . ILE B 1 50 ? 8.039   9.900   0.332   1.00 23.54  ? 50  ILE B O   1 
ATOM   1139 C  CB  . ILE B 1 50 ? 5.968   7.623   1.378   1.00 17.97  ? 50  ILE B CB  1 
ATOM   1140 C  CG1 . ILE B 1 50 ? 5.169   8.876   1.738   1.00 19.77  ? 50  ILE B CG1 1 
ATOM   1141 C  CG2 . ILE B 1 50 ? 6.736   7.139   2.601   1.00 20.73  ? 50  ILE B CG2 1 
ATOM   1142 C  CD1 . ILE B 1 50 ? 3.935   9.068   0.889   1.00 22.06  ? 50  ILE B CD1 1 
ATOM   1143 N  N   . GLY B 1 51 ? 9.212   8.110   0.894   1.00 16.23  ? 51  GLY B N   1 
ATOM   1144 C  CA  . GLY B 1 51 ? 10.242  9.080   1.303   1.00 22.29  ? 51  GLY B CA  1 
ATOM   1145 C  C   . GLY B 1 51 ? 11.326  9.340   0.287   1.00 20.32  ? 51  GLY B C   1 
ATOM   1146 O  O   . GLY B 1 51 ? 12.268  10.103  0.529   1.00 20.51  ? 51  GLY B O   1 
ATOM   1147 N  N   . GLY B 1 52 ? 11.226  8.699   -0.873  1.00 20.65  ? 52  GLY B N   1 
ATOM   1148 C  CA  . GLY B 1 52 ? 12.295  8.823   -1.858  1.00 30.26  ? 52  GLY B CA  1 
ATOM   1149 C  C   . GLY B 1 52 ? 12.570  7.502   -2.554  1.00 28.92  ? 52  GLY B C   1 
ATOM   1150 O  O   . GLY B 1 52 ? 11.783  6.563   -2.412  1.00 24.35  ? 52  GLY B O   1 
ATOM   1151 N  N   . PHE B 1 53 ? 13.663  7.444   -3.308  1.00 21.25  ? 53  PHE B N   1 
ATOM   1152 C  CA  . PHE B 1 53 ? 13.998  6.254   -4.078  1.00 22.82  ? 53  PHE B CA  1 
ATOM   1153 C  C   . PHE B 1 53 ? 15.042  5.408   -3.364  1.00 26.63  ? 53  PHE B C   1 
ATOM   1154 O  O   . PHE B 1 53 ? 15.883  5.914   -2.624  1.00 25.72  ? 53  PHE B O   1 
ATOM   1155 C  CB  . PHE B 1 53 ? 14.518  6.644   -5.463  1.00 30.85  ? 53  PHE B CB  1 
ATOM   1156 C  CG  . PHE B 1 53 ? 13.417  6.935   -6.463  1.00 31.69  ? 53  PHE B CG  1 
ATOM   1157 C  CD1 . PHE B 1 53 ? 12.850  5.900   -7.191  1.00 35.31  ? 53  PHE B CD1 1 
ATOM   1158 C  CD2 . PHE B 1 53 ? 12.974  8.230   -6.663  1.00 42.64  ? 53  PHE B CD2 1 
ATOM   1159 C  CE1 . PHE B 1 53 ? 11.847  6.156   -8.107  1.00 46.92  ? 53  PHE B CE1 1 
ATOM   1160 C  CE2 . PHE B 1 53 ? 11.958  8.484   -7.569  1.00 45.96  ? 53  PHE B CE2 1 
ATOM   1161 C  CZ  . PHE B 1 53 ? 11.392  7.449   -8.290  1.00 46.50  ? 53  PHE B CZ  1 
ATOM   1162 N  N   . ILE B 1 54 ? 15.014  4.089   -3.572  1.00 18.38  ? 54  ILE B N   1 
ATOM   1163 C  CA  . ILE B 1 54 ? 16.040  3.243   -2.972  1.00 20.59  ? 54  ILE B CA  1 
ATOM   1164 C  C   . ILE B 1 54 ? 16.508  2.258   -4.046  1.00 19.55  ? 54  ILE B C   1 
ATOM   1165 O  O   . ILE B 1 54 ? 15.759  2.020   -4.996  1.00 19.52  ? 54  ILE B O   1 
ATOM   1166 C  CB  . ILE B 1 54 ? 15.539  2.498   -1.731  1.00 22.24  ? 54  ILE B CB  1 
ATOM   1167 C  CG1 . ILE B 1 54 ? 14.452  1.444   -1.991  1.00 21.34  ? 54  ILE B CG1 1 
ATOM   1168 C  CG2 . ILE B 1 54 ? 15.055  3.497   -0.680  1.00 26.92  ? 54  ILE B CG2 1 
ATOM   1169 C  CD1 . ILE B 1 54 ? 14.175  0.496   -0.830  1.00 21.02  ? 54  ILE B CD1 1 
ATOM   1170 N  N   . LYS B 1 55 ? 17.709  1.738   -3.870  1.00 20.83  ? 55  LYS B N   1 
ATOM   1171 C  CA  . LYS B 1 55 ? 18.223  0.670   -4.724  1.00 23.19  ? 55  LYS B CA  1 
ATOM   1172 C  C   . LYS B 1 55 ? 17.794  -0.675  -4.149  1.00 17.22  ? 55  LYS B C   1 
ATOM   1173 O  O   . LYS B 1 55 ? 17.926  -0.793  -2.928  1.00 19.23  ? 55  LYS B O   1 
ATOM   1174 C  CB  . LYS B 1 55 ? 19.755  0.682   -4.796  1.00 24.34  ? 55  LYS B CB  1 
ATOM   1175 C  CG  . LYS B 1 55 ? 20.310  1.871   -5.560  1.00 37.40  ? 55  LYS B CG  1 
ATOM   1176 C  CD  . LYS B 1 55 ? 21.815  1.815   -5.747  1.00 38.97  ? 55  LYS B CD  1 
ATOM   1177 C  CE  . LYS B 1 55 ? 22.214  2.385   -7.103  1.00 47.75  ? 55  LYS B CE  1 
ATOM   1178 N  NZ  . LYS B 1 55 ? 23.689  2.582   -7.208  1.00 45.31  ? 55  LYS B NZ  1 
ATOM   1179 N  N   . VAL B 1 56 ? 17.346  -1.624  -4.942  1.00 13.75  ? 56  VAL B N   1 
ATOM   1180 C  CA  . VAL B 1 56 ? 17.038  -2.944  -4.390  1.00 15.71  ? 56  VAL B CA  1 
ATOM   1181 C  C   . VAL B 1 56 ? 17.670  -4.002  -5.286  1.00 14.56  ? 56  VAL B C   1 
ATOM   1182 O  O   . VAL B 1 56 ? 18.083  -3.672  -6.400  1.00 17.86  ? 56  VAL B O   1 
ATOM   1183 C  CB  . VAL B 1 56 ? 15.526  -3.237  -4.292  1.00 16.77  ? 56  VAL B CB  1 
ATOM   1184 C  CG1 . VAL B 1 56 ? 14.815  -2.405  -3.238  1.00 15.66  ? 56  VAL B CG1 1 
ATOM   1185 C  CG2 . VAL B 1 56 ? 14.872  -3.037  -5.657  1.00 18.84  ? 56  VAL B CG2 1 
ATOM   1186 N  N   . ARG B 1 57 ? 17.723  -5.238  -4.835  1.00 16.54  ? 57  ARG B N   1 
ATOM   1187 C  CA  . ARG B 1 57 ? 18.166  -6.357  -5.662  1.00 13.55  ? 57  ARG B CA  1 
ATOM   1188 C  C   . ARG B 1 57 ? 16.942  -7.113  -6.169  1.00 16.73  ? 57  ARG B C   1 
ATOM   1189 O  O   . ARG B 1 57 ? 16.127  -7.540  -5.332  1.00 19.05  ? 57  ARG B O   1 
ATOM   1190 C  CB  . ARG B 1 57 ? 19.061  -7.293  -4.868  1.00 17.29  ? 57  ARG B CB  1 
ATOM   1191 C  CG  . ARG B 1 57 ? 20.203  -6.637  -4.113  1.00 18.84  ? 57  ARG B CG  1 
ATOM   1192 C  CD  . ARG B 1 57 ? 21.296  -7.620  -3.733  1.00 21.80  ? 57  ARG B CD  1 
ATOM   1193 N  NE  . ARG B 1 57 ? 20.861  -8.685  -2.851  1.00 20.49  ? 57  ARG B NE  1 
ATOM   1194 C  CZ  . ARG B 1 57 ? 20.701  -8.658  -1.539  1.00 31.62  ? 57  ARG B CZ  1 
ATOM   1195 N  NH1 . ARG B 1 57 ? 20.922  -7.594  -0.780  1.00 28.61  ? 57  ARG B NH1 1 
ATOM   1196 N  NH2 . ARG B 1 57 ? 20.287  -9.765  -0.915  1.00 36.18  ? 57  ARG B NH2 1 
ATOM   1197 N  N   . GLN B 1 58 ? 16.838  -7.247  -7.478  1.00 13.33  ? 58  GLN B N   1 
ATOM   1198 C  CA  . GLN B 1 58 ? 15.690  -7.913  -8.081  1.00 12.88  ? 58  GLN B CA  1 
ATOM   1199 C  C   . GLN B 1 58 ? 16.003  -9.377  -8.341  1.00 18.38  ? 58  GLN B C   1 
ATOM   1200 O  O   . GLN B 1 58 ? 16.821  -9.661  -9.212  1.00 17.82  ? 58  GLN B O   1 
ATOM   1201 C  CB  . GLN B 1 58 ? 15.242  -7.253  -9.391  1.00 12.15  ? 58  GLN B CB  1 
ATOM   1202 C  CG  . GLN B 1 58 ? 14.111  -7.986  -10.104 1.00 13.36  ? 58  GLN B CG  1 
ATOM   1203 C  CD  . GLN B 1 58 ? 13.615  -7.283  -11.352 1.00 19.26  ? 58  GLN B CD  1 
ATOM   1204 O  OE1 . GLN B 1 58 ? 13.696  -6.053  -11.486 1.00 26.10  ? 58  GLN B OE1 1 
ATOM   1205 N  NE2 . GLN B 1 58 ? 13.040  -8.012  -12.302 1.00 17.72  ? 58  GLN B NE2 1 
ATOM   1206 N  N   . TYR B 1 59 ? 15.352  -10.286 -7.629  1.00 15.58  ? 59  TYR B N   1 
ATOM   1207 C  CA  . TYR B 1 59 ? 15.431  -11.718 -7.904  1.00 12.75  ? 59  TYR B CA  1 
ATOM   1208 C  C   . TYR B 1 59 ? 14.154  -12.185 -8.599  1.00 20.57  ? 59  TYR B C   1 
ATOM   1209 O  O   . TYR B 1 59 ? 13.012  -12.020 -8.163  1.00 17.80  ? 59  TYR B O   1 
ATOM   1210 C  CB  . TYR B 1 59 ? 15.651  -12.525 -6.625  1.00 10.49  ? 59  TYR B CB  1 
ATOM   1211 C  CG  . TYR B 1 59 ? 16.919  -12.230 -5.867  1.00 14.47  ? 59  TYR B CG  1 
ATOM   1212 C  CD1 . TYR B 1 59 ? 17.067  -11.131 -5.046  1.00 13.18  ? 59  TYR B CD1 1 
ATOM   1213 C  CD2 . TYR B 1 59 ? 18.012  -13.111 -6.010  1.00 22.14  ? 59  TYR B CD2 1 
ATOM   1214 C  CE1 . TYR B 1 59 ? 18.249  -10.890 -4.368  1.00 21.71  ? 59  TYR B CE1 1 
ATOM   1215 C  CE2 . TYR B 1 59 ? 19.194  -12.877 -5.339  1.00 15.36  ? 59  TYR B CE2 1 
ATOM   1216 C  CZ  . TYR B 1 59 ? 19.308  -11.780 -4.529  1.00 21.63  ? 59  TYR B CZ  1 
ATOM   1217 O  OH  . TYR B 1 59 ? 20.485  -11.541 -3.858  1.00 21.13  ? 59  TYR B OH  1 
ATOM   1218 N  N   . ASP B 1 60 ? 14.303  -12.817 -9.751  1.00 13.73  ? 60  ASP B N   1 
ATOM   1219 C  CA  . ASP B 1 60 ? 13.146  -13.334 -10.463 1.00 17.13  ? 60  ASP B CA  1 
ATOM   1220 C  C   . ASP B 1 60 ? 12.866  -14.797 -10.144 1.00 19.99  ? 60  ASP B C   1 
ATOM   1221 O  O   . ASP B 1 60 ? 13.761  -15.545 -9.749  1.00 20.44  ? 60  ASP B O   1 
ATOM   1222 C  CB  . ASP B 1 60 ? 13.389  -13.129 -11.959 1.00 22.04  ? 60  ASP B CB  1 
ATOM   1223 C  CG  . ASP B 1 60 ? 13.437  -11.650 -12.303 1.00 24.62  ? 60  ASP B CG  1 
ATOM   1224 O  OD1 . ASP B 1 60 ? 12.844  -10.824 -11.576 1.00 21.43  ? 60  ASP B OD1 1 
ATOM   1225 O  OD2 . ASP B 1 60 ? 14.065  -11.301 -13.315 1.00 24.16  ? 60  ASP B OD2 1 
ATOM   1226 N  N   . GLN B 1 61 ? 11.617  -15.193 -10.319 1.00 16.79  ? 61  GLN B N   1 
ATOM   1227 C  CA  . GLN B 1 61 ? 11.145  -16.562 -10.235 1.00 18.52  ? 61  GLN B CA  1 
ATOM   1228 C  C   . GLN B 1 61 ? 11.480  -17.205 -8.900  1.00 21.27  ? 61  GLN B C   1 
ATOM   1229 O  O   . GLN B 1 61 ? 11.945  -18.349 -8.815  1.00 25.92  ? 61  GLN B O   1 
ATOM   1230 C  CB  . GLN B 1 61 ? 11.755  -17.370 -11.389 1.00 23.84  ? 61  GLN B CB  1 
ATOM   1231 C  CG  . GLN B 1 61 ? 10.797  -18.407 -11.970 1.00 28.50  ? 61  GLN B CG  1 
ATOM   1232 C  CD  . GLN B 1 61 ? 11.362  -18.921 -13.289 1.00 38.03  ? 61  GLN B CD  1 
ATOM   1233 O  OE1 . GLN B 1 61 ? 11.901  -18.136 -14.070 1.00 40.17  ? 61  GLN B OE1 1 
ATOM   1234 N  NE2 . GLN B 1 61 ? 11.243  -20.214 -13.530 1.00 24.55  ? 61  GLN B NE2 1 
ATOM   1235 N  N   . ILE B 1 62 ? 11.232  -16.444 -7.843  1.00 13.78  ? 62  ILE B N   1 
ATOM   1236 C  CA  . ILE B 1 62 ? 11.421  -16.911 -6.478  1.00 16.84  ? 62  ILE B CA  1 
ATOM   1237 C  C   . ILE B 1 62 ? 10.168  -17.572 -5.929  1.00 23.57  ? 62  ILE B C   1 
ATOM   1238 O  O   . ILE B 1 62 ? 9.051   -17.060 -6.048  1.00 15.99  ? 62  ILE B O   1 
ATOM   1239 C  CB  . ILE B 1 62 ? 11.813  -15.738 -5.557  1.00 17.13  ? 62  ILE B CB  1 
ATOM   1240 C  CG1 . ILE B 1 62 ? 13.167  -15.126 -5.946  1.00 16.68  ? 62  ILE B CG1 1 
ATOM   1241 C  CG2 . ILE B 1 62 ? 11.777  -16.164 -4.096  1.00 15.63  ? 62  ILE B CG2 1 
ATOM   1242 C  CD1 . ILE B 1 62 ? 14.249  -16.182 -6.112  1.00 14.74  ? 62  ILE B CD1 1 
ATOM   1243 N  N   . ILE B 1 63 ? 10.316  -18.733 -5.308  1.00 19.92  ? 63  ILE B N   1 
ATOM   1244 C  CA  . ILE B 1 63 ? 9.149   -19.408 -4.733  1.00 18.14  ? 63  ILE B CA  1 
ATOM   1245 C  C   . ILE B 1 63 ? 8.793   -18.816 -3.376  1.00 18.40  ? 63  ILE B C   1 
ATOM   1246 O  O   . ILE B 1 63 ? 9.657   -18.677 -2.500  1.00 16.07  ? 63  ILE B O   1 
ATOM   1247 C  CB  . ILE B 1 63 ? 9.425   -20.927 -4.610  1.00 21.11  ? 63  ILE B CB  1 
ATOM   1248 C  CG1 . ILE B 1 63 ? 9.825   -21.556 -5.942  1.00 16.03  ? 63  ILE B CG1 1 
ATOM   1249 C  CG2 . ILE B 1 63 ? 8.235   -21.639 -3.966  1.00 19.74  ? 63  ILE B CG2 1 
ATOM   1250 C  CD1 . ILE B 1 63 ? 10.045  -23.056 -5.879  1.00 23.41  ? 63  ILE B CD1 1 
ATOM   1251 N  N   . ILE B 1 64 ? 7.524   -18.447 -3.195  1.00 13.12  ? 64  ILE B N   1 
ATOM   1252 C  CA  . ILE B 1 64 ? 7.116   -17.879 -1.919  1.00 11.40  ? 64  ILE B CA  1 
ATOM   1253 C  C   . ILE B 1 64 ? 5.670   -18.272 -1.612  1.00 16.32  ? 64  ILE B C   1 
ATOM   1254 O  O   . ILE B 1 64 ? 4.794   -18.203 -2.466  1.00 19.71  ? 64  ILE B O   1 
ATOM   1255 C  CB  . ILE B 1 64 ? 7.256   -16.355 -1.866  1.00 17.89  ? 64  ILE B CB  1 
ATOM   1256 C  CG1 . ILE B 1 64 ? 6.557   -15.683 -0.666  1.00 14.91  ? 64  ILE B CG1 1 
ATOM   1257 C  CG2 . ILE B 1 64 ? 6.799   -15.704 -3.169  1.00 23.03  ? 64  ILE B CG2 1 
ATOM   1258 C  CD1 . ILE B 1 64 ? 6.861   -14.184 -0.658  1.00 18.19  ? 64  ILE B CD1 1 
ATOM   1259 N  N   . GLU B 1 65 ? 5.439   -18.692 -0.377  1.00 16.49  ? 65  GLU B N   1 
ATOM   1260 C  CA  . GLU B 1 65 ? 4.086   -18.992 0.090   1.00 19.23  ? 65  GLU B CA  1 
ATOM   1261 C  C   . GLU B 1 65 ? 3.540   -17.757 0.800   1.00 17.64  ? 65  GLU B C   1 
ATOM   1262 O  O   . GLU B 1 65 ? 4.275   -17.139 1.578   1.00 16.79  ? 65  GLU B O   1 
ATOM   1263 C  CB  . GLU B 1 65 ? 4.079   -20.205 1.026   1.00 17.39  ? 65  GLU B CB  1 
ATOM   1264 C  CG  . GLU B 1 65 ? 2.686   -20.597 1.501   1.00 41.62  ? 65  GLU B CG  1 
ATOM   1265 C  CD  . GLU B 1 65 ? 2.623   -21.372 2.800   1.00 57.57  ? 65  GLU B CD  1 
ATOM   1266 O  OE1 . GLU B 1 65 ? 2.781   -20.807 3.906   1.00 72.25  ? 65  GLU B OE1 1 
ATOM   1267 O  OE2 . GLU B 1 65 ? 2.389   -22.602 2.758   1.00 51.62  ? 65  GLU B OE2 1 
ATOM   1268 N  N   . ILE B 1 66 ? 2.293   -17.390 0.526   1.00 17.95  ? 66  ILE B N   1 
ATOM   1269 C  CA  . ILE B 1 66 ? 1.681   -16.184 1.082   1.00 13.61  ? 66  ILE B CA  1 
ATOM   1270 C  C   . ILE B 1 66 ? 0.321   -16.565 1.691   1.00 17.52  ? 66  ILE B C   1 
ATOM   1271 O  O   . ILE B 1 66 ? -0.555  -16.905 0.900   1.00 16.37  ? 66  ILE B O   1 
ATOM   1272 C  CB  . ILE B 1 66 ? 1.430   -15.101 0.028   1.00 17.13  ? 66  ILE B CB  1 
ATOM   1273 C  CG1 . ILE B 1 66 ? 2.733   -14.659 -0.662  1.00 19.08  ? 66  ILE B CG1 1 
ATOM   1274 C  CG2 . ILE B 1 66 ? 0.672   -13.926 0.640   1.00 15.83  ? 66  ILE B CG2 1 
ATOM   1275 C  CD1 . ILE B 1 66 ? 2.546   -13.932 -1.974  1.00 18.95  ? 66  ILE B CD1 1 
ATOM   1276 N  N   . ALA B 1 67 ? 0.271   -16.488 3.010   1.00 15.48  ? 67  ALA B N   1 
ATOM   1277 C  CA  . ALA B 1 67 ? -0.900  -16.926 3.755   1.00 20.42  ? 67  ALA B CA  1 
ATOM   1278 C  C   . ALA B 1 67 ? -1.413  -18.236 3.180   1.00 22.56  ? 67  ALA B C   1 
ATOM   1279 O  O   . ALA B 1 67 ? -2.599  -18.430 2.927   1.00 24.03  ? 67  ALA B O   1 
ATOM   1280 C  CB  . ALA B 1 67 ? -1.957  -15.831 3.727   1.00 25.09  ? 67  ALA B CB  1 
ATOM   1281 N  N   . GLY B 1 68 ? -0.501  -19.176 2.911   1.00 27.96  ? 68  GLY B N   1 
ATOM   1282 C  CA  . GLY B 1 68 ? -0.939  -20.494 2.471   1.00 28.85  ? 68  GLY B CA  1 
ATOM   1283 C  C   . GLY B 1 68 ? -1.099  -20.671 0.984   1.00 28.43  ? 68  GLY B C   1 
ATOM   1284 O  O   . GLY B 1 68 ? -1.402  -21.769 0.506   1.00 23.44  ? 68  GLY B O   1 
ATOM   1285 N  N   . HIS B 1 69 ? -0.914  -19.607 0.205   1.00 18.07  ? 69  HIS B N   1 
ATOM   1286 C  CA  . HIS B 1 69 ? -1.060  -19.714 -1.236  1.00 20.83  ? 69  HIS B CA  1 
ATOM   1287 C  C   . HIS B 1 69 ? 0.321   -19.613 -1.898  1.00 21.07  ? 69  HIS B C   1 
ATOM   1288 O  O   . HIS B 1 69 ? 1.101   -18.754 -1.490  1.00 19.62  ? 69  HIS B O   1 
ATOM   1289 C  CB  . HIS B 1 69 ? -1.943  -18.615 -1.825  1.00 20.90  ? 69  HIS B CB  1 
ATOM   1290 C  CG  . HIS B 1 69 ? -3.344  -18.660 -1.305  1.00 21.66  ? 69  HIS B CG  1 
ATOM   1291 N  ND1 . HIS B 1 69 ? -4.430  -18.758 -2.138  1.00 28.72  ? 69  HIS B ND1 1 
ATOM   1292 C  CD2 . HIS B 1 69 ? -3.836  -18.627 -0.047  1.00 25.73  ? 69  HIS B CD2 1 
ATOM   1293 C  CE1 . HIS B 1 69 ? -5.547  -18.781 -1.417  1.00 26.68  ? 69  HIS B CE1 1 
ATOM   1294 N  NE2 . HIS B 1 69 ? -5.210  -18.705 -0.143  1.00 25.97  ? 69  HIS B NE2 1 
ATOM   1295 N  N   . LYS B 1 70 ? 0.534   -20.482 -2.859  1.00 23.47  ? 70  LYS B N   1 
ATOM   1296 C  CA  . LYS B 1 70 ? 1.792   -20.624 -3.572  1.00 24.90  ? 70  LYS B CA  1 
ATOM   1297 C  C   . LYS B 1 70 ? 1.952   -19.600 -4.677  1.00 21.42  ? 70  LYS B C   1 
ATOM   1298 O  O   . LYS B 1 70 ? 1.065   -19.526 -5.532  1.00 23.56  ? 70  LYS B O   1 
ATOM   1299 C  CB  . LYS B 1 70 ? 1.843   -22.047 -4.159  1.00 33.05  ? 70  LYS B CB  1 
ATOM   1300 C  CG  . LYS B 1 70 ? 1.624   -23.113 -3.088  1.00 53.49  ? 70  LYS B CG  1 
ATOM   1301 C  CD  . LYS B 1 70 ? 1.440   -24.512 -3.655  1.00 58.58  ? 70  LYS B CD  1 
ATOM   1302 C  CE  . LYS B 1 70 ? 1.133   -25.508 -2.547  1.00 59.50  ? 70  LYS B CE  1 
ATOM   1303 N  NZ  . LYS B 1 70 ? 1.471   -26.907 -2.922  1.00 54.89  ? 70  LYS B NZ  1 
ATOM   1304 N  N   . ALA B 1 71 ? 3.053   -18.845 -4.647  1.00 15.76  ? 71  ALA B N   1 
ATOM   1305 C  CA  . ALA B 1 71 ? 3.348   -17.920 -5.737  1.00 15.23  ? 71  ALA B CA  1 
ATOM   1306 C  C   . ALA B 1 71 ? 4.781   -18.160 -6.213  1.00 17.69  ? 71  ALA B C   1 
ATOM   1307 O  O   . ALA B 1 71 ? 5.611   -18.663 -5.459  1.00 18.64  ? 71  ALA B O   1 
ATOM   1308 C  CB  . ALA B 1 71 ? 3.208   -16.455 -5.374  1.00 17.59  ? 71  ALA B CB  1 
ATOM   1309 N  N   . ILE B 1 72 ? 5.052   -17.799 -7.456  1.00 17.13  ? 72  ILE B N   1 
ATOM   1310 C  CA  . ILE B 1 72 ? 6.433   -17.888 -7.949  1.00 14.73  ? 72  ILE B CA  1 
ATOM   1311 C  C   . ILE B 1 72 ? 6.655   -16.620 -8.768  1.00 15.32  ? 72  ILE B C   1 
ATOM   1312 O  O   . ILE B 1 72 ? 6.019   -16.452 -9.792  1.00 17.06  ? 72  ILE B O   1 
ATOM   1313 C  CB  . ILE B 1 72 ? 6.694   -19.144 -8.768  1.00 11.86  ? 72  ILE B CB  1 
ATOM   1314 C  CG1 . ILE B 1 72 ? 6.314   -20.437 -8.031  1.00 15.60  ? 72  ILE B CG1 1 
ATOM   1315 C  CG2 . ILE B 1 72 ? 8.162   -19.231 -9.171  1.00 17.42  ? 72  ILE B CG2 1 
ATOM   1316 C  CD1 . ILE B 1 72 ? 6.752   -21.689 -8.765  1.00 24.65  ? 72  ILE B CD1 1 
ATOM   1317 N  N   . GLY B 1 73 ? 7.525   -15.749 -8.260  1.00 16.82  ? 73  GLY B N   1 
ATOM   1318 C  CA  . GLY B 1 73 ? 7.657   -14.481 -8.953  1.00 14.70  ? 73  GLY B CA  1 
ATOM   1319 C  C   . GLY B 1 73 ? 8.806   -13.635 -8.477  1.00 15.26  ? 73  GLY B C   1 
ATOM   1320 O  O   . GLY B 1 73 ? 9.725   -14.043 -7.785  1.00 14.43  ? 73  GLY B O   1 
ATOM   1321 N  N   . THR B 1 74 ? 8.728   -12.365 -8.895  1.00 15.46  ? 74  THR B N   1 
ATOM   1322 C  CA  . THR B 1 74 ? 9.818   -11.443 -8.621  1.00 13.37  ? 74  THR B CA  1 
ATOM   1323 C  C   . THR B 1 74 ? 9.761   -10.910 -7.207  1.00 15.73  ? 74  THR B C   1 
ATOM   1324 O  O   . THR B 1 74 ? 8.730   -10.442 -6.724  1.00 16.23  ? 74  THR B O   1 
ATOM   1325 C  CB  . THR B 1 74 ? 9.725   -10.273 -9.626  1.00 14.82  ? 74  THR B CB  1 
ATOM   1326 O  OG1 . THR B 1 74 ? 10.000  -10.803 -10.926 1.00 19.55  ? 74  THR B OG1 1 
ATOM   1327 C  CG2 . THR B 1 74 ? 10.755  -9.216  -9.252  1.00 18.43  ? 74  THR B CG2 1 
ATOM   1328 N  N   . VAL B 1 75 ? 10.879  -10.985 -6.522  1.00 11.59  ? 75  VAL B N   1 
ATOM   1329 C  CA  . VAL B 1 75 ? 11.028  -10.451 -5.174  1.00 11.20  ? 75  VAL B CA  1 
ATOM   1330 C  C   . VAL B 1 75 ? 12.141  -9.409  -5.177  1.00 18.21  ? 75  VAL B C   1 
ATOM   1331 O  O   . VAL B 1 75 ? 13.248  -9.749  -5.655  1.00 15.83  ? 75  VAL B O   1 
ATOM   1332 C  CB  . VAL B 1 75 ? 11.334  -11.596 -4.198  1.00 16.77  ? 75  VAL B CB  1 
ATOM   1333 C  CG1 . VAL B 1 75 ? 11.772  -11.075 -2.840  1.00 20.42  ? 75  VAL B CG1 1 
ATOM   1334 C  CG2 . VAL B 1 75 ? 10.092  -12.496 -4.069  1.00 15.55  ? 75  VAL B CG2 1 
ATOM   1335 N  N   . LEU B 1 76 ? 11.853  -8.207  -4.689  1.00 10.46  ? 76  LEU B N   1 
ATOM   1336 C  CA  . LEU B 1 76 ? 12.879  -7.188  -4.488  1.00 11.85  ? 76  LEU B CA  1 
ATOM   1337 C  C   . LEU B 1 76 ? 13.380  -7.217  -3.057  1.00 17.36  ? 76  LEU B C   1 
ATOM   1338 O  O   . LEU B 1 76 ? 12.630  -7.243  -2.087  1.00 17.86  ? 76  LEU B O   1 
ATOM   1339 C  CB  . LEU B 1 76 ? 12.401  -5.772  -4.854  1.00 12.71  ? 76  LEU B CB  1 
ATOM   1340 C  CG  . LEU B 1 76 ? 11.639  -5.678  -6.176  1.00 14.70  ? 76  LEU B CG  1 
ATOM   1341 C  CD1 . LEU B 1 76 ? 11.097  -4.267  -6.382  1.00 19.24  ? 76  LEU B CD1 1 
ATOM   1342 C  CD2 . LEU B 1 76 ? 12.504  -6.114  -7.357  1.00 12.62  ? 76  LEU B CD2 1 
ATOM   1343 N  N   . VAL B 1 77 ? 14.708  -7.219  -2.910  1.00 13.85  ? 77  VAL B N   1 
ATOM   1344 C  CA  . VAL B 1 77 ? 15.309  -7.221  -1.573  1.00 11.49  ? 77  VAL B CA  1 
ATOM   1345 C  C   . VAL B 1 77 ? 16.026  -5.912  -1.278  1.00 21.80  ? 77  VAL B C   1 
ATOM   1346 O  O   . VAL B 1 77 ? 16.848  -5.459  -2.095  1.00 16.83  ? 77  VAL B O   1 
ATOM   1347 C  CB  . VAL B 1 77 ? 16.326  -8.385  -1.429  1.00 12.59  ? 77  VAL B CB  1 
ATOM   1348 C  CG1 . VAL B 1 77 ? 17.028  -8.346  -0.083  1.00 15.76  ? 77  VAL B CG1 1 
ATOM   1349 C  CG2 . VAL B 1 77 ? 15.583  -9.691  -1.653  1.00 12.72  ? 77  VAL B CG2 1 
ATOM   1350 N  N   . GLY B 1 78 ? 15.733  -5.299  -0.127  1.00 16.56  ? 78  GLY B N   1 
ATOM   1351 C  CA  . GLY B 1 78 ? 16.380  -4.014  0.168   1.00 15.88  ? 78  GLY B CA  1 
ATOM   1352 C  C   . GLY B 1 78 ? 15.911  -3.425  1.480   1.00 19.69  ? 78  GLY B C   1 
ATOM   1353 O  O   . GLY B 1 78 ? 15.160  -4.086  2.200   1.00 17.19  ? 78  GLY B O   1 
ATOM   1354 N  N   . PRO B 1 79 ? 16.308  -2.208  1.832   1.00 19.22  ? 79  PRO B N   1 
ATOM   1355 C  CA  . PRO B 1 79 ? 15.969  -1.621  3.127   1.00 18.28  ? 79  PRO B CA  1 
ATOM   1356 C  C   . PRO B 1 79 ? 14.580  -1.001  3.175   1.00 25.70  ? 79  PRO B C   1 
ATOM   1357 O  O   . PRO B 1 79 ? 14.407  0.210   3.272   1.00 29.06  ? 79  PRO B O   1 
ATOM   1358 C  CB  . PRO B 1 79 ? 17.000  -0.493  3.304   1.00 19.52  ? 79  PRO B CB  1 
ATOM   1359 C  CG  . PRO B 1 79 ? 17.322  -0.087  1.904   1.00 25.04  ? 79  PRO B CG  1 
ATOM   1360 C  CD  . PRO B 1 79 ? 17.131  -1.290  1.018   1.00 23.22  ? 79  PRO B CD  1 
ATOM   1361 N  N   . THR B 1 80 ? 13.597  -1.883  3.127   1.00 24.27  ? 80  THR B N   1 
ATOM   1362 C  CA  . THR B 1 80 ? 12.231  -1.491  3.385   1.00 17.95  ? 80  THR B CA  1 
ATOM   1363 C  C   . THR B 1 80 ? 11.921  -1.645  4.866   1.00 22.18  ? 80  THR B C   1 
ATOM   1364 O  O   . THR B 1 80 ? 12.355  -2.621  5.479   1.00 22.63  ? 80  THR B O   1 
ATOM   1365 C  CB  . THR B 1 80 ? 11.215  -2.377  2.648   1.00 22.73  ? 80  THR B CB  1 
ATOM   1366 O  OG1 . THR B 1 80 ? 9.925   -2.081  3.192   1.00 23.02  ? 80  THR B OG1 1 
ATOM   1367 C  CG2 . THR B 1 80 ? 11.503  -3.842  2.927   1.00 21.48  ? 80  THR B CG2 1 
ATOM   1368 N  N   . PRO B 1 81 ? 11.170  -0.697  5.404   1.00 25.80  ? 81  PRO B N   1 
ATOM   1369 C  CA  . PRO B 1 81 ? 10.867  -0.725  6.836   1.00 27.90  ? 81  PRO B CA  1 
ATOM   1370 C  C   . PRO B 1 81 ? 10.030  -1.938  7.224   1.00 25.37  ? 81  PRO B C   1 
ATOM   1371 O  O   . PRO B 1 81 ? 9.983   -2.317  8.390   1.00 25.86  ? 81  PRO B O   1 
ATOM   1372 C  CB  . PRO B 1 81 ? 10.059  0.560   7.048   1.00 29.85  ? 81  PRO B CB  1 
ATOM   1373 C  CG  . PRO B 1 81 ? 10.319  1.403   5.845   1.00 33.51  ? 81  PRO B CG  1 
ATOM   1374 C  CD  . PRO B 1 81 ? 10.558  0.451   4.713   1.00 26.71  ? 81  PRO B CD  1 
ATOM   1375 N  N   . VAL B 1 82 ? 9.363   -2.547  6.252   1.00 24.19  ? 82  VAL B N   1 
ATOM   1376 C  CA  . VAL B 1 82 ? 8.448   -3.663  6.534   1.00 24.19  ? 82  VAL B CA  1 
ATOM   1377 C  C   . VAL B 1 82 ? 8.341   -4.549  5.312   1.00 17.57  ? 82  VAL B C   1 
ATOM   1378 O  O   . VAL B 1 82 ? 8.382   -4.010  4.196   1.00 20.39  ? 82  VAL B O   1 
ATOM   1379 C  CB  . VAL B 1 82 ? 7.076   -3.088  6.937   1.00 32.79  ? 82  VAL B CB  1 
ATOM   1380 C  CG1 . VAL B 1 82 ? 5.906   -3.980  6.554   1.00 23.99  ? 82  VAL B CG1 1 
ATOM   1381 C  CG2 . VAL B 1 82 ? 7.093   -2.818  8.440   1.00 33.86  ? 82  VAL B CG2 1 
ATOM   1382 N  N   . ASN B 1 83 ? 8.201   -5.864  5.449   1.00 14.25  ? 83  ASN B N   1 
ATOM   1383 C  CA  . ASN B 1 83 ? 8.063   -6.687  4.248   1.00 15.00  ? 83  ASN B CA  1 
ATOM   1384 C  C   . ASN B 1 83 ? 6.720   -6.418  3.583   1.00 16.86  ? 83  ASN B C   1 
ATOM   1385 O  O   . ASN B 1 83 ? 5.705   -6.448  4.290   1.00 17.80  ? 83  ASN B O   1 
ATOM   1386 C  CB  . ASN B 1 83 ? 8.150   -8.180  4.566   1.00 17.61  ? 83  ASN B CB  1 
ATOM   1387 C  CG  . ASN B 1 83 ? 9.456   -8.521  5.257   1.00 25.64  ? 83  ASN B CG  1 
ATOM   1388 O  OD1 . ASN B 1 83 ? 10.481  -7.957  4.871   1.00 25.68  ? 83  ASN B OD1 1 
ATOM   1389 N  ND2 . ASN B 1 83 ? 9.392   -9.399  6.246   1.00 13.09  ? 83  ASN B ND2 1 
ATOM   1390 N  N   . ILE B 1 84 ? 6.711   -6.162  2.282   1.00 12.06  ? 84  ILE B N   1 
ATOM   1391 C  CA  . ILE B 1 84 ? 5.437   -5.873  1.628   1.00 11.51  ? 84  ILE B CA  1 
ATOM   1392 C  C   . ILE B 1 84 ? 5.213   -6.789  0.432   1.00 16.30  ? 84  ILE B C   1 
ATOM   1393 O  O   . ILE B 1 84 ? 6.045   -7.051  -0.425  1.00 15.61  ? 84  ILE B O   1 
ATOM   1394 C  CB  . ILE B 1 84 ? 5.321   -4.404  1.170   1.00 16.94  ? 84  ILE B CB  1 
ATOM   1395 C  CG1 . ILE B 1 84 ? 6.410   -3.972  0.192   1.00 22.96  ? 84  ILE B CG1 1 
ATOM   1396 C  CG2 . ILE B 1 84 ? 5.289   -3.459  2.364   1.00 17.02  ? 84  ILE B CG2 1 
ATOM   1397 C  CD1 . ILE B 1 84 ? 6.317   -2.508  -0.178  1.00 18.43  ? 84  ILE B CD1 1 
ATOM   1398 N  N   . ILE B 1 85 ? 3.988   -7.314  0.394   1.00 12.37  ? 85  ILE B N   1 
ATOM   1399 C  CA  . ILE B 1 85 ? 3.528   -8.093  -0.738  1.00 13.45  ? 85  ILE B CA  1 
ATOM   1400 C  C   . ILE B 1 85 ? 2.734   -7.183  -1.678  1.00 23.82  ? 85  ILE B C   1 
ATOM   1401 O  O   . ILE B 1 85 ? 1.649   -6.675  -1.322  1.00 15.74  ? 85  ILE B O   1 
ATOM   1402 C  CB  . ILE B 1 85 ? 2.645   -9.273  -0.294  1.00 12.65  ? 85  ILE B CB  1 
ATOM   1403 C  CG1 . ILE B 1 85 ? 3.285   -10.135 0.794   1.00 15.37  ? 85  ILE B CG1 1 
ATOM   1404 C  CG2 . ILE B 1 85 ? 2.242   -10.085 -1.517  1.00 13.77  ? 85  ILE B CG2 1 
ATOM   1405 C  CD1 . ILE B 1 85 ? 4.700   -10.577 0.454   1.00 17.44  ? 85  ILE B CD1 1 
ATOM   1406 N  N   . GLY B 1 86 ? 3.283   -6.960  -2.873  1.00 17.51  ? 86  GLY B N   1 
ATOM   1407 C  CA  . GLY B 1 86 ? 2.686   -6.044  -3.831  1.00 12.01  ? 86  GLY B CA  1 
ATOM   1408 C  C   . GLY B 1 86 ? 1.858   -6.738  -4.883  1.00 13.33  ? 86  GLY B C   1 
ATOM   1409 O  O   . GLY B 1 86 ? 1.676   -7.953  -4.858  1.00 12.62  ? 86  GLY B O   1 
ATOM   1410 N  N   . ARG B 1 87 ? 1.311   -6.003  -5.846  1.00 13.25  ? 87  ARG B N   1 
ATOM   1411 C  CA  . ARG B 1 87 ? 0.319   -6.514  -6.774  1.00 11.42  ? 87  ARG B CA  1 
ATOM   1412 C  C   . ARG B 1 87 ? 0.872   -7.623  -7.646  1.00 15.14  ? 87  ARG B C   1 
ATOM   1413 O  O   . ARG B 1 87 ? 0.125   -8.494  -8.082  1.00 16.25  ? 87  ARG B O   1 
ATOM   1414 C  CB  . ARG B 1 87 ? -0.234  -5.374  -7.658  1.00 11.91  ? 87  ARG B CB  1 
ATOM   1415 C  CG  . ARG B 1 87 ? -1.093  -4.417  -6.825  1.00 12.58  ? 87  ARG B CG  1 
ATOM   1416 C  CD  . ARG B 1 87 ? -1.799  -3.388  -7.714  1.00 15.33  ? 87  ARG B CD  1 
ATOM   1417 N  NE  . ARG B 1 87 ? -0.814  -2.547  -8.402  1.00 16.97  ? 87  ARG B NE  1 
ATOM   1418 C  CZ  . ARG B 1 87 ? -0.408  -2.714  -9.656  1.00 19.28  ? 87  ARG B CZ  1 
ATOM   1419 N  NH1 . ARG B 1 87 ? -0.878  -3.683  -10.432 1.00 15.59  ? 87  ARG B NH1 1 
ATOM   1420 N  NH2 . ARG B 1 87 ? 0.501   -1.870  -10.150 1.00 19.89  ? 87  ARG B NH2 1 
ATOM   1421 N  N   . ASN B 1 88 ? 2.183   -7.616  -7.887  1.00 13.30  ? 88  ASN B N   1 
ATOM   1422 C  CA  . ASN B 1 88 ? 2.720   -8.700  -8.713  1.00 15.03  ? 88  ASN B CA  1 
ATOM   1423 C  C   . ASN B 1 88 ? 2.418   -10.069 -8.107  1.00 15.21  ? 88  ASN B C   1 
ATOM   1424 O  O   . ASN B 1 88 ? 2.202   -11.016 -8.870  1.00 17.51  ? 88  ASN B O   1 
ATOM   1425 C  CB  . ASN B 1 88 ? 4.214   -8.472  -8.922  1.00 16.95  ? 88  ASN B CB  1 
ATOM   1426 C  CG  . ASN B 1 88 ? 5.066   -8.832  -7.738  1.00 13.16  ? 88  ASN B CG  1 
ATOM   1427 O  OD1 . ASN B 1 88 ? 4.908   -8.281  -6.648  1.00 15.19  ? 88  ASN B OD1 1 
ATOM   1428 N  ND2 . ASN B 1 88 ? 5.994   -9.782  -7.905  1.00 11.98  ? 88  ASN B ND2 1 
ATOM   1429 N  N   . LEU B 1 89 ? 2.389   -10.185 -6.780  1.00 13.06  ? 89  LEU B N   1 
ATOM   1430 C  CA  . LEU B 1 89 ? 2.110   -11.481 -6.151  1.00 13.08  ? 89  LEU B CA  1 
ATOM   1431 C  C   . LEU B 1 89 ? 0.657   -11.541 -5.676  1.00 15.56  ? 89  LEU B C   1 
ATOM   1432 O  O   . LEU B 1 89 ? 0.077   -12.630 -5.662  1.00 15.55  ? 89  LEU B O   1 
ATOM   1433 C  CB  . LEU B 1 89 ? 3.065   -11.804 -4.994  1.00 12.30  ? 89  LEU B CB  1 
ATOM   1434 C  CG  . LEU B 1 89 ? 4.545   -11.897 -5.417  1.00 18.57  ? 89  LEU B CG  1 
ATOM   1435 C  CD1 . LEU B 1 89 ? 5.437   -12.371 -4.279  1.00 15.19  ? 89  LEU B CD1 1 
ATOM   1436 C  CD2 . LEU B 1 89 ? 4.710   -12.813 -6.630  1.00 18.58  ? 89  LEU B CD2 1 
ATOM   1437 N  N   . LEU B 1 90 ? 0.068   -10.404 -5.293  1.00 12.16  ? 90  LEU B N   1 
ATOM   1438 C  CA  . LEU B 1 90 ? -1.353  -10.475 -4.945  1.00 14.87  ? 90  LEU B CA  1 
ATOM   1439 C  C   . LEU B 1 90 ? -2.170  -11.022 -6.109  1.00 18.13  ? 90  LEU B C   1 
ATOM   1440 O  O   . LEU B 1 90 ? -3.150  -11.747 -5.902  1.00 16.50  ? 90  LEU B O   1 
ATOM   1441 C  CB  . LEU B 1 90 ? -1.926  -9.102  -4.562  1.00 11.66  ? 90  LEU B CB  1 
ATOM   1442 C  CG  . LEU B 1 90 ? -1.279  -8.470  -3.324  1.00 12.97  ? 90  LEU B CG  1 
ATOM   1443 C  CD1 . LEU B 1 90 ? -1.741  -7.025  -3.138  1.00 17.65  ? 90  LEU B CD1 1 
ATOM   1444 C  CD2 . LEU B 1 90 ? -1.570  -9.327  -2.102  1.00 10.63  ? 90  LEU B CD2 1 
ATOM   1445 N  N   . THR B 1 91 ? -1.786  -10.678 -7.346  1.00 15.85  ? 91  THR B N   1 
ATOM   1446 C  CA  . THR B 1 91 ? -2.547  -11.223 -8.475  1.00 18.47  ? 91  THR B CA  1 
ATOM   1447 C  C   . THR B 1 91 ? -2.358  -12.732 -8.565  1.00 22.09  ? 91  THR B C   1 
ATOM   1448 O  O   . THR B 1 91 ? -3.287  -13.468 -8.925  1.00 20.23  ? 91  THR B O   1 
ATOM   1449 C  CB  . THR B 1 91 ? -2.185  -10.574 -9.816  1.00 24.99  ? 91  THR B CB  1 
ATOM   1450 O  OG1 . THR B 1 91 ? -0.772  -10.649 -10.020 1.00 20.85  ? 91  THR B OG1 1 
ATOM   1451 C  CG2 . THR B 1 91 ? -2.567  -9.093  -9.804  1.00 14.51  ? 91  THR B CG2 1 
ATOM   1452 N  N   . GLN B 1 92 ? -1.167  -13.222 -8.228  1.00 20.02  ? 92  GLN B N   1 
ATOM   1453 C  CA  . GLN B 1 92 ? -0.953  -14.676 -8.298  1.00 17.86  ? 92  GLN B CA  1 
ATOM   1454 C  C   . GLN B 1 92 ? -1.813  -15.418 -7.301  1.00 20.07  ? 92  GLN B C   1 
ATOM   1455 O  O   . GLN B 1 92 ? -2.226  -16.558 -7.506  1.00 28.00  ? 92  GLN B O   1 
ATOM   1456 C  CB  . GLN B 1 92 ? 0.532   -14.976 -8.052  1.00 12.76  ? 92  GLN B CB  1 
ATOM   1457 C  CG  . GLN B 1 92 ? 1.410   -14.560 -9.232  1.00 15.40  ? 92  GLN B CG  1 
ATOM   1458 C  CD  . GLN B 1 92 ? 2.710   -15.326 -9.305  1.00 16.79  ? 92  GLN B CD  1 
ATOM   1459 O  OE1 . GLN B 1 92 ? 2.808   -16.421 -8.754  1.00 18.46  ? 92  GLN B OE1 1 
ATOM   1460 N  NE2 . GLN B 1 92 ? 3.730   -14.786 -9.971  1.00 19.58  ? 92  GLN B NE2 1 
ATOM   1461 N  N   . ILE B 1 93 ? -2.117  -14.810 -6.153  1.00 16.28  ? 93  ILE B N   1 
ATOM   1462 C  CA  . ILE B 1 93 ? -2.900  -15.551 -5.167  1.00 12.44  ? 93  ILE B CA  1 
ATOM   1463 C  C   . ILE B 1 93 ? -4.392  -15.268 -5.283  1.00 16.23  ? 93  ILE B C   1 
ATOM   1464 O  O   . ILE B 1 93 ? -5.160  -15.761 -4.436  1.00 20.16  ? 93  ILE B O   1 
ATOM   1465 C  CB  . ILE B 1 93 ? -2.451  -15.238 -3.726  1.00 18.80  ? 93  ILE B CB  1 
ATOM   1466 C  CG1 . ILE B 1 93 ? -2.649  -13.769 -3.327  1.00 13.23  ? 93  ILE B CG1 1 
ATOM   1467 C  CG2 . ILE B 1 93 ? -1.020  -15.702 -3.498  1.00 18.37  ? 93  ILE B CG2 1 
ATOM   1468 C  CD1 . ILE B 1 93 ? -2.296  -13.511 -1.877  1.00 18.12  ? 93  ILE B CD1 1 
ATOM   1469 N  N   . GLY B 1 94 ? -4.773  -14.517 -6.294  1.00 18.00  ? 94  GLY B N   1 
ATOM   1470 C  CA  . GLY B 1 94 ? -6.139  -14.240 -6.683  1.00 21.45  ? 94  GLY B CA  1 
ATOM   1471 C  C   . GLY B 1 94 ? -6.847  -13.178 -5.878  1.00 20.63  ? 94  GLY B C   1 
ATOM   1472 O  O   . GLY B 1 94 ? -8.077  -13.151 -5.769  1.00 21.38  ? 94  GLY B O   1 
ATOM   1473 N  N   . ALA B 1 95 ? -6.080  -12.262 -5.292  1.00 19.02  ? 95  ALA B N   1 
ATOM   1474 C  CA  . ALA B 1 95 ? -6.679  -11.273 -4.406  1.00 17.35  ? 95  ALA B CA  1 
ATOM   1475 C  C   . ALA B 1 95 ? -7.333  -10.135 -5.175  1.00 17.11  ? 95  ALA B C   1 
ATOM   1476 O  O   . ALA B 1 95 ? -6.852  -9.695  -6.219  1.00 18.34  ? 95  ALA B O   1 
ATOM   1477 C  CB  . ALA B 1 95 ? -5.641  -10.696 -3.456  1.00 20.50  ? 95  ALA B CB  1 
ATOM   1478 N  N   . THR B 1 96 ? -8.437  -9.672  -4.585  1.00 15.96  ? 96  THR B N   1 
ATOM   1479 C  CA  . THR B 1 96 ? -9.144  -8.515  -5.123  1.00 14.77  ? 96  THR B CA  1 
ATOM   1480 C  C   . THR B 1 96 ? -9.560  -7.581  -3.999  1.00 18.04  ? 96  THR B C   1 
ATOM   1481 O  O   . THR B 1 96 ? -9.649  -8.002  -2.846  1.00 17.37  ? 96  THR B O   1 
ATOM   1482 C  CB  . THR B 1 96 ? -10.420 -8.927  -5.888  1.00 20.86  ? 96  THR B CB  1 
ATOM   1483 O  OG1 . THR B 1 96 ? -11.304 -9.646  -5.008  1.00 17.29  ? 96  THR B OG1 1 
ATOM   1484 C  CG2 . THR B 1 96 ? -10.073 -9.868  -7.028  1.00 21.09  ? 96  THR B CG2 1 
ATOM   1485 N  N   . LEU B 1 97 ? -9.833  -6.332  -4.329  1.00 16.27  ? 97  LEU B N   1 
ATOM   1486 C  CA  . LEU B 1 97 ? -10.425 -5.376  -3.407  1.00 16.62  ? 97  LEU B CA  1 
ATOM   1487 C  C   . LEU B 1 97 ? -11.937 -5.380  -3.576  1.00 18.95  ? 97  LEU B C   1 
ATOM   1488 O  O   . LEU B 1 97 ? -12.421 -5.424  -4.716  1.00 19.47  ? 97  LEU B O   1 
ATOM   1489 C  CB  . LEU B 1 97 ? -9.888  -3.980  -3.700  1.00 20.38  ? 97  LEU B CB  1 
ATOM   1490 C  CG  . LEU B 1 97 ? -8.604  -3.618  -2.961  1.00 24.69  ? 97  LEU B CG  1 
ATOM   1491 C  CD1 . LEU B 1 97 ? -8.062  -2.285  -3.451  1.00 17.91  ? 97  LEU B CD1 1 
ATOM   1492 C  CD2 . LEU B 1 97 ? -8.868  -3.623  -1.457  1.00 24.29  ? 97  LEU B CD2 1 
ATOM   1493 N  N   . ASN B 1 98 ? -12.693 -5.373  -2.481  1.00 18.90  ? 98  ASN B N   1 
ATOM   1494 C  CA  . ASN B 1 98 ? -14.149 -5.415  -2.633  1.00 18.10  ? 98  ASN B CA  1 
ATOM   1495 C  C   . ASN B 1 98 ? -14.819 -4.421  -1.691  1.00 19.20  ? 98  ASN B C   1 
ATOM   1496 O  O   . ASN B 1 98 ? -14.432 -4.301  -0.528  1.00 19.49  ? 98  ASN B O   1 
ATOM   1497 C  CB  . ASN B 1 98 ? -14.661 -6.830  -2.360  1.00 22.95  ? 98  ASN B CB  1 
ATOM   1498 C  CG  . ASN B 1 98 ? -14.079 -7.857  -3.318  1.00 25.23  ? 98  ASN B CG  1 
ATOM   1499 O  OD1 . ASN B 1 98 ? -12.924 -8.250  -3.152  1.00 23.80  ? 98  ASN B OD1 1 
ATOM   1500 N  ND2 . ASN B 1 98 ? -14.854 -8.250  -4.300  1.00 23.09  ? 98  ASN B ND2 1 
ATOM   1501 N  N   . PHE B 1 99 ? -15.830 -3.708  -2.174  1.00 17.33  ? 99  PHE B N   1 
ATOM   1502 C  CA  . PHE B 1 99 ? -16.643 -2.896  -1.265  1.00 24.24  ? 99  PHE B CA  1 
ATOM   1503 C  C   . PHE B 1 99 ? -18.039 -2.711  -1.865  1.00 27.10  ? 99  PHE B C   1 
ATOM   1504 O  O   . PHE B 1 99 ? -18.888 -2.070  -1.234  1.00 29.24  ? 99  PHE B O   1 
ATOM   1505 C  CB  . PHE B 1 99 ? -15.982 -1.561  -0.959  1.00 20.58  ? 99  PHE B CB  1 
ATOM   1506 C  CG  . PHE B 1 99 ? -15.575 -0.754  -2.180  1.00 25.40  ? 99  PHE B CG  1 
ATOM   1507 C  CD1 . PHE B 1 99 ? -14.359 -0.981  -2.798  1.00 27.10  ? 99  PHE B CD1 1 
ATOM   1508 C  CD2 . PHE B 1 99 ? -16.406 0.229   -2.687  1.00 27.20  ? 99  PHE B CD2 1 
ATOM   1509 C  CE1 . PHE B 1 99 ? -14.000 -0.238  -3.904  1.00 33.19  ? 99  PHE B CE1 1 
ATOM   1510 C  CE2 . PHE B 1 99 ? -16.055 0.974   -3.796  1.00 24.71  ? 99  PHE B CE2 1 
ATOM   1511 C  CZ  . PHE B 1 99 ? -14.831 0.747   -4.401  1.00 34.88  ? 99  PHE B CZ  1 
ATOM   1512 O  OXT . PHE B 1 99 ? -18.367 -3.204  -2.979  1.00 27.73  ? 99  PHE B OXT 1 
HETATM 1513 CL CL  . CL  C 2 .  ? -9.413  8.683   10.983  1.00 21.68  ? 101 CL  A CL  1 
HETATM 1514 C  C2  . 6KQ D 3 .  ? 1.158   6.161   5.919   1.00 24.74  ? 201 6KQ B C2  1 
HETATM 1515 C  C4  . 6KQ D 3 .  ? 1.333   5.736   3.552   1.00 16.58  ? 201 6KQ B C4  1 
HETATM 1516 C  C6  . 6KQ D 3 .  ? 3.193   5.246   5.028   1.00 24.79  ? 201 6KQ B C6  1 
HETATM 1517 C  C7  . 6KQ D 3 .  ? 2.473   5.738   6.121   1.00 25.89  ? 201 6KQ B C7  1 
HETATM 1518 O  O10 . 6KQ D 3 .  ? 4.966   4.705   2.703   1.00 27.94  ? 201 6KQ B O10 1 
HETATM 1519 N  N11 . 6KQ D 3 .  ? 3.166   3.010   2.144   1.00 22.37  ? 201 6KQ B N11 1 
HETATM 1520 C  C16 . 6KQ D 3 .  ? 2.039   2.778   1.254   1.00 21.27  ? 201 6KQ B C16 1 
HETATM 1521 C  C17 . 6KQ D 3 .  ? 2.507   1.964   0.035   1.00 26.25  ? 201 6KQ B C17 1 
HETATM 1522 O  O18 . 6KQ D 3 .  ? 1.376   1.354   -0.586  1.00 20.97  ? 201 6KQ B O18 1 
HETATM 1523 C  C21 . 6KQ D 3 .  ? 5.092   1.680   -2.208  1.00 18.54  ? 201 6KQ B C21 1 
HETATM 1524 O  O28 . 6KQ D 3 .  ? 5.337   0.346   -6.577  1.00 25.72  ? 201 6KQ B O28 1 
HETATM 1525 C  C29 . 6KQ D 3 .  ? 4.806   1.495   -5.931  1.00 21.96  ? 201 6KQ B C29 1 
HETATM 1526 C  C30 . 6KQ D 3 .  ? 6.036   2.243   -5.397  1.00 16.92  ? 201 6KQ B C30 1 
HETATM 1527 C  C31 . 6KQ D 3 .  ? 6.979   1.098   -5.014  1.00 16.66  ? 201 6KQ B C31 1 
HETATM 1528 C  C32 . 6KQ D 3 .  ? 2.380   3.884   -1.626  1.00 23.84  ? 201 6KQ B C32 1 
HETATM 1529 O  O39 . 6KQ D 3 .  ? 0.415   6.627   6.955   1.00 28.41  ? 201 6KQ B O39 1 
HETATM 1530 C  C40 . 6KQ D 3 .  ? 1.078   6.473   8.207   1.00 20.78  ? 201 6KQ B C40 1 
HETATM 1531 C  C3  . 6KQ D 3 .  ? 0.587   6.148   4.649   1.00 18.39  ? 201 6KQ B C3  1 
HETATM 1532 C  C5  . 6KQ D 3 .  ? 2.588   5.177   3.780   1.00 20.56  ? 201 6KQ B C5  1 
HETATM 1533 S  S8  . 6KQ D 3 .  ? 3.505   4.594   2.400   1.00 23.69  ? 201 6KQ B S8  1 
HETATM 1534 O  O9  . 6KQ D 3 .  ? 3.118   5.393   1.193   1.00 23.00  ? 201 6KQ B O9  1 
HETATM 1535 C  C42 . 6KQ D 3 .  ? 3.217   2.219   3.348   1.00 18.25  ? 201 6KQ B C42 1 
HETATM 1536 C  C43 . 6KQ D 3 .  ? 5.163   1.333   4.716   1.00 22.96  ? 201 6KQ B C43 1 
HETATM 1537 C  C44 . 6KQ D 3 .  ? 6.386   0.682   4.831   1.00 30.46  ? 201 6KQ B C44 1 
HETATM 1538 C  C45 . 6KQ D 3 .  ? 7.004   0.143   3.711   1.00 29.26  ? 201 6KQ B C45 1 
HETATM 1539 C  C46 . 6KQ D 3 .  ? 6.360   0.230   2.479   1.00 33.29  ? 201 6KQ B C46 1 
HETATM 1540 C  C47 . 6KQ D 3 .  ? 5.144   0.893   2.360   1.00 30.11  ? 201 6KQ B C47 1 
HETATM 1541 C  C48 . 6KQ D 3 .  ? 4.541   1.456   3.477   1.00 29.86  ? 201 6KQ B C48 1 
HETATM 1542 C  C19 . 6KQ D 3 .  ? 3.284   2.828   -0.964  1.00 21.23  ? 201 6KQ B C19 1 
HETATM 1543 N  N20 . 6KQ D 3 .  ? 3.797   2.002   -2.058  1.00 17.61  ? 201 6KQ B N20 1 
HETATM 1544 O  O22 . 6KQ D 3 .  ? 5.975   2.049   -1.448  1.00 13.79  ? 201 6KQ B O22 1 
HETATM 1545 O  O23 . 6KQ D 3 .  ? 5.358   0.873   -3.264  1.00 25.63  ? 201 6KQ B O23 1 
HETATM 1546 C  C24 . 6KQ D 3 .  ? 6.741   0.642   -3.564  1.00 21.19  ? 201 6KQ B C24 1 
HETATM 1547 C  C25 . 6KQ D 3 .  ? 6.907   -0.879  -3.750  1.00 23.14  ? 201 6KQ B C25 1 
HETATM 1548 O  O26 . 6KQ D 3 .  ? 6.198   -1.139  -4.971  1.00 23.40  ? 201 6KQ B O26 1 
HETATM 1549 C  C27 . 6KQ D 3 .  ? 6.506   -0.068  -5.865  1.00 26.11  ? 201 6KQ B C27 1 
HETATM 1550 C  C51 . 6KQ D 3 .  ? 3.007   4.931   -2.557  1.00 16.11  ? 201 6KQ B C51 1 
HETATM 1551 C  C52 . 6KQ D 3 .  ? 3.209   4.326   -3.933  1.00 14.98  ? 201 6KQ B C52 1 
HETATM 1552 C  C53 . 6KQ D 3 .  ? 3.829   5.377   -4.858  1.00 22.35  ? 201 6KQ B C53 1 
HETATM 1553 C  C54 . 6KQ D 3 .  ? 5.152   5.895   -4.272  1.00 20.25  ? 201 6KQ B C54 1 
HETATM 1554 C  C55 . 6KQ D 3 .  ? 4.934   6.492   -2.884  1.00 19.96  ? 201 6KQ B C55 1 
HETATM 1555 C  C56 . 6KQ D 3 .  ? 3.959   7.667   -2.994  1.00 22.74  ? 201 6KQ B C56 1 
HETATM 1556 C  C57 . 6KQ D 3 .  ? 2.643   7.172   -3.593  1.00 23.61  ? 201 6KQ B C57 1 
HETATM 1557 C  C58 . 6KQ D 3 .  ? 2.031   6.113   -2.668  1.00 23.66  ? 201 6KQ B C58 1 
HETATM 1558 C  C59 . 6KQ D 3 .  ? 4.328   5.417   -1.973  1.00 19.01  ? 201 6KQ B C59 1 
HETATM 1559 C  C60 . 6KQ D 3 .  ? 2.848   6.555   -4.980  1.00 23.95  ? 201 6KQ B C60 1 
HETATM 1560 CL CL  . CL  E 2 .  ? -16.428 -4.262  9.012   1.00 23.03  ? 202 CL  B CL  1 
HETATM 1561 O  O   . HOH F 4 .  ? -7.050  25.323  7.372   1.00 26.25  ? 201 HOH A O   1 
HETATM 1562 O  O   . HOH F 4 .  ? -5.191  1.716   -12.924 1.00 30.63  ? 202 HOH A O   1 
HETATM 1563 O  O   . HOH F 4 .  ? -7.099  -4.725  -12.720 1.00 25.49  ? 203 HOH A O   1 
HETATM 1564 O  O   . HOH F 4 .  ? -7.114  -2.193  -10.265 1.00 25.97  ? 204 HOH A O   1 
HETATM 1565 O  O   . HOH F 4 .  ? -10.365 2.718   10.426  1.00 16.93  ? 205 HOH A O   1 
HETATM 1566 O  O   . HOH F 4 .  ? -13.735 17.688  1.824   1.00 27.37  ? 206 HOH A O   1 
HETATM 1567 O  O   . HOH F 4 .  ? -5.474  3.322   10.233  1.00 26.58  ? 207 HOH A O   1 
HETATM 1568 O  O   . HOH F 4 .  ? -9.275  20.406  9.792   1.00 21.29  ? 208 HOH A O   1 
HETATM 1569 O  O   . HOH F 4 .  ? -2.207  8.684   -9.773  1.00 29.62  ? 209 HOH A O   1 
HETATM 1570 O  O   . HOH F 4 .  ? 1.198   2.573   6.573   1.00 24.49  ? 210 HOH A O   1 
HETATM 1571 O  O   . HOH F 4 .  ? -12.389 -3.030  6.359   1.00 17.00  ? 211 HOH A O   1 
HETATM 1572 O  O   . HOH F 4 .  ? 8.155   14.139  -1.045  1.00 27.12  ? 212 HOH A O   1 
HETATM 1573 O  O   . HOH F 4 .  ? 0.914   -0.173  7.207   1.00 25.33  ? 213 HOH A O   1 
HETATM 1574 O  O   . HOH F 4 .  ? -10.444 12.781  12.155  1.00 23.26  ? 214 HOH A O   1 
HETATM 1575 O  O   . HOH F 4 .  ? -1.668  -1.006  6.469   1.00 18.17  ? 215 HOH A O   1 
HETATM 1576 O  O   . HOH F 4 .  ? -14.844 -2.148  6.925   1.00 17.40  ? 216 HOH A O   1 
HETATM 1577 O  O   . HOH F 4 .  ? -17.296 7.557   7.995   1.00 20.89  ? 217 HOH A O   1 
HETATM 1578 O  O   . HOH F 4 .  ? -3.180  10.420  -7.707  1.00 22.88  ? 218 HOH A O   1 
HETATM 1579 O  O   . HOH F 4 .  ? -12.289 19.638  10.108  1.00 33.03  ? 219 HOH A O   1 
HETATM 1580 O  O   A HOH F 4 .  ? 2.343   10.785  14.915  0.50 17.91  ? 220 HOH A O   1 
HETATM 1581 O  O   . HOH F 4 .  ? -11.394 -4.135  -11.552 0.50 27.76  ? 221 HOH A O   1 
HETATM 1582 O  O   . HOH F 4 .  ? -22.341 7.786   0.325   0.50 22.53  ? 222 HOH A O   1 
HETATM 1583 O  O   . HOH F 4 .  ? -14.594 18.289  5.174   1.00 31.93  ? 223 HOH A O   1 
HETATM 1584 O  O   . HOH F 4 .  ? 9.254   16.380  3.887   1.00 20.12  ? 224 HOH A O   1 
HETATM 1585 O  O   . HOH F 4 .  ? -18.834 6.216   6.263   1.00 25.52  ? 225 HOH A O   1 
HETATM 1586 O  O   . HOH F 4 .  ? -0.641  6.232   -10.423 1.00 35.90  ? 226 HOH A O   1 
HETATM 1587 O  O   . HOH F 4 .  ? -1.498  0.612   -13.487 1.00 32.73  ? 227 HOH A O   1 
HETATM 1588 O  O   . HOH F 4 .  ? -10.853 22.641  13.003  1.00 29.40  ? 228 HOH A O   1 
HETATM 1589 O  O   . HOH F 4 .  ? -6.124  23.758  -3.039  1.00 22.98  ? 229 HOH A O   1 
HETATM 1590 O  O   . HOH F 4 .  ? -16.069 17.732  -1.330  1.00 30.23  ? 230 HOH A O   1 
HETATM 1591 O  O   . HOH F 4 .  ? -9.004  -11.778 -13.049 1.00 40.79  ? 231 HOH A O   1 
HETATM 1592 O  O   . HOH F 4 .  ? 4.475   6.325   9.506   1.00 17.48  ? 232 HOH A O   1 
HETATM 1593 O  O   . HOH F 4 .  ? 2.340   17.657  -3.735  1.00 17.89  ? 233 HOH A O   1 
HETATM 1594 O  O   . HOH F 4 .  ? -14.374 5.637   -9.297  1.00 29.89  ? 234 HOH A O   1 
HETATM 1595 O  O   B HOH F 4 .  ? 3.658   9.948   13.489  0.50 29.86  ? 235 HOH A O   1 
HETATM 1596 O  O   . HOH F 4 .  ? -5.486  13.688  -9.494  1.00 28.65  ? 236 HOH A O   1 
HETATM 1597 O  O   . HOH F 4 .  ? -8.652  -0.683  -11.048 1.00 33.16  ? 237 HOH A O   1 
HETATM 1598 O  O   . HOH F 4 .  ? -13.414 12.111  11.973  1.00 25.10  ? 238 HOH A O   1 
HETATM 1599 O  O   A HOH F 4 .  ? 5.559   8.623   14.148  0.50 24.77  ? 239 HOH A O   1 
HETATM 1600 O  O   . HOH F 4 .  ? -13.286 19.656  3.363   1.00 35.84  ? 240 HOH A O   1 
HETATM 1601 O  O   . HOH F 4 .  ? 7.431   4.540   10.447  1.00 37.42  ? 241 HOH A O   1 
HETATM 1602 O  O   . HOH F 4 .  ? -1.361  5.015   -12.672 1.00 39.43  ? 242 HOH A O   1 
HETATM 1603 O  O   . HOH G 4 .  ? 2.177   -18.597 4.032   1.00 32.58  ? 301 HOH B O   1 
HETATM 1604 O  O   . HOH G 4 .  ? 7.704   -6.502  -9.374  1.00 37.31  ? 302 HOH B O   1 
HETATM 1605 O  O   . HOH G 4 .  ? 13.796  2.592   2.999   1.00 22.03  ? 303 HOH B O   1 
HETATM 1606 O  O   . HOH G 4 .  ? 22.279  -15.482 -5.050  1.00 25.78  ? 304 HOH B O   1 
HETATM 1607 O  O   . HOH G 4 .  ? 11.729  -19.798 -1.433  1.00 20.55  ? 305 HOH B O   1 
HETATM 1608 O  O   . HOH G 4 .  ? -6.424  -9.436  -8.773  1.00 27.31  ? 306 HOH B O   1 
HETATM 1609 O  O   . HOH G 4 .  ? 0.432   -9.791  -12.210 1.00 37.11  ? 307 HOH B O   1 
HETATM 1610 O  O   . HOH G 4 .  ? 5.376   -6.238  10.110  1.00 35.03  ? 308 HOH B O   1 
HETATM 1611 O  O   . HOH G 4 .  ? -10.597 -12.518 -5.153  1.00 30.38  ? 309 HOH B O   1 
HETATM 1612 O  O   . HOH G 4 .  ? 7.128   -17.500 -11.985 1.00 18.39  ? 310 HOH B O   1 
HETATM 1613 O  O   . HOH G 4 .  ? -0.812  -0.361  -6.810  1.00 18.28  ? 311 HOH B O   1 
HETATM 1614 O  O   . HOH G 4 .  ? -6.268  -6.429  8.413   1.00 21.45  ? 312 HOH B O   1 
HETATM 1615 O  O   . HOH G 4 .  ? 9.817   -13.429 -11.594 1.00 19.21  ? 313 HOH B O   1 
HETATM 1616 O  O   . HOH G 4 .  ? 12.192  -24.609 7.020   1.00 30.23  ? 314 HOH B O   1 
HETATM 1617 O  O   . HOH G 4 .  ? -7.257  -17.528 -4.322  1.00 34.82  ? 315 HOH B O   1 
HETATM 1618 O  O   . HOH G 4 .  ? 6.703   3.939   0.696   1.00 21.92  ? 316 HOH B O   1 
HETATM 1619 O  O   . HOH G 4 .  ? 19.850  -1.892  -7.560  1.00 30.15  ? 317 HOH B O   1 
HETATM 1620 O  O   . HOH G 4 .  ? 3.432   -12.054 -11.132 1.00 23.43  ? 318 HOH B O   1 
HETATM 1621 O  O   . HOH G 4 .  ? 22.882  -12.933 -4.101  1.00 37.39  ? 319 HOH B O   1 
HETATM 1622 O  O   . HOH G 4 .  ? 3.255   -5.308  -10.806 1.00 28.62  ? 320 HOH B O   1 
HETATM 1623 O  O   . HOH G 4 .  ? -17.612 -7.607  -4.351  1.00 36.66  ? 321 HOH B O   1 
HETATM 1624 O  O   . HOH G 4 .  ? 8.514   -7.608  -6.896  1.00 15.07  ? 322 HOH B O   1 
HETATM 1625 O  O   . HOH G 4 .  ? -2.471  -6.695  12.233  1.00 26.93  ? 323 HOH B O   1 
HETATM 1626 O  O   . HOH G 4 .  ? 1.249   1.706   -6.884  1.00 19.98  ? 324 HOH B O   1 
HETATM 1627 O  O   . HOH G 4 .  ? 11.108  -19.948 10.141  1.00 23.08  ? 325 HOH B O   1 
HETATM 1628 O  O   . HOH G 4 .  ? 7.433   -7.227  8.017   1.00 28.21  ? 326 HOH B O   1 
HETATM 1629 O  O   . HOH G 4 .  ? -1.648  -22.418 -3.248  0.50 20.78  ? 327 HOH B O   1 
HETATM 1630 O  O   . HOH G 4 .  ? -9.115  -5.823  10.752  1.00 16.09  ? 328 HOH B O   1 
HETATM 1631 O  O   . HOH G 4 .  ? 9.291   -9.470  -13.478 0.50 24.00  ? 329 HOH B O   1 
HETATM 1632 O  O   . HOH G 4 .  ? -10.209 -9.712  8.710   1.00 32.78  ? 330 HOH B O   1 
HETATM 1633 O  O   . HOH G 4 .  ? 10.286  -21.988 1.150   1.00 27.59  ? 331 HOH B O   1 
HETATM 1634 O  O   . HOH G 4 .  ? 11.862  -10.407 7.657   1.00 36.28  ? 332 HOH B O   1 
HETATM 1635 O  O   . HOH G 4 .  ? 19.490  -16.770 -11.829 1.00 28.22  ? 333 HOH B O   1 
HETATM 1636 O  O   . HOH G 4 .  ? 18.620  -15.088 4.873   1.00 25.96  ? 334 HOH B O   1 
HETATM 1637 O  O   . HOH G 4 .  ? -2.526  -2.750  13.161  1.00 23.05  ? 335 HOH B O   1 
HETATM 1638 O  O   . HOH G 4 .  ? 22.596  -19.682 -6.000  1.00 25.67  ? 336 HOH B O   1 
HETATM 1639 O  O   . HOH G 4 .  ? 15.692  -17.891 -9.016  0.50 22.34  ? 337 HOH B O   1 
HETATM 1640 O  O   . HOH G 4 .  ? 13.145  -20.042 -5.059  1.00 21.13  ? 338 HOH B O   1 
HETATM 1641 O  O   . HOH G 4 .  ? 6.373   -11.363 -10.711 1.00 10.25  ? 339 HOH B O   1 
HETATM 1642 O  O   . HOH G 4 .  ? 8.769   2.372   -8.229  1.00 15.80  ? 340 HOH B O   1 
HETATM 1643 O  O   . HOH G 4 .  ? -1.284  -15.858 7.388   1.00 15.61  ? 341 HOH B O   1 
HETATM 1644 O  O   . HOH G 4 .  ? 15.268  0.582   -12.312 1.00 22.99  ? 342 HOH B O   1 
HETATM 1645 O  O   . HOH G 4 .  ? 9.826   -5.891  -11.405 1.00 40.69  ? 343 HOH B O   1 
HETATM 1646 O  O   . HOH G 4 .  ? 9.483   -11.049 9.728   1.00 24.15  ? 344 HOH B O   1 
HETATM 1647 O  O   . HOH G 4 .  ? 23.500  -9.240  -15.201 1.00 25.23  ? 345 HOH B O   1 
HETATM 1648 O  O   . HOH G 4 .  ? 21.569  -10.518 -13.928 1.00 33.84  ? 346 HOH B O   1 
HETATM 1649 O  O   . HOH G 4 .  ? 3.812   -4.050  10.358  0.50 20.89  ? 347 HOH B O   1 
HETATM 1650 O  O   . HOH G 4 .  ? 18.326  0.617   -11.616 1.00 32.37  ? 348 HOH B O   1 
HETATM 1651 O  O   . HOH G 4 .  ? 19.729  0.532   -8.915  1.00 25.52  ? 349 HOH B O   1 
HETATM 1652 O  O   . HOH G 4 .  ? -5.715  -8.814  9.419   1.00 24.88  ? 350 HOH B O   1 
HETATM 1653 O  O   . HOH G 4 .  ? 14.047  -19.329 -2.659  1.00 35.60  ? 351 HOH B O   1 
HETATM 1654 O  O   . HOH G 4 .  ? 2.603   -11.057 -13.666 0.50 24.70  ? 352 HOH B O   1 
# 
loop_
_pdbx_poly_seq_scheme.asym_id 
_pdbx_poly_seq_scheme.entity_id 
_pdbx_poly_seq_scheme.seq_id 
_pdbx_poly_seq_scheme.mon_id 
_pdbx_poly_seq_scheme.ndb_seq_num 
_pdbx_poly_seq_scheme.pdb_seq_num 
_pdbx_poly_seq_scheme.auth_seq_num 
_pdbx_poly_seq_scheme.pdb_mon_id 
_pdbx_poly_seq_scheme.auth_mon_id 
_pdbx_poly_seq_scheme.pdb_strand_id 
_pdbx_poly_seq_scheme.pdb_ins_code 
_pdbx_poly_seq_scheme.hetero 
A 1 1  PRO 1  1  1  PRO PRO A . n 
A 1 2  GLN 2  2  2  GLN GLN A . n 
A 1 3  ILE 3  3  3  ILE ILE A . n 
A 1 4  THR 4  4  4  THR THR A . n 
A 1 5  LEU 5  5  5  LEU LEU A . n 
A 1 6  TRP 6  6  6  TRP TRP A . n 
A 1 7  LYS 7  7  7  LYS LYS A . n 
A 1 8  ARG 8  8  8  ARG ARG A . n 
A 1 9  PRO 9  9  9  PRO PRO A . n 
A 1 10 LEU 10 10 10 LEU LEU A . n 
A 1 11 VAL 11 11 11 VAL VAL A . n 
A 1 12 THR 12 12 12 THR THR A . n 
A 1 13 ILE 13 13 13 ILE ILE A . n 
A 1 14 LYS 14 14 14 LYS LYS A . n 
A 1 15 ILE 15 15 15 ILE ILE A . n 
A 1 16 GLY 16 16 16 GLY GLY A . n 
A 1 17 GLY 17 17 17 GLY GLY A . n 
A 1 18 GLN 18 18 18 GLN GLN A . n 
A 1 19 LEU 19 19 19 LEU LEU A . n 
A 1 20 LYS 20 20 20 LYS LYS A . n 
A 1 21 GLU 21 21 21 GLU GLU A . n 
A 1 22 ALA 22 22 22 ALA ALA A . n 
A 1 23 LEU 23 23 23 LEU LEU A . n 
A 1 24 LEU 24 24 24 LEU LEU A . n 
A 1 25 ASP 25 25 25 ASP ASP A . n 
A 1 26 THR 26 26 26 THR THR A . n 
A 1 27 GLY 27 27 27 GLY GLY A . n 
A 1 28 ALA 28 28 28 ALA ALA A . n 
A 1 29 ASP 29 29 29 ASP ASP A . n 
A 1 30 ASP 30 30 30 ASP ASP A . n 
A 1 31 THR 31 31 31 THR THR A . n 
A 1 32 VAL 32 32 32 VAL VAL A . n 
A 1 33 ILE 33 33 33 ILE ILE A . n 
A 1 34 GLU 34 34 34 GLU GLU A . n 
A 1 35 GLU 35 35 35 GLU GLU A . n 
A 1 36 MET 36 36 36 MET MET A . n 
A 1 37 SER 37 37 37 SER SER A . n 
A 1 38 LEU 38 38 38 LEU LEU A . n 
A 1 39 PRO 39 39 39 PRO PRO A . n 
A 1 40 GLY 40 40 40 GLY GLY A . n 
A 1 41 ARG 41 41 41 ARG ARG A . n 
A 1 42 TRP 42 42 42 TRP TRP A . n 
A 1 43 LYS 43 43 43 LYS LYS A . n 
A 1 44 PRO 44 44 44 PRO PRO A . n 
A 1 45 LYS 45 45 45 LYS LYS A . n 
A 1 46 MET 46 46 46 MET MET A . n 
A 1 47 ILE 47 47 47 ILE ILE A . n 
A 1 48 GLY 48 48 48 GLY GLY A . n 
A 1 49 GLY 49 49 49 GLY GLY A . n 
A 1 50 ILE 50 50 50 ILE ILE A . n 
A 1 51 GLY 51 51 51 GLY GLY A . n 
A 1 52 GLY 52 52 52 GLY GLY A . n 
A 1 53 PHE 53 53 53 PHE PHE A . n 
A 1 54 ILE 54 54 54 ILE ILE A . n 
A 1 55 LYS 55 55 55 LYS LYS A . n 
A 1 56 VAL 56 56 56 VAL VAL A . n 
A 1 57 ARG 57 57 57 ARG ARG A . n 
A 1 58 GLN 58 58 58 GLN GLN A . n 
A 1 59 TYR 59 59 59 TYR TYR A . n 
A 1 60 ASP 60 60 60 ASP ASP A . n 
A 1 61 GLN 61 61 61 GLN GLN A . n 
A 1 62 ILE 62 62 62 ILE ILE A . n 
A 1 63 ILE 63 63 63 ILE ILE A . n 
A 1 64 ILE 64 64 64 ILE ILE A . n 
A 1 65 GLU 65 65 65 GLU GLU A . n 
A 1 66 ILE 66 66 66 ILE ILE A . n 
A 1 67 ALA 67 67 67 ALA ALA A . n 
A 1 68 GLY 68 68 68 GLY GLY A . n 
A 1 69 HIS 69 69 69 HIS HIS A . n 
A 1 70 LYS 70 70 70 LYS LYS A . n 
A 1 71 ALA 71 71 71 ALA ALA A . n 
A 1 72 ILE 72 72 72 ILE ILE A . n 
A 1 73 GLY 73 73 73 GLY GLY A . n 
A 1 74 THR 74 74 74 THR THR A . n 
A 1 75 VAL 75 75 75 VAL VAL A . n 
A 1 76 LEU 76 76 76 LEU LEU A . n 
A 1 77 VAL 77 77 77 VAL VAL A . n 
A 1 78 GLY 78 78 78 GLY GLY A . n 
A 1 79 PRO 79 79 79 PRO PRO A . n 
A 1 80 THR 80 80 80 THR THR A . n 
A 1 81 PRO 81 81 81 PRO PRO A . n 
A 1 82 VAL 82 82 82 VAL VAL A . n 
A 1 83 ASN 83 83 83 ASN ASN A . n 
A 1 84 ILE 84 84 84 ILE ILE A . n 
A 1 85 ILE 85 85 85 ILE ILE A . n 
A 1 86 GLY 86 86 86 GLY GLY A . n 
A 1 87 ARG 87 87 87 ARG ARG A . n 
A 1 88 ASN 88 88 88 ASN ASN A . n 
A 1 89 LEU 89 89 89 LEU LEU A . n 
A 1 90 LEU 90 90 90 LEU LEU A . n 
A 1 91 THR 91 91 91 THR THR A . n 
A 1 92 GLN 92 92 92 GLN GLN A . n 
A 1 93 ILE 93 93 93 ILE ILE A . n 
A 1 94 GLY 94 94 94 GLY GLY A . n 
A 1 95 ALA 95 95 95 ALA ALA A . n 
A 1 96 THR 96 96 96 THR THR A . n 
A 1 97 LEU 97 97 97 LEU LEU A . n 
A 1 98 ASN 98 98 98 ASN ASN A . n 
A 1 99 PHE 99 99 99 PHE PHE A . n 
B 1 1  PRO 1  1  1  PRO PRO B . n 
B 1 2  GLN 2  2  2  GLN GLN B . n 
B 1 3  ILE 3  3  3  ILE ILE B . n 
B 1 4  THR 4  4  4  THR THR B . n 
B 1 5  LEU 5  5  5  LEU LEU B . n 
B 1 6  TRP 6  6  6  TRP TRP B . n 
B 1 7  LYS 7  7  7  LYS LYS B . n 
B 1 8  ARG 8  8  8  ARG ARG B . n 
B 1 9  PRO 9  9  9  PRO PRO B . n 
B 1 10 LEU 10 10 10 LEU LEU B . n 
B 1 11 VAL 11 11 11 VAL VAL B . n 
B 1 12 THR 12 12 12 THR THR B . n 
B 1 13 ILE 13 13 13 ILE ILE B . n 
B 1 14 LYS 14 14 14 LYS LYS B . n 
B 1 15 ILE 15 15 15 ILE ILE B . n 
B 1 16 GLY 16 16 16 GLY GLY B . n 
B 1 17 GLY 17 17 17 GLY GLY B . n 
B 1 18 GLN 18 18 18 GLN GLN B . n 
B 1 19 LEU 19 19 19 LEU LEU B . n 
B 1 20 LYS 20 20 20 LYS LYS B . n 
B 1 21 GLU 21 21 21 GLU GLU B . n 
B 1 22 ALA 22 22 22 ALA ALA B . n 
B 1 23 LEU 23 23 23 LEU LEU B . n 
B 1 24 LEU 24 24 24 LEU LEU B . n 
B 1 25 ASP 25 25 25 ASP ASP B . n 
B 1 26 THR 26 26 26 THR THR B . n 
B 1 27 GLY 27 27 27 GLY GLY B . n 
B 1 28 ALA 28 28 28 ALA ALA B . n 
B 1 29 ASP 29 29 29 ASP ASP B . n 
B 1 30 ASP 30 30 30 ASP ASP B . n 
B 1 31 THR 31 31 31 THR THR B . n 
B 1 32 VAL 32 32 32 VAL VAL B . n 
B 1 33 ILE 33 33 33 ILE ILE B . n 
B 1 34 GLU 34 34 34 GLU GLU B . n 
B 1 35 GLU 35 35 35 GLU GLU B . n 
B 1 36 MET 36 36 36 MET MET B . n 
B 1 37 SER 37 37 37 SER SER B . n 
B 1 38 LEU 38 38 38 LEU LEU B . n 
B 1 39 PRO 39 39 39 PRO PRO B . n 
B 1 40 GLY 40 40 40 GLY GLY B . n 
B 1 41 ARG 41 41 41 ARG ARG B . n 
B 1 42 TRP 42 42 42 TRP TRP B . n 
B 1 43 LYS 43 43 43 LYS LYS B . n 
B 1 44 PRO 44 44 44 PRO PRO B . n 
B 1 45 LYS 45 45 45 LYS LYS B . n 
B 1 46 MET 46 46 46 MET MET B . n 
B 1 47 ILE 47 47 47 ILE ILE B . n 
B 1 48 GLY 48 48 48 GLY GLY B . n 
B 1 49 GLY 49 49 49 GLY GLY B . n 
B 1 50 ILE 50 50 50 ILE ILE B . n 
B 1 51 GLY 51 51 51 GLY GLY B . n 
B 1 52 GLY 52 52 52 GLY GLY B . n 
B 1 53 PHE 53 53 53 PHE PHE B . n 
B 1 54 ILE 54 54 54 ILE ILE B . n 
B 1 55 LYS 55 55 55 LYS LYS B . n 
B 1 56 VAL 56 56 56 VAL VAL B . n 
B 1 57 ARG 57 57 57 ARG ARG B . n 
B 1 58 GLN 58 58 58 GLN GLN B . n 
B 1 59 TYR 59 59 59 TYR TYR B . n 
B 1 60 ASP 60 60 60 ASP ASP B . n 
B 1 61 GLN 61 61 61 GLN GLN B . n 
B 1 62 ILE 62 62 62 ILE ILE B . n 
B 1 63 ILE 63 63 63 ILE ILE B . n 
B 1 64 ILE 64 64 64 ILE ILE B . n 
B 1 65 GLU 65 65 65 GLU GLU B . n 
B 1 66 ILE 66 66 66 ILE ILE B . n 
B 1 67 ALA 67 67 67 ALA ALA B . n 
B 1 68 GLY 68 68 68 GLY GLY B . n 
B 1 69 HIS 69 69 69 HIS HIS B . n 
B 1 70 LYS 70 70 70 LYS LYS B . n 
B 1 71 ALA 71 71 71 ALA ALA B . n 
B 1 72 ILE 72 72 72 ILE ILE B . n 
B 1 73 GLY 73 73 73 GLY GLY B . n 
B 1 74 THR 74 74 74 THR THR B . n 
B 1 75 VAL 75 75 75 VAL VAL B . n 
B 1 76 LEU 76 76 76 LEU LEU B . n 
B 1 77 VAL 77 77 77 VAL VAL B . n 
B 1 78 GLY 78 78 78 GLY GLY B . n 
B 1 79 PRO 79 79 79 PRO PRO B . n 
B 1 80 THR 80 80 80 THR THR B . n 
B 1 81 PRO 81 81 81 PRO PRO B . n 
B 1 82 VAL 82 82 82 VAL VAL B . n 
B 1 83 ASN 83 83 83 ASN ASN B . n 
B 1 84 ILE 84 84 84 ILE ILE B . n 
B 1 85 ILE 85 85 85 ILE ILE B . n 
B 1 86 GLY 86 86 86 GLY GLY B . n 
B 1 87 ARG 87 87 87 ARG ARG B . n 
B 1 88 ASN 88 88 88 ASN ASN B . n 
B 1 89 LEU 89 89 89 LEU LEU B . n 
B 1 90 LEU 90 90 90 LEU LEU B . n 
B 1 91 THR 91 91 91 THR THR B . n 
B 1 92 GLN 92 92 92 GLN GLN B . n 
B 1 93 ILE 93 93 93 ILE ILE B . n 
B 1 94 GLY 94 94 94 GLY GLY B . n 
B 1 95 ALA 95 95 95 ALA ALA B . n 
B 1 96 THR 96 96 96 THR THR B . n 
B 1 97 LEU 97 97 97 LEU LEU B . n 
B 1 98 ASN 98 98 98 ASN ASN B . n 
B 1 99 PHE 99 99 99 PHE PHE B . n 
# 
loop_
_pdbx_nonpoly_scheme.asym_id 
_pdbx_nonpoly_scheme.entity_id 
_pdbx_nonpoly_scheme.mon_id 
_pdbx_nonpoly_scheme.ndb_seq_num 
_pdbx_nonpoly_scheme.pdb_seq_num 
_pdbx_nonpoly_scheme.auth_seq_num 
_pdbx_nonpoly_scheme.pdb_mon_id 
_pdbx_nonpoly_scheme.auth_mon_id 
_pdbx_nonpoly_scheme.pdb_strand_id 
_pdbx_nonpoly_scheme.pdb_ins_code 
C 2 CL  1  101 511  CL  CL  A . 
D 3 6KQ 1  201 201  6KQ G71 B . 
E 2 CL  1  202 512  CL  CL  B . 
F 4 HOH 1  201 1082 HOH HOH A . 
F 4 HOH 2  202 1076 HOH HOH A . 
F 4 HOH 3  203 1061 HOH HOH A . 
F 4 HOH 4  204 1037 HOH HOH A . 
F 4 HOH 5  205 1025 HOH HOH A . 
F 4 HOH 6  206 1054 HOH HOH A . 
F 4 HOH 7  207 1031 HOH HOH A . 
F 4 HOH 8  208 1024 HOH HOH A . 
F 4 HOH 9  209 1058 HOH HOH A . 
F 4 HOH 10 210 1073 HOH HOH A . 
F 4 HOH 11 211 1004 HOH HOH A . 
F 4 HOH 12 212 1085 HOH HOH A . 
F 4 HOH 13 213 1052 HOH HOH A . 
F 4 HOH 14 214 1042 HOH HOH A . 
F 4 HOH 15 215 1013 HOH HOH A . 
F 4 HOH 16 216 1019 HOH HOH A . 
F 4 HOH 17 217 1030 HOH HOH A . 
F 4 HOH 18 218 1041 HOH HOH A . 
F 4 HOH 19 219 1053 HOH HOH A . 
F 4 HOH 20 220 1086 HOH HOH A . 
F 4 HOH 21 221 1094 HOH HOH A . 
F 4 HOH 22 222 1092 HOH HOH A . 
F 4 HOH 23 223 1017 HOH HOH A . 
F 4 HOH 24 224 1023 HOH HOH A . 
F 4 HOH 25 225 1057 HOH HOH A . 
F 4 HOH 26 226 1038 HOH HOH A . 
F 4 HOH 27 227 1043 HOH HOH A . 
F 4 HOH 28 228 1081 HOH HOH A . 
F 4 HOH 29 229 1029 HOH HOH A . 
F 4 HOH 30 230 1071 HOH HOH A . 
F 4 HOH 31 231 1062 HOH HOH A . 
F 4 HOH 32 232 1003 HOH HOH A . 
F 4 HOH 33 233 1005 HOH HOH A . 
F 4 HOH 34 234 1021 HOH HOH A . 
F 4 HOH 35 235 1087 HOH HOH A . 
F 4 HOH 36 236 1033 HOH HOH A . 
F 4 HOH 37 237 1084 HOH HOH A . 
F 4 HOH 38 238 1046 HOH HOH A . 
F 4 HOH 39 239 1088 HOH HOH A . 
F 4 HOH 40 240 1080 HOH HOH A . 
F 4 HOH 41 241 1078 HOH HOH A . 
F 4 HOH 42 242 1067 HOH HOH A . 
G 4 HOH 1  301 1059 HOH HOH B . 
G 4 HOH 2  302 1079 HOH HOH B . 
G 4 HOH 3  303 1039 HOH HOH B . 
G 4 HOH 4  304 1056 HOH HOH B . 
G 4 HOH 5  305 1044 HOH HOH B . 
G 4 HOH 6  306 1070 HOH HOH B . 
G 4 HOH 7  307 1050 HOH HOH B . 
G 4 HOH 8  308 1051 HOH HOH B . 
G 4 HOH 9  309 1026 HOH HOH B . 
G 4 HOH 10 310 1016 HOH HOH B . 
G 4 HOH 11 311 1007 HOH HOH B . 
G 4 HOH 12 312 1018 HOH HOH B . 
G 4 HOH 13 313 1022 HOH HOH B . 
G 4 HOH 14 314 1075 HOH HOH B . 
G 4 HOH 15 315 1077 HOH HOH B . 
G 4 HOH 16 316 1001 HOH HOH B . 
G 4 HOH 17 317 1047 HOH HOH B . 
G 4 HOH 18 318 1014 HOH HOH B . 
G 4 HOH 19 319 1083 HOH HOH B . 
G 4 HOH 20 320 1069 HOH HOH B . 
G 4 HOH 21 321 1028 HOH HOH B . 
G 4 HOH 22 322 1012 HOH HOH B . 
G 4 HOH 23 323 1072 HOH HOH B . 
G 4 HOH 24 324 1015 HOH HOH B . 
G 4 HOH 25 325 1027 HOH HOH B . 
G 4 HOH 26 326 1035 HOH HOH B . 
G 4 HOH 27 327 1089 HOH HOH B . 
G 4 HOH 28 328 1009 HOH HOH B . 
G 4 HOH 29 329 1093 HOH HOH B . 
G 4 HOH 30 330 1074 HOH HOH B . 
G 4 HOH 31 331 1068 HOH HOH B . 
G 4 HOH 32 332 1064 HOH HOH B . 
G 4 HOH 33 333 1034 HOH HOH B . 
G 4 HOH 34 334 1066 HOH HOH B . 
G 4 HOH 35 335 1010 HOH HOH B . 
G 4 HOH 36 336 1060 HOH HOH B . 
G 4 HOH 37 337 1095 HOH HOH B . 
G 4 HOH 38 338 1020 HOH HOH B . 
G 4 HOH 39 339 1002 HOH HOH B . 
G 4 HOH 40 340 1008 HOH HOH B . 
G 4 HOH 41 341 1006 HOH HOH B . 
G 4 HOH 42 342 1011 HOH HOH B . 
G 4 HOH 43 343 1045 HOH HOH B . 
G 4 HOH 44 344 1040 HOH HOH B . 
G 4 HOH 45 345 1032 HOH HOH B . 
G 4 HOH 46 346 1065 HOH HOH B . 
G 4 HOH 47 347 1091 HOH HOH B . 
G 4 HOH 48 348 1049 HOH HOH B . 
G 4 HOH 49 349 1048 HOH HOH B . 
G 4 HOH 50 350 1036 HOH HOH B . 
G 4 HOH 51 351 1055 HOH HOH B . 
G 4 HOH 52 352 1090 HOH HOH B . 
# 
_pdbx_struct_assembly.id                   1 
_pdbx_struct_assembly.details              author_and_software_defined_assembly 
_pdbx_struct_assembly.method_details       PISA 
_pdbx_struct_assembly.oligomeric_details   dimeric 
_pdbx_struct_assembly.oligomeric_count     2 
# 
_pdbx_struct_assembly_gen.assembly_id       1 
_pdbx_struct_assembly_gen.oper_expression   1 
_pdbx_struct_assembly_gen.asym_id_list      A,B,C,D,E,F,G 
# 
loop_
_pdbx_struct_assembly_prop.biol_id 
_pdbx_struct_assembly_prop.type 
_pdbx_struct_assembly_prop.value 
_pdbx_struct_assembly_prop.details 
1 'ABSA (A^2)' 4270 ? 
1 MORE         -38  ? 
1 'SSA (A^2)'  9620 ? 
# 
_pdbx_struct_oper_list.id                   1 
_pdbx_struct_oper_list.type                 'identity operation' 
_pdbx_struct_oper_list.name                 1_555 
_pdbx_struct_oper_list.symmetry_operation   x,y,z 
_pdbx_struct_oper_list.matrix[1][1]         1.0000000000 
_pdbx_struct_oper_list.matrix[1][2]         0.0000000000 
_pdbx_struct_oper_list.matrix[1][3]         0.0000000000 
_pdbx_struct_oper_list.vector[1]            0.0000000000 
_pdbx_struct_oper_list.matrix[2][1]         0.0000000000 
_pdbx_struct_oper_list.matrix[2][2]         1.0000000000 
_pdbx_struct_oper_list.matrix[2][3]         0.0000000000 
_pdbx_struct_oper_list.vector[2]            0.0000000000 
_pdbx_struct_oper_list.matrix[3][1]         0.0000000000 
_pdbx_struct_oper_list.matrix[3][2]         0.0000000000 
_pdbx_struct_oper_list.matrix[3][3]         1.0000000000 
_pdbx_struct_oper_list.vector[3]            0.0000000000 
# 
loop_
_pdbx_audit_revision_history.ordinal 
_pdbx_audit_revision_history.data_content_type 
_pdbx_audit_revision_history.major_revision 
_pdbx_audit_revision_history.minor_revision 
_pdbx_audit_revision_history.revision_date 
1 'Structure model' 1 0 2016-09-21 
2 'Structure model' 1 1 2016-09-28 
3 'Structure model' 1 2 2017-09-27 
4 'Structure model' 1 3 2019-12-04 
5 'Structure model' 1 4 2023-09-27 
# 
_pdbx_audit_revision_details.ordinal             1 
_pdbx_audit_revision_details.revision_ordinal    1 
_pdbx_audit_revision_details.data_content_type   'Structure model' 
_pdbx_audit_revision_details.provider            repository 
_pdbx_audit_revision_details.type                'Initial release' 
_pdbx_audit_revision_details.description         ? 
_pdbx_audit_revision_details.details             ? 
# 
loop_
_pdbx_audit_revision_group.ordinal 
_pdbx_audit_revision_group.revision_ordinal 
_pdbx_audit_revision_group.data_content_type 
_pdbx_audit_revision_group.group 
1 2 'Structure model' 'Database references'        
2 3 'Structure model' 'Author supporting evidence' 
3 3 'Structure model' 'Database references'        
4 3 'Structure model' 'Derived calculations'       
5 4 'Structure model' 'Author supporting evidence' 
6 5 'Structure model' 'Data collection'            
7 5 'Structure model' 'Database references'        
8 5 'Structure model' 'Refinement description'     
# 
loop_
_pdbx_audit_revision_category.ordinal 
_pdbx_audit_revision_category.revision_ordinal 
_pdbx_audit_revision_category.data_content_type 
_pdbx_audit_revision_category.category 
1 3 'Structure model' citation                      
2 3 'Structure model' pdbx_audit_support            
3 3 'Structure model' pdbx_struct_oper_list         
4 4 'Structure model' pdbx_audit_support            
5 5 'Structure model' chem_comp_atom                
6 5 'Structure model' chem_comp_bond                
7 5 'Structure model' database_2                    
8 5 'Structure model' diffrn_radiation_wavelength   
9 5 'Structure model' pdbx_initial_refinement_model 
# 
loop_
_pdbx_audit_revision_item.ordinal 
_pdbx_audit_revision_item.revision_ordinal 
_pdbx_audit_revision_item.data_content_type 
_pdbx_audit_revision_item.item 
1 3 'Structure model' '_citation.journal_id_CSD'                  
2 3 'Structure model' '_pdbx_audit_support.funding_organization'  
3 3 'Structure model' '_pdbx_struct_oper_list.symmetry_operation' 
4 4 'Structure model' '_pdbx_audit_support.funding_organization'  
5 5 'Structure model' '_database_2.pdbx_DOI'                      
6 5 'Structure model' '_database_2.pdbx_database_accession'       
# 
loop_
_software.citation_id 
_software.classification 
_software.compiler_name 
_software.compiler_version 
_software.contact_author 
_software.contact_author_email 
_software.date 
_software.description 
_software.dependencies 
_software.hardware 
_software.language 
_software.location 
_software.mods 
_software.name 
_software.os 
_software.os_version 
_software.type 
_software.version 
_software.pdbx_ordinal 
? 'data reduction' ? ? ? ? ? ? ? ? ? ? ? HKL-2000  ? ? ? 98.705a 1 
? 'data scaling'   ? ? ? ? ? ? ? ? ? ? ? HKL-2000  ? ? ? 98.705a 2 
? phasing          ? ? ? ? ? ? ? ? ? ? ? PHASER    ? ? ? .       3 
? refinement       ? ? ? ? ? ? ? ? ? ? ? SHELXL-97 ? ? ? .       4 
# 
loop_
_pdbx_validate_rmsd_angle.id 
_pdbx_validate_rmsd_angle.PDB_model_num 
_pdbx_validate_rmsd_angle.auth_atom_id_1 
_pdbx_validate_rmsd_angle.auth_asym_id_1 
_pdbx_validate_rmsd_angle.auth_comp_id_1 
_pdbx_validate_rmsd_angle.auth_seq_id_1 
_pdbx_validate_rmsd_angle.PDB_ins_code_1 
_pdbx_validate_rmsd_angle.label_alt_id_1 
_pdbx_validate_rmsd_angle.auth_atom_id_2 
_pdbx_validate_rmsd_angle.auth_asym_id_2 
_pdbx_validate_rmsd_angle.auth_comp_id_2 
_pdbx_validate_rmsd_angle.auth_seq_id_2 
_pdbx_validate_rmsd_angle.PDB_ins_code_2 
_pdbx_validate_rmsd_angle.label_alt_id_2 
_pdbx_validate_rmsd_angle.auth_atom_id_3 
_pdbx_validate_rmsd_angle.auth_asym_id_3 
_pdbx_validate_rmsd_angle.auth_comp_id_3 
_pdbx_validate_rmsd_angle.auth_seq_id_3 
_pdbx_validate_rmsd_angle.PDB_ins_code_3 
_pdbx_validate_rmsd_angle.label_alt_id_3 
_pdbx_validate_rmsd_angle.angle_value 
_pdbx_validate_rmsd_angle.angle_target_value 
_pdbx_validate_rmsd_angle.angle_deviation 
_pdbx_validate_rmsd_angle.angle_standard_deviation 
_pdbx_validate_rmsd_angle.linker_flag 
1 1 CD A ARG 57 ? ? NE A ARG 57 ? ? CZ  A ARG 57 ? ? 139.10 123.60 15.50 1.40 N 
2 1 NE B ARG 41 ? ? CZ B ARG 41 ? ? NH1 B ARG 41 ? ? 123.38 120.30 3.08  0.50 N 
3 1 NE B ARG 57 ? ? CZ B ARG 57 ? ? NH1 B ARG 57 ? ? 124.30 120.30 4.00  0.50 N 
# 
loop_
_chem_comp_atom.comp_id 
_chem_comp_atom.atom_id 
_chem_comp_atom.type_symbol 
_chem_comp_atom.pdbx_aromatic_flag 
_chem_comp_atom.pdbx_stereo_config 
_chem_comp_atom.pdbx_ordinal 
6KQ C2   C  Y N 1   
6KQ C4   C  Y N 2   
6KQ C6   C  Y N 3   
6KQ C7   C  Y N 4   
6KQ O10  O  N N 5   
6KQ N11  N  N N 6   
6KQ C16  C  N N 7   
6KQ C17  C  N R 8   
6KQ O18  O  N N 9   
6KQ C21  C  N N 10  
6KQ O28  O  N N 11  
6KQ C29  C  N N 12  
6KQ C30  C  N N 13  
6KQ C31  C  N S 14  
6KQ C32  C  N N 15  
6KQ O39  O  N N 16  
6KQ C40  C  N N 17  
6KQ C3   C  Y N 18  
6KQ C5   C  Y N 19  
6KQ S8   S  N N 20  
6KQ O9   O  N N 21  
6KQ C42  C  N N 22  
6KQ C43  C  Y N 23  
6KQ C44  C  Y N 24  
6KQ C45  C  Y N 25  
6KQ C46  C  Y N 26  
6KQ C47  C  Y N 27  
6KQ C48  C  Y N 28  
6KQ C19  C  N S 29  
6KQ N20  N  N N 30  
6KQ O22  O  N N 31  
6KQ O23  O  N N 32  
6KQ C24  C  N R 33  
6KQ C25  C  N N 34  
6KQ O26  O  N N 35  
6KQ C27  C  N R 36  
6KQ C51  C  N N 37  
6KQ C52  C  N N 38  
6KQ C53  C  N N 39  
6KQ C54  C  N N 40  
6KQ C55  C  N N 41  
6KQ C56  C  N N 42  
6KQ C57  C  N N 43  
6KQ C58  C  N N 44  
6KQ C59  C  N N 45  
6KQ C60  C  N N 46  
6KQ H1   H  N N 47  
6KQ H2   H  N N 48  
6KQ H3   H  N N 49  
6KQ H4   H  N N 50  
6KQ H5   H  N N 51  
6KQ H6   H  N N 52  
6KQ H7   H  N N 53  
6KQ H8   H  N N 54  
6KQ H9   H  N N 55  
6KQ H10  H  N N 56  
6KQ H11  H  N N 57  
6KQ H12  H  N N 58  
6KQ H13  H  N N 59  
6KQ H14  H  N N 60  
6KQ H15  H  N N 61  
6KQ H16  H  N N 62  
6KQ H17  H  N N 63  
6KQ H18  H  N N 64  
6KQ H19  H  N N 65  
6KQ H20  H  N N 66  
6KQ H21  H  N N 67  
6KQ H22  H  N N 68  
6KQ H23  H  N N 69  
6KQ H24  H  N N 70  
6KQ H25  H  N N 71  
6KQ H26  H  N N 72  
6KQ H27  H  N N 73  
6KQ H28  H  N N 74  
6KQ H29  H  N N 75  
6KQ H30  H  N N 76  
6KQ H31  H  N N 77  
6KQ H32  H  N N 78  
6KQ H33  H  N N 79  
6KQ H34  H  N N 80  
6KQ H35  H  N N 81  
6KQ H36  H  N N 82  
6KQ H37  H  N N 83  
6KQ H38  H  N N 84  
6KQ H39  H  N N 85  
6KQ H40  H  N N 86  
6KQ H41  H  N N 87  
6KQ H42  H  N N 88  
6KQ H43  H  N N 89  
6KQ H44  H  N N 90  
6KQ H45  H  N N 91  
6KQ H46  H  N N 92  
ALA N    N  N N 93  
ALA CA   C  N S 94  
ALA C    C  N N 95  
ALA O    O  N N 96  
ALA CB   C  N N 97  
ALA OXT  O  N N 98  
ALA H    H  N N 99  
ALA H2   H  N N 100 
ALA HA   H  N N 101 
ALA HB1  H  N N 102 
ALA HB2  H  N N 103 
ALA HB3  H  N N 104 
ALA HXT  H  N N 105 
ARG N    N  N N 106 
ARG CA   C  N S 107 
ARG C    C  N N 108 
ARG O    O  N N 109 
ARG CB   C  N N 110 
ARG CG   C  N N 111 
ARG CD   C  N N 112 
ARG NE   N  N N 113 
ARG CZ   C  N N 114 
ARG NH1  N  N N 115 
ARG NH2  N  N N 116 
ARG OXT  O  N N 117 
ARG H    H  N N 118 
ARG H2   H  N N 119 
ARG HA   H  N N 120 
ARG HB2  H  N N 121 
ARG HB3  H  N N 122 
ARG HG2  H  N N 123 
ARG HG3  H  N N 124 
ARG HD2  H  N N 125 
ARG HD3  H  N N 126 
ARG HE   H  N N 127 
ARG HH11 H  N N 128 
ARG HH12 H  N N 129 
ARG HH21 H  N N 130 
ARG HH22 H  N N 131 
ARG HXT  H  N N 132 
ASN N    N  N N 133 
ASN CA   C  N S 134 
ASN C    C  N N 135 
ASN O    O  N N 136 
ASN CB   C  N N 137 
ASN CG   C  N N 138 
ASN OD1  O  N N 139 
ASN ND2  N  N N 140 
ASN OXT  O  N N 141 
ASN H    H  N N 142 
ASN H2   H  N N 143 
ASN HA   H  N N 144 
ASN HB2  H  N N 145 
ASN HB3  H  N N 146 
ASN HD21 H  N N 147 
ASN HD22 H  N N 148 
ASN HXT  H  N N 149 
ASP N    N  N N 150 
ASP CA   C  N S 151 
ASP C    C  N N 152 
ASP O    O  N N 153 
ASP CB   C  N N 154 
ASP CG   C  N N 155 
ASP OD1  O  N N 156 
ASP OD2  O  N N 157 
ASP OXT  O  N N 158 
ASP H    H  N N 159 
ASP H2   H  N N 160 
ASP HA   H  N N 161 
ASP HB2  H  N N 162 
ASP HB3  H  N N 163 
ASP HD2  H  N N 164 
ASP HXT  H  N N 165 
CL  CL   CL N N 166 
CYS N    N  N N 167 
CYS CA   C  N R 168 
CYS C    C  N N 169 
CYS O    O  N N 170 
CYS CB   C  N N 171 
CYS SG   S  N N 172 
CYS OXT  O  N N 173 
CYS H    H  N N 174 
CYS H2   H  N N 175 
CYS HA   H  N N 176 
CYS HB2  H  N N 177 
CYS HB3  H  N N 178 
CYS HG   H  N N 179 
CYS HXT  H  N N 180 
GLN N    N  N N 181 
GLN CA   C  N S 182 
GLN C    C  N N 183 
GLN O    O  N N 184 
GLN CB   C  N N 185 
GLN CG   C  N N 186 
GLN CD   C  N N 187 
GLN OE1  O  N N 188 
GLN NE2  N  N N 189 
GLN OXT  O  N N 190 
GLN H    H  N N 191 
GLN H2   H  N N 192 
GLN HA   H  N N 193 
GLN HB2  H  N N 194 
GLN HB3  H  N N 195 
GLN HG2  H  N N 196 
GLN HG3  H  N N 197 
GLN HE21 H  N N 198 
GLN HE22 H  N N 199 
GLN HXT  H  N N 200 
GLU N    N  N N 201 
GLU CA   C  N S 202 
GLU C    C  N N 203 
GLU O    O  N N 204 
GLU CB   C  N N 205 
GLU CG   C  N N 206 
GLU CD   C  N N 207 
GLU OE1  O  N N 208 
GLU OE2  O  N N 209 
GLU OXT  O  N N 210 
GLU H    H  N N 211 
GLU H2   H  N N 212 
GLU HA   H  N N 213 
GLU HB2  H  N N 214 
GLU HB3  H  N N 215 
GLU HG2  H  N N 216 
GLU HG3  H  N N 217 
GLU HE2  H  N N 218 
GLU HXT  H  N N 219 
GLY N    N  N N 220 
GLY CA   C  N N 221 
GLY C    C  N N 222 
GLY O    O  N N 223 
GLY OXT  O  N N 224 
GLY H    H  N N 225 
GLY H2   H  N N 226 
GLY HA2  H  N N 227 
GLY HA3  H  N N 228 
GLY HXT  H  N N 229 
HIS N    N  N N 230 
HIS CA   C  N S 231 
HIS C    C  N N 232 
HIS O    O  N N 233 
HIS CB   C  N N 234 
HIS CG   C  Y N 235 
HIS ND1  N  Y N 236 
HIS CD2  C  Y N 237 
HIS CE1  C  Y N 238 
HIS NE2  N  Y N 239 
HIS OXT  O  N N 240 
HIS H    H  N N 241 
HIS H2   H  N N 242 
HIS HA   H  N N 243 
HIS HB2  H  N N 244 
HIS HB3  H  N N 245 
HIS HD1  H  N N 246 
HIS HD2  H  N N 247 
HIS HE1  H  N N 248 
HIS HE2  H  N N 249 
HIS HXT  H  N N 250 
HOH O    O  N N 251 
HOH H1   H  N N 252 
HOH H2   H  N N 253 
ILE N    N  N N 254 
ILE CA   C  N S 255 
ILE C    C  N N 256 
ILE O    O  N N 257 
ILE CB   C  N S 258 
ILE CG1  C  N N 259 
ILE CG2  C  N N 260 
ILE CD1  C  N N 261 
ILE OXT  O  N N 262 
ILE H    H  N N 263 
ILE H2   H  N N 264 
ILE HA   H  N N 265 
ILE HB   H  N N 266 
ILE HG12 H  N N 267 
ILE HG13 H  N N 268 
ILE HG21 H  N N 269 
ILE HG22 H  N N 270 
ILE HG23 H  N N 271 
ILE HD11 H  N N 272 
ILE HD12 H  N N 273 
ILE HD13 H  N N 274 
ILE HXT  H  N N 275 
LEU N    N  N N 276 
LEU CA   C  N S 277 
LEU C    C  N N 278 
LEU O    O  N N 279 
LEU CB   C  N N 280 
LEU CG   C  N N 281 
LEU CD1  C  N N 282 
LEU CD2  C  N N 283 
LEU OXT  O  N N 284 
LEU H    H  N N 285 
LEU H2   H  N N 286 
LEU HA   H  N N 287 
LEU HB2  H  N N 288 
LEU HB3  H  N N 289 
LEU HG   H  N N 290 
LEU HD11 H  N N 291 
LEU HD12 H  N N 292 
LEU HD13 H  N N 293 
LEU HD21 H  N N 294 
LEU HD22 H  N N 295 
LEU HD23 H  N N 296 
LEU HXT  H  N N 297 
LYS N    N  N N 298 
LYS CA   C  N S 299 
LYS C    C  N N 300 
LYS O    O  N N 301 
LYS CB   C  N N 302 
LYS CG   C  N N 303 
LYS CD   C  N N 304 
LYS CE   C  N N 305 
LYS NZ   N  N N 306 
LYS OXT  O  N N 307 
LYS H    H  N N 308 
LYS H2   H  N N 309 
LYS HA   H  N N 310 
LYS HB2  H  N N 311 
LYS HB3  H  N N 312 
LYS HG2  H  N N 313 
LYS HG3  H  N N 314 
LYS HD2  H  N N 315 
LYS HD3  H  N N 316 
LYS HE2  H  N N 317 
LYS HE3  H  N N 318 
LYS HZ1  H  N N 319 
LYS HZ2  H  N N 320 
LYS HZ3  H  N N 321 
LYS HXT  H  N N 322 
MET N    N  N N 323 
MET CA   C  N S 324 
MET C    C  N N 325 
MET O    O  N N 326 
MET CB   C  N N 327 
MET CG   C  N N 328 
MET SD   S  N N 329 
MET CE   C  N N 330 
MET OXT  O  N N 331 
MET H    H  N N 332 
MET H2   H  N N 333 
MET HA   H  N N 334 
MET HB2  H  N N 335 
MET HB3  H  N N 336 
MET HG2  H  N N 337 
MET HG3  H  N N 338 
MET HE1  H  N N 339 
MET HE2  H  N N 340 
MET HE3  H  N N 341 
MET HXT  H  N N 342 
PHE N    N  N N 343 
PHE CA   C  N S 344 
PHE C    C  N N 345 
PHE O    O  N N 346 
PHE CB   C  N N 347 
PHE CG   C  Y N 348 
PHE CD1  C  Y N 349 
PHE CD2  C  Y N 350 
PHE CE1  C  Y N 351 
PHE CE2  C  Y N 352 
PHE CZ   C  Y N 353 
PHE OXT  O  N N 354 
PHE H    H  N N 355 
PHE H2   H  N N 356 
PHE HA   H  N N 357 
PHE HB2  H  N N 358 
PHE HB3  H  N N 359 
PHE HD1  H  N N 360 
PHE HD2  H  N N 361 
PHE HE1  H  N N 362 
PHE HE2  H  N N 363 
PHE HZ   H  N N 364 
PHE HXT  H  N N 365 
PRO N    N  N N 366 
PRO CA   C  N S 367 
PRO C    C  N N 368 
PRO O    O  N N 369 
PRO CB   C  N N 370 
PRO CG   C  N N 371 
PRO CD   C  N N 372 
PRO OXT  O  N N 373 
PRO H    H  N N 374 
PRO HA   H  N N 375 
PRO HB2  H  N N 376 
PRO HB3  H  N N 377 
PRO HG2  H  N N 378 
PRO HG3  H  N N 379 
PRO HD2  H  N N 380 
PRO HD3  H  N N 381 
PRO HXT  H  N N 382 
SER N    N  N N 383 
SER CA   C  N S 384 
SER C    C  N N 385 
SER O    O  N N 386 
SER CB   C  N N 387 
SER OG   O  N N 388 
SER OXT  O  N N 389 
SER H    H  N N 390 
SER H2   H  N N 391 
SER HA   H  N N 392 
SER HB2  H  N N 393 
SER HB3  H  N N 394 
SER HG   H  N N 395 
SER HXT  H  N N 396 
THR N    N  N N 397 
THR CA   C  N S 398 
THR C    C  N N 399 
THR O    O  N N 400 
THR CB   C  N R 401 
THR OG1  O  N N 402 
THR CG2  C  N N 403 
THR OXT  O  N N 404 
THR H    H  N N 405 
THR H2   H  N N 406 
THR HA   H  N N 407 
THR HB   H  N N 408 
THR HG1  H  N N 409 
THR HG21 H  N N 410 
THR HG22 H  N N 411 
THR HG23 H  N N 412 
THR HXT  H  N N 413 
TRP N    N  N N 414 
TRP CA   C  N S 415 
TRP C    C  N N 416 
TRP O    O  N N 417 
TRP CB   C  N N 418 
TRP CG   C  Y N 419 
TRP CD1  C  Y N 420 
TRP CD2  C  Y N 421 
TRP NE1  N  Y N 422 
TRP CE2  C  Y N 423 
TRP CE3  C  Y N 424 
TRP CZ2  C  Y N 425 
TRP CZ3  C  Y N 426 
TRP CH2  C  Y N 427 
TRP OXT  O  N N 428 
TRP H    H  N N 429 
TRP H2   H  N N 430 
TRP HA   H  N N 431 
TRP HB2  H  N N 432 
TRP HB3  H  N N 433 
TRP HD1  H  N N 434 
TRP HE1  H  N N 435 
TRP HE3  H  N N 436 
TRP HZ2  H  N N 437 
TRP HZ3  H  N N 438 
TRP HH2  H  N N 439 
TRP HXT  H  N N 440 
TYR N    N  N N 441 
TYR CA   C  N S 442 
TYR C    C  N N 443 
TYR O    O  N N 444 
TYR CB   C  N N 445 
TYR CG   C  Y N 446 
TYR CD1  C  Y N 447 
TYR CD2  C  Y N 448 
TYR CE1  C  Y N 449 
TYR CE2  C  Y N 450 
TYR CZ   C  Y N 451 
TYR OH   O  N N 452 
TYR OXT  O  N N 453 
TYR H    H  N N 454 
TYR H2   H  N N 455 
TYR HA   H  N N 456 
TYR HB2  H  N N 457 
TYR HB3  H  N N 458 
TYR HD1  H  N N 459 
TYR HD2  H  N N 460 
TYR HE1  H  N N 461 
TYR HE2  H  N N 462 
TYR HH   H  N N 463 
TYR HXT  H  N N 464 
VAL N    N  N N 465 
VAL CA   C  N S 466 
VAL C    C  N N 467 
VAL O    O  N N 468 
VAL CB   C  N N 469 
VAL CG1  C  N N 470 
VAL CG2  C  N N 471 
VAL OXT  O  N N 472 
VAL H    H  N N 473 
VAL H2   H  N N 474 
VAL HA   H  N N 475 
VAL HB   H  N N 476 
VAL HG11 H  N N 477 
VAL HG12 H  N N 478 
VAL HG13 H  N N 479 
VAL HG21 H  N N 480 
VAL HG22 H  N N 481 
VAL HG23 H  N N 482 
VAL HXT  H  N N 483 
# 
loop_
_chem_comp_bond.comp_id 
_chem_comp_bond.atom_id_1 
_chem_comp_bond.atom_id_2 
_chem_comp_bond.value_order 
_chem_comp_bond.pdbx_aromatic_flag 
_chem_comp_bond.pdbx_stereo_config 
_chem_comp_bond.pdbx_ordinal 
6KQ C56 C57  sing N N 1   
6KQ C56 C55  sing N N 2   
6KQ C57 C60  sing N N 3   
6KQ C57 C58  sing N N 4   
6KQ C60 C53  sing N N 5   
6KQ C58 C51  sing N N 6   
6KQ C55 C54  sing N N 7   
6KQ C55 C59  sing N N 8   
6KQ C54 C53  sing N N 9   
6KQ C53 C52  sing N N 10  
6KQ C59 C51  sing N N 11  
6KQ C51 C52  sing N N 12  
6KQ C51 C32  sing N N 13  
6KQ C3  C4   doub Y N 14  
6KQ C3  C2   sing Y N 15  
6KQ O39 C2   sing N N 16  
6KQ O39 C40  sing N N 17  
6KQ C4  C5   sing Y N 18  
6KQ C2  C7   doub Y N 19  
6KQ O9  S8   doub N N 20  
6KQ C7  C6   sing Y N 21  
6KQ C32 C19  sing N N 22  
6KQ C5  C6   doub Y N 23  
6KQ C5  S8   sing N N 24  
6KQ S8  O10  doub N N 25  
6KQ S8  N11  sing N N 26  
6KQ C19 N20  sing N N 27  
6KQ C19 C17  sing N N 28  
6KQ C30 C29  sing N N 29  
6KQ C30 C31  sing N N 30  
6KQ C16 N11  sing N N 31  
6KQ C16 C17  sing N N 32  
6KQ C29 O28  sing N N 33  
6KQ N11 C42  sing N N 34  
6KQ N20 C21  sing N N 35  
6KQ C17 O18  sing N N 36  
6KQ O22 C21  doub N N 37  
6KQ C21 O23  sing N N 38  
6KQ C31 C24  sing N N 39  
6KQ C31 C27  sing N N 40  
6KQ O28 C27  sing N N 41  
6KQ C42 C48  sing N N 42  
6KQ O23 C24  sing N N 43  
6KQ C24 C25  sing N N 44  
6KQ C27 O26  sing N N 45  
6KQ C48 C47  doub Y N 46  
6KQ C48 C43  sing Y N 47  
6KQ C47 C46  sing Y N 48  
6KQ C43 C44  doub Y N 49  
6KQ O26 C25  sing N N 50  
6KQ C46 C45  doub Y N 51  
6KQ C44 C45  sing Y N 52  
6KQ C4  H1   sing N N 53  
6KQ C6  H2   sing N N 54  
6KQ C7  H3   sing N N 55  
6KQ C16 H4   sing N N 56  
6KQ C16 H5   sing N N 57  
6KQ C17 H6   sing N N 58  
6KQ O18 H7   sing N N 59  
6KQ C29 H8   sing N N 60  
6KQ C29 H9   sing N N 61  
6KQ C30 H10  sing N N 62  
6KQ C30 H11  sing N N 63  
6KQ C31 H12  sing N N 64  
6KQ C32 H13  sing N N 65  
6KQ C32 H14  sing N N 66  
6KQ C40 H15  sing N N 67  
6KQ C40 H16  sing N N 68  
6KQ C40 H17  sing N N 69  
6KQ C3  H18  sing N N 70  
6KQ C42 H19  sing N N 71  
6KQ C42 H20  sing N N 72  
6KQ C43 H21  sing N N 73  
6KQ C44 H22  sing N N 74  
6KQ C45 H23  sing N N 75  
6KQ C46 H24  sing N N 76  
6KQ C47 H25  sing N N 77  
6KQ C19 H26  sing N N 78  
6KQ N20 H27  sing N N 79  
6KQ C24 H28  sing N N 80  
6KQ C25 H29  sing N N 81  
6KQ C25 H30  sing N N 82  
6KQ C27 H31  sing N N 83  
6KQ C52 H32  sing N N 84  
6KQ C52 H33  sing N N 85  
6KQ C53 H34  sing N N 86  
6KQ C54 H35  sing N N 87  
6KQ C54 H36  sing N N 88  
6KQ C55 H37  sing N N 89  
6KQ C56 H38  sing N N 90  
6KQ C56 H39  sing N N 91  
6KQ C57 H40  sing N N 92  
6KQ C58 H41  sing N N 93  
6KQ C58 H42  sing N N 94  
6KQ C59 H43  sing N N 95  
6KQ C59 H44  sing N N 96  
6KQ C60 H45  sing N N 97  
6KQ C60 H46  sing N N 98  
ALA N   CA   sing N N 99  
ALA N   H    sing N N 100 
ALA N   H2   sing N N 101 
ALA CA  C    sing N N 102 
ALA CA  CB   sing N N 103 
ALA CA  HA   sing N N 104 
ALA C   O    doub N N 105 
ALA C   OXT  sing N N 106 
ALA CB  HB1  sing N N 107 
ALA CB  HB2  sing N N 108 
ALA CB  HB3  sing N N 109 
ALA OXT HXT  sing N N 110 
ARG N   CA   sing N N 111 
ARG N   H    sing N N 112 
ARG N   H2   sing N N 113 
ARG CA  C    sing N N 114 
ARG CA  CB   sing N N 115 
ARG CA  HA   sing N N 116 
ARG C   O    doub N N 117 
ARG C   OXT  sing N N 118 
ARG CB  CG   sing N N 119 
ARG CB  HB2  sing N N 120 
ARG CB  HB3  sing N N 121 
ARG CG  CD   sing N N 122 
ARG CG  HG2  sing N N 123 
ARG CG  HG3  sing N N 124 
ARG CD  NE   sing N N 125 
ARG CD  HD2  sing N N 126 
ARG CD  HD3  sing N N 127 
ARG NE  CZ   sing N N 128 
ARG NE  HE   sing N N 129 
ARG CZ  NH1  sing N N 130 
ARG CZ  NH2  doub N N 131 
ARG NH1 HH11 sing N N 132 
ARG NH1 HH12 sing N N 133 
ARG NH2 HH21 sing N N 134 
ARG NH2 HH22 sing N N 135 
ARG OXT HXT  sing N N 136 
ASN N   CA   sing N N 137 
ASN N   H    sing N N 138 
ASN N   H2   sing N N 139 
ASN CA  C    sing N N 140 
ASN CA  CB   sing N N 141 
ASN CA  HA   sing N N 142 
ASN C   O    doub N N 143 
ASN C   OXT  sing N N 144 
ASN CB  CG   sing N N 145 
ASN CB  HB2  sing N N 146 
ASN CB  HB3  sing N N 147 
ASN CG  OD1  doub N N 148 
ASN CG  ND2  sing N N 149 
ASN ND2 HD21 sing N N 150 
ASN ND2 HD22 sing N N 151 
ASN OXT HXT  sing N N 152 
ASP N   CA   sing N N 153 
ASP N   H    sing N N 154 
ASP N   H2   sing N N 155 
ASP CA  C    sing N N 156 
ASP CA  CB   sing N N 157 
ASP CA  HA   sing N N 158 
ASP C   O    doub N N 159 
ASP C   OXT  sing N N 160 
ASP CB  CG   sing N N 161 
ASP CB  HB2  sing N N 162 
ASP CB  HB3  sing N N 163 
ASP CG  OD1  doub N N 164 
ASP CG  OD2  sing N N 165 
ASP OD2 HD2  sing N N 166 
ASP OXT HXT  sing N N 167 
CYS N   CA   sing N N 168 
CYS N   H    sing N N 169 
CYS N   H2   sing N N 170 
CYS CA  C    sing N N 171 
CYS CA  CB   sing N N 172 
CYS CA  HA   sing N N 173 
CYS C   O    doub N N 174 
CYS C   OXT  sing N N 175 
CYS CB  SG   sing N N 176 
CYS CB  HB2  sing N N 177 
CYS CB  HB3  sing N N 178 
CYS SG  HG   sing N N 179 
CYS OXT HXT  sing N N 180 
GLN N   CA   sing N N 181 
GLN N   H    sing N N 182 
GLN N   H2   sing N N 183 
GLN CA  C    sing N N 184 
GLN CA  CB   sing N N 185 
GLN CA  HA   sing N N 186 
GLN C   O    doub N N 187 
GLN C   OXT  sing N N 188 
GLN CB  CG   sing N N 189 
GLN CB  HB2  sing N N 190 
GLN CB  HB3  sing N N 191 
GLN CG  CD   sing N N 192 
GLN CG  HG2  sing N N 193 
GLN CG  HG3  sing N N 194 
GLN CD  OE1  doub N N 195 
GLN CD  NE2  sing N N 196 
GLN NE2 HE21 sing N N 197 
GLN NE2 HE22 sing N N 198 
GLN OXT HXT  sing N N 199 
GLU N   CA   sing N N 200 
GLU N   H    sing N N 201 
GLU N   H2   sing N N 202 
GLU CA  C    sing N N 203 
GLU CA  CB   sing N N 204 
GLU CA  HA   sing N N 205 
GLU C   O    doub N N 206 
GLU C   OXT  sing N N 207 
GLU CB  CG   sing N N 208 
GLU CB  HB2  sing N N 209 
GLU CB  HB3  sing N N 210 
GLU CG  CD   sing N N 211 
GLU CG  HG2  sing N N 212 
GLU CG  HG3  sing N N 213 
GLU CD  OE1  doub N N 214 
GLU CD  OE2  sing N N 215 
GLU OE2 HE2  sing N N 216 
GLU OXT HXT  sing N N 217 
GLY N   CA   sing N N 218 
GLY N   H    sing N N 219 
GLY N   H2   sing N N 220 
GLY CA  C    sing N N 221 
GLY CA  HA2  sing N N 222 
GLY CA  HA3  sing N N 223 
GLY C   O    doub N N 224 
GLY C   OXT  sing N N 225 
GLY OXT HXT  sing N N 226 
HIS N   CA   sing N N 227 
HIS N   H    sing N N 228 
HIS N   H2   sing N N 229 
HIS CA  C    sing N N 230 
HIS CA  CB   sing N N 231 
HIS CA  HA   sing N N 232 
HIS C   O    doub N N 233 
HIS C   OXT  sing N N 234 
HIS CB  CG   sing N N 235 
HIS CB  HB2  sing N N 236 
HIS CB  HB3  sing N N 237 
HIS CG  ND1  sing Y N 238 
HIS CG  CD2  doub Y N 239 
HIS ND1 CE1  doub Y N 240 
HIS ND1 HD1  sing N N 241 
HIS CD2 NE2  sing Y N 242 
HIS CD2 HD2  sing N N 243 
HIS CE1 NE2  sing Y N 244 
HIS CE1 HE1  sing N N 245 
HIS NE2 HE2  sing N N 246 
HIS OXT HXT  sing N N 247 
HOH O   H1   sing N N 248 
HOH O   H2   sing N N 249 
ILE N   CA   sing N N 250 
ILE N   H    sing N N 251 
ILE N   H2   sing N N 252 
ILE CA  C    sing N N 253 
ILE CA  CB   sing N N 254 
ILE CA  HA   sing N N 255 
ILE C   O    doub N N 256 
ILE C   OXT  sing N N 257 
ILE CB  CG1  sing N N 258 
ILE CB  CG2  sing N N 259 
ILE CB  HB   sing N N 260 
ILE CG1 CD1  sing N N 261 
ILE CG1 HG12 sing N N 262 
ILE CG1 HG13 sing N N 263 
ILE CG2 HG21 sing N N 264 
ILE CG2 HG22 sing N N 265 
ILE CG2 HG23 sing N N 266 
ILE CD1 HD11 sing N N 267 
ILE CD1 HD12 sing N N 268 
ILE CD1 HD13 sing N N 269 
ILE OXT HXT  sing N N 270 
LEU N   CA   sing N N 271 
LEU N   H    sing N N 272 
LEU N   H2   sing N N 273 
LEU CA  C    sing N N 274 
LEU CA  CB   sing N N 275 
LEU CA  HA   sing N N 276 
LEU C   O    doub N N 277 
LEU C   OXT  sing N N 278 
LEU CB  CG   sing N N 279 
LEU CB  HB2  sing N N 280 
LEU CB  HB3  sing N N 281 
LEU CG  CD1  sing N N 282 
LEU CG  CD2  sing N N 283 
LEU CG  HG   sing N N 284 
LEU CD1 HD11 sing N N 285 
LEU CD1 HD12 sing N N 286 
LEU CD1 HD13 sing N N 287 
LEU CD2 HD21 sing N N 288 
LEU CD2 HD22 sing N N 289 
LEU CD2 HD23 sing N N 290 
LEU OXT HXT  sing N N 291 
LYS N   CA   sing N N 292 
LYS N   H    sing N N 293 
LYS N   H2   sing N N 294 
LYS CA  C    sing N N 295 
LYS CA  CB   sing N N 296 
LYS CA  HA   sing N N 297 
LYS C   O    doub N N 298 
LYS C   OXT  sing N N 299 
LYS CB  CG   sing N N 300 
LYS CB  HB2  sing N N 301 
LYS CB  HB3  sing N N 302 
LYS CG  CD   sing N N 303 
LYS CG  HG2  sing N N 304 
LYS CG  HG3  sing N N 305 
LYS CD  CE   sing N N 306 
LYS CD  HD2  sing N N 307 
LYS CD  HD3  sing N N 308 
LYS CE  NZ   sing N N 309 
LYS CE  HE2  sing N N 310 
LYS CE  HE3  sing N N 311 
LYS NZ  HZ1  sing N N 312 
LYS NZ  HZ2  sing N N 313 
LYS NZ  HZ3  sing N N 314 
LYS OXT HXT  sing N N 315 
MET N   CA   sing N N 316 
MET N   H    sing N N 317 
MET N   H2   sing N N 318 
MET CA  C    sing N N 319 
MET CA  CB   sing N N 320 
MET CA  HA   sing N N 321 
MET C   O    doub N N 322 
MET C   OXT  sing N N 323 
MET CB  CG   sing N N 324 
MET CB  HB2  sing N N 325 
MET CB  HB3  sing N N 326 
MET CG  SD   sing N N 327 
MET CG  HG2  sing N N 328 
MET CG  HG3  sing N N 329 
MET SD  CE   sing N N 330 
MET CE  HE1  sing N N 331 
MET CE  HE2  sing N N 332 
MET CE  HE3  sing N N 333 
MET OXT HXT  sing N N 334 
PHE N   CA   sing N N 335 
PHE N   H    sing N N 336 
PHE N   H2   sing N N 337 
PHE CA  C    sing N N 338 
PHE CA  CB   sing N N 339 
PHE CA  HA   sing N N 340 
PHE C   O    doub N N 341 
PHE C   OXT  sing N N 342 
PHE CB  CG   sing N N 343 
PHE CB  HB2  sing N N 344 
PHE CB  HB3  sing N N 345 
PHE CG  CD1  doub Y N 346 
PHE CG  CD2  sing Y N 347 
PHE CD1 CE1  sing Y N 348 
PHE CD1 HD1  sing N N 349 
PHE CD2 CE2  doub Y N 350 
PHE CD2 HD2  sing N N 351 
PHE CE1 CZ   doub Y N 352 
PHE CE1 HE1  sing N N 353 
PHE CE2 CZ   sing Y N 354 
PHE CE2 HE2  sing N N 355 
PHE CZ  HZ   sing N N 356 
PHE OXT HXT  sing N N 357 
PRO N   CA   sing N N 358 
PRO N   CD   sing N N 359 
PRO N   H    sing N N 360 
PRO CA  C    sing N N 361 
PRO CA  CB   sing N N 362 
PRO CA  HA   sing N N 363 
PRO C   O    doub N N 364 
PRO C   OXT  sing N N 365 
PRO CB  CG   sing N N 366 
PRO CB  HB2  sing N N 367 
PRO CB  HB3  sing N N 368 
PRO CG  CD   sing N N 369 
PRO CG  HG2  sing N N 370 
PRO CG  HG3  sing N N 371 
PRO CD  HD2  sing N N 372 
PRO CD  HD3  sing N N 373 
PRO OXT HXT  sing N N 374 
SER N   CA   sing N N 375 
SER N   H    sing N N 376 
SER N   H2   sing N N 377 
SER CA  C    sing N N 378 
SER CA  CB   sing N N 379 
SER CA  HA   sing N N 380 
SER C   O    doub N N 381 
SER C   OXT  sing N N 382 
SER CB  OG   sing N N 383 
SER CB  HB2  sing N N 384 
SER CB  HB3  sing N N 385 
SER OG  HG   sing N N 386 
SER OXT HXT  sing N N 387 
THR N   CA   sing N N 388 
THR N   H    sing N N 389 
THR N   H2   sing N N 390 
THR CA  C    sing N N 391 
THR CA  CB   sing N N 392 
THR CA  HA   sing N N 393 
THR C   O    doub N N 394 
THR C   OXT  sing N N 395 
THR CB  OG1  sing N N 396 
THR CB  CG2  sing N N 397 
THR CB  HB   sing N N 398 
THR OG1 HG1  sing N N 399 
THR CG2 HG21 sing N N 400 
THR CG2 HG22 sing N N 401 
THR CG2 HG23 sing N N 402 
THR OXT HXT  sing N N 403 
TRP N   CA   sing N N 404 
TRP N   H    sing N N 405 
TRP N   H2   sing N N 406 
TRP CA  C    sing N N 407 
TRP CA  CB   sing N N 408 
TRP CA  HA   sing N N 409 
TRP C   O    doub N N 410 
TRP C   OXT  sing N N 411 
TRP CB  CG   sing N N 412 
TRP CB  HB2  sing N N 413 
TRP CB  HB3  sing N N 414 
TRP CG  CD1  doub Y N 415 
TRP CG  CD2  sing Y N 416 
TRP CD1 NE1  sing Y N 417 
TRP CD1 HD1  sing N N 418 
TRP CD2 CE2  doub Y N 419 
TRP CD2 CE3  sing Y N 420 
TRP NE1 CE2  sing Y N 421 
TRP NE1 HE1  sing N N 422 
TRP CE2 CZ2  sing Y N 423 
TRP CE3 CZ3  doub Y N 424 
TRP CE3 HE3  sing N N 425 
TRP CZ2 CH2  doub Y N 426 
TRP CZ2 HZ2  sing N N 427 
TRP CZ3 CH2  sing Y N 428 
TRP CZ3 HZ3  sing N N 429 
TRP CH2 HH2  sing N N 430 
TRP OXT HXT  sing N N 431 
TYR N   CA   sing N N 432 
TYR N   H    sing N N 433 
TYR N   H2   sing N N 434 
TYR CA  C    sing N N 435 
TYR CA  CB   sing N N 436 
TYR CA  HA   sing N N 437 
TYR C   O    doub N N 438 
TYR C   OXT  sing N N 439 
TYR CB  CG   sing N N 440 
TYR CB  HB2  sing N N 441 
TYR CB  HB3  sing N N 442 
TYR CG  CD1  doub Y N 443 
TYR CG  CD2  sing Y N 444 
TYR CD1 CE1  sing Y N 445 
TYR CD1 HD1  sing N N 446 
TYR CD2 CE2  doub Y N 447 
TYR CD2 HD2  sing N N 448 
TYR CE1 CZ   doub Y N 449 
TYR CE1 HE1  sing N N 450 
TYR CE2 CZ   sing Y N 451 
TYR CE2 HE2  sing N N 452 
TYR CZ  OH   sing N N 453 
TYR OH  HH   sing N N 454 
TYR OXT HXT  sing N N 455 
VAL N   CA   sing N N 456 
VAL N   H    sing N N 457 
VAL N   H2   sing N N 458 
VAL CA  C    sing N N 459 
VAL CA  CB   sing N N 460 
VAL CA  HA   sing N N 461 
VAL C   O    doub N N 462 
VAL C   OXT  sing N N 463 
VAL CB  CG1  sing N N 464 
VAL CB  CG2  sing N N 465 
VAL CB  HB   sing N N 466 
VAL CG1 HG11 sing N N 467 
VAL CG1 HG12 sing N N 468 
VAL CG1 HG13 sing N N 469 
VAL CG2 HG21 sing N N 470 
VAL CG2 HG22 sing N N 471 
VAL CG2 HG23 sing N N 472 
VAL OXT HXT  sing N N 473 
# 
loop_
_pdbx_audit_support.funding_organization 
_pdbx_audit_support.country 
_pdbx_audit_support.grant_number 
_pdbx_audit_support.ordinal 
'National Institutes of Health/National Institute of General Medical Sciences (NIH/NIGMS)' 'United States' GM53386 1 
'National Institutes of Health/National Institute of General Medical Sciences (NIH/NIGMS)' 'United States' 'GM 62920' 2 
'Department of Energy (DOE, United States)'                                                'United States' W-31-109-Eng-38 3 
'National Institutes of Health/National Cancer Institute (NIH/NCI)'                        'United States' 
'the Intramural Research Program of the Center for Cancer Research' 4 
'Ministry of Education, Culture, Sports, Science and Technology (Japan)'                   Japan           
'a Grant-in-Aid for Scientific Research (Priority Areas)' 5 
'Ministry of Health, Welfare, and Labor'                                                   Japan           
'Grant for Promotion of AIDS Research' 6 
'Ministry of Education, Culture, Sports, Science and Technology (Japan)'                   Japan           
;he Grant to the Cooperative Research Project on Clinical and Epidemiological Studies of Emerging and Reemerging Infectious Diseases (Renkei Jigyo)
;
7 
# 
loop_
_pdbx_entity_nonpoly.entity_id 
_pdbx_entity_nonpoly.name 
_pdbx_entity_nonpoly.comp_id 
2 'CHLORIDE ION' CL  
3 
;(3R,3aS,6aR)-hexahydrofuro[2,3-b]furan-3-yl {(2S,3R)-4-{benzyl[(4-methoxyphenyl)sulfonyl]amino}-3-hydroxy-1-[(3R,5R,7R)-tricyclo[3.3.1.1~3,7~]decan-1-yl]butan-2-yl}carbamate
;
6KQ 
4 water HOH 
# 
_pdbx_initial_refinement_model.id               1 
_pdbx_initial_refinement_model.entity_id_list   ? 
_pdbx_initial_refinement_model.type             'experimental model' 
_pdbx_initial_refinement_model.source_name      PDB 
_pdbx_initial_refinement_model.accession_code   3NU3 
_pdbx_initial_refinement_model.details          ? 
# 
